data_8OXC
#
_entry.id   8OXC
#
_cell.length_a   1.00
_cell.length_b   1.00
_cell.length_c   1.00
_cell.angle_alpha   90.00
_cell.angle_beta   90.00
_cell.angle_gamma   90.00
#
_symmetry.space_group_name_H-M   'P 1'
#
loop_
_entity.id
_entity.type
_entity.pdbx_description
1 polymer 'Phospholipid-transporting ATPase IC'
2 polymer 'Cell cycle control protein 50A'
3 branched beta-D-mannopyranose-(1-4)-2-acetamido-2-deoxy-beta-D-glucopyranose-(1-4)-2-acetamido-2-deoxy-beta-D-glucopyranose
4 non-polymer oxido(dioxo)vanadium
5 non-polymer 'MAGNESIUM ION'
6 non-polymer 1-palmitoyl-2-oleoyl-sn-glycero-3-phosphoinositol
7 non-polymer 2-acetamido-2-deoxy-beta-D-glucopyranose
8 water water
#
loop_
_entity_poly.entity_id
_entity_poly.type
_entity_poly.pdbx_seq_one_letter_code
_entity_poly.pdbx_strand_id
1 'polypeptide(L)'
;MSTERDSETTFDEDSQPNDEVVPYSDDETEDELDDQGSAVEPEQNRVNREAEENREPFRKECTWQVKANDRKYHEQPHFM
NTKFLCIKESKYANNAIKTYKYNAFTFIPMNLFEQFKRAANLYFLALLILQAVPQISTLAWYTTLVPLLVVLGVTAIKDL
VDDVARHKMDKEINNRTCEVIKDGRFKVAKWKEIQVGDVIRLKKNDFVPADILLLSSSEPNSLCYVETAELDGETNLKFK
MSLEITDQYLQREDTLATFDGFIECEEPNNRLDKFTGTLFWRNTSFPLDADKILLRGCVIRNTDFCHGLVIFAGADTKIM
KNSGKTRFKRTKIDYLMNYMVYTIFVVLILLSAGLAIGHAYWEAQVGNSSWYLYDGEDDTPSYRGFLIFWGYIIVLNTMV
PISLYVSVEVIRLGQSHFINWDLQMYYAEKDTPAKARTTTLNEQLGQIHYIFSDKTGTLTQNIMTFKKCCINGQIYGDHR
DASQHNHNKIEQVDFSWNTYADGKLAFYDHYLIEQIQSGKEPEVRQFFFLLAVCHTVMVDRTDGQLNYQAASPDEGALVN
AARNFGFAFLARTQNTITISELGTERTYNVLAILDFNSDRKRMSIIVRTPEGNIKLYCKGADTVIYERLHRMNPTKQETQ
DALDIFANETLRTLCLCYKEIEEKEFTEWNKKFMAASVASTNRDEALDKVYEEIEKDLILLGATAIEDKLQDGVPETISK
LAKADIKIWVLTGDKKETAENIGFACELLTEDTTICYGEDINSLLHARMENQRNRGGVYAKFAPPVQESFFPPGGNRALI
ITGSWLNEILLEKKTKRNKILKLKFPRTEEERRMRTQSKRRLEAKKEQRQKNFVDLACECSAVICCRVTPKQKAMVVDLV
KRYKKAITLAIGDGANDVNMIKTAHIGVGISGQEGMQAVMSSDYSFAQFRYLQRLLLVHGRWSYIRMCKFLRYFFYKNFA
FTLVHFWYSFFNGYSAQTAYEDWFITLYNVLYTSLPVLLMGLLDQDVSDKLSLRFPGLYIVGQRDLLFNYKRFFVSLLHG
VLTSMILFFIPLGAYLQTVGQDGEAPSDYQSFAVTIASALVITVNFQIGLDTSYWTFVNAFSIFGSIALYFGIMFDFHSA
GIHVLFPSAFQFTGTASNALRQPYIWLTIILTVAVCLLPVVAIRFLSMTIWPSESDKIQKHRKRL
;
A
2 'polypeptide(L)'
;MLGGMAMNYNAKDEVDGGPPCAPGGTAKTRRPDNTAFKQQRLPAWQPILTAGTVLPIFFIIGLIFIPIGIGIFVTSNNIR
EIEIDYTGTEPSSPCNKCLSPDVTPCFCTINFTLEKSFEGNVFMYYGLSNFYQNHRRYVKSRDDSQLNGDSSALLNPSKE
CEPYRRNEDKPIAPCGAIANSMFNDTLELFLIGNDSYPIPIALKKKGIAWWTDKNVKFRNPPGGDNLEERFKGTTKPVNW
LKPVYMLDSDPDNNGFINEDFIVWMRTAALPTFRKLYRLIERKSDLHPTLPAGRYSLNVTYNYPVHYFDGRKRMILSTIS
WMGGKNPFLGIAYIAVGSISFLLGVVLLVINHKYRNSSNTADITI
;
B
#
# COMPACT_ATOMS: atom_id res chain seq x y z
N THR A 63 -33.73 31.75 -3.33
CA THR A 63 -33.36 31.94 -4.73
C THR A 63 -32.17 32.89 -4.84
N TRP A 64 -31.28 32.61 -5.78
CA TRP A 64 -30.13 33.46 -6.02
C TRP A 64 -30.58 34.84 -6.49
N GLN A 65 -29.79 35.85 -6.16
CA GLN A 65 -30.09 37.22 -6.56
C GLN A 65 -28.78 37.95 -6.80
N VAL A 66 -28.64 38.51 -8.01
CA VAL A 66 -27.43 39.20 -8.42
C VAL A 66 -27.80 40.60 -8.88
N LYS A 67 -27.10 41.60 -8.36
CA LYS A 67 -27.28 42.99 -8.75
C LYS A 67 -25.97 43.49 -9.35
N ALA A 68 -25.99 43.82 -10.63
CA ALA A 68 -24.78 44.24 -11.32
C ALA A 68 -24.28 45.56 -10.76
N ASN A 69 -22.96 45.71 -10.68
CA ASN A 69 -22.32 46.94 -10.23
C ASN A 69 -22.84 47.35 -8.85
N ASP A 70 -22.98 46.37 -7.95
CA ASP A 70 -23.45 46.62 -6.59
C ASP A 70 -22.75 45.59 -5.69
N ARG A 71 -21.64 46.01 -5.07
CA ARG A 71 -20.89 45.16 -4.16
C ARG A 71 -21.52 45.09 -2.78
N LYS A 72 -22.55 45.89 -2.50
CA LYS A 72 -23.16 45.98 -1.18
C LYS A 72 -24.64 45.59 -1.20
N TYR A 73 -25.11 44.98 -2.29
CA TYR A 73 -26.53 44.69 -2.39
C TYR A 73 -26.98 43.69 -1.32
N HIS A 74 -26.29 42.56 -1.21
CA HIS A 74 -26.69 41.49 -0.29
C HIS A 74 -25.59 41.22 0.74
N GLU A 75 -24.75 42.21 1.01
CA GLU A 75 -23.86 42.13 2.16
C GLU A 75 -24.58 42.37 3.47
N GLN A 76 -25.85 42.77 3.42
CA GLN A 76 -26.67 42.98 4.61
C GLN A 76 -26.72 41.72 5.47
N SER A 90 -22.06 36.43 3.01
CA SER A 90 -22.24 35.16 3.71
C SER A 90 -22.85 34.12 2.78
N LYS A 91 -24.05 34.40 2.30
CA LYS A 91 -24.70 33.46 1.38
C LYS A 91 -23.93 33.37 0.06
N TYR A 92 -23.39 34.49 -0.40
CA TYR A 92 -22.54 34.46 -1.59
C TYR A 92 -21.15 33.94 -1.21
N ALA A 93 -20.31 33.79 -2.22
CA ALA A 93 -18.93 33.37 -2.05
C ALA A 93 -18.02 34.28 -2.86
N ASN A 94 -16.89 34.66 -2.27
CA ASN A 94 -15.87 35.37 -3.02
C ASN A 94 -15.25 34.43 -4.04
N ASN A 95 -14.62 35.01 -5.06
CA ASN A 95 -14.16 34.26 -6.21
C ASN A 95 -12.77 33.65 -5.99
N ALA A 96 -12.37 33.43 -4.74
CA ALA A 96 -11.15 32.71 -4.42
C ALA A 96 -11.48 31.27 -4.07
N ILE A 97 -10.52 30.37 -4.34
CA ILE A 97 -10.72 28.93 -4.18
C ILE A 97 -9.75 28.42 -3.13
N LYS A 98 -10.24 27.54 -2.26
CA LYS A 98 -9.45 26.90 -1.21
C LYS A 98 -9.51 25.39 -1.44
N THR A 99 -8.58 24.89 -2.25
CA THR A 99 -8.50 23.45 -2.49
C THR A 99 -7.64 22.73 -1.46
N TYR A 100 -6.65 23.41 -0.89
CA TYR A 100 -5.79 22.79 0.11
C TYR A 100 -6.60 22.39 1.34
N LYS A 101 -5.97 21.61 2.21
CA LYS A 101 -6.62 21.02 3.36
C LYS A 101 -6.07 21.48 4.71
N TYR A 102 -4.88 22.06 4.75
CA TYR A 102 -4.24 22.44 6.00
C TYR A 102 -3.70 23.86 5.91
N ASN A 103 -3.67 24.53 7.06
CA ASN A 103 -3.06 25.84 7.21
C ASN A 103 -1.69 25.67 7.86
N ALA A 104 -1.05 26.79 8.21
CA ALA A 104 0.22 26.74 8.90
C ALA A 104 0.08 26.27 10.35
N PHE A 105 -1.13 26.26 10.90
CA PHE A 105 -1.37 25.90 12.29
C PHE A 105 -2.09 24.56 12.44
N THR A 106 -3.19 24.36 11.72
CA THR A 106 -3.99 23.14 11.85
C THR A 106 -3.37 21.95 11.13
N PHE A 107 -2.13 22.05 10.66
CA PHE A 107 -1.47 20.90 10.05
C PHE A 107 -1.08 19.87 11.09
N ILE A 108 -0.49 20.31 12.21
CA ILE A 108 -0.04 19.36 13.23
C ILE A 108 -1.17 18.49 13.73
N PRO A 109 -2.40 19.00 13.92
CA PRO A 109 -3.52 18.11 14.25
C PRO A 109 -3.78 17.00 13.24
N MET A 110 -3.00 16.94 12.16
CA MET A 110 -2.96 15.73 11.34
C MET A 110 -2.77 14.48 12.18
N ASN A 111 -2.12 14.62 13.34
CA ASN A 111 -2.00 13.50 14.28
C ASN A 111 -3.37 12.92 14.60
N LEU A 112 -4.41 13.76 14.62
CA LEU A 112 -5.76 13.25 14.83
C LEU A 112 -6.11 12.20 13.78
N PHE A 113 -5.79 12.47 12.51
CA PHE A 113 -6.12 11.51 11.46
C PHE A 113 -5.23 10.29 11.54
N GLU A 114 -3.91 10.50 11.73
CA GLU A 114 -2.98 9.39 11.78
C GLU A 114 -3.26 8.50 13.00
N GLN A 115 -3.44 9.11 14.16
CA GLN A 115 -3.58 8.34 15.39
C GLN A 115 -4.87 7.52 15.38
N PHE A 116 -6.00 8.17 15.09
CA PHE A 116 -7.29 7.53 15.30
C PHE A 116 -7.60 6.49 14.23
N LYS A 117 -7.33 6.81 12.95
CA LYS A 117 -7.69 5.89 11.88
C LYS A 117 -6.94 4.57 12.01
N ARG A 118 -5.65 4.63 12.30
CA ARG A 118 -4.84 3.43 12.52
C ARG A 118 -4.70 3.22 14.01
N ALA A 119 -5.39 2.21 14.54
CA ALA A 119 -5.33 1.93 15.97
C ALA A 119 -3.94 1.51 16.41
N ALA A 120 -3.10 1.05 15.49
CA ALA A 120 -1.74 0.67 15.87
C ALA A 120 -0.99 1.88 16.43
N ASN A 121 -1.15 3.05 15.82
CA ASN A 121 -0.48 4.24 16.32
C ASN A 121 -0.97 4.58 17.72
N LEU A 122 -2.28 4.43 17.97
CA LEU A 122 -2.81 4.64 19.31
C LEU A 122 -2.21 3.63 20.29
N TYR A 123 -2.10 2.37 19.88
CA TYR A 123 -1.50 1.36 20.75
C TYR A 123 -0.03 1.67 21.01
N PHE A 124 0.71 2.08 19.97
CA PHE A 124 2.09 2.49 20.17
C PHE A 124 2.18 3.75 21.02
N LEU A 125 1.15 4.59 20.97
CA LEU A 125 1.09 5.73 21.89
C LEU A 125 0.85 5.27 23.32
N ALA A 126 -0.04 4.29 23.50
CA ALA A 126 -0.26 3.74 24.83
C ALA A 126 1.01 3.11 25.39
N LEU A 127 1.74 2.38 24.55
CA LEU A 127 2.99 1.77 25.00
C LEU A 127 3.99 2.83 25.43
N LEU A 128 4.11 3.92 24.66
CA LEU A 128 5.03 4.98 25.01
C LEU A 128 4.69 5.57 26.37
N ILE A 129 3.40 5.84 26.62
CA ILE A 129 2.98 6.30 27.93
C ILE A 129 3.18 5.19 28.96
N LEU A 130 2.84 3.95 28.60
CA LEU A 130 2.90 2.86 29.55
C LEU A 130 4.34 2.56 29.98
N GLN A 131 5.31 2.84 29.11
CA GLN A 131 6.72 2.66 29.45
C GLN A 131 7.32 3.89 30.11
N ALA A 132 6.58 5.01 30.16
CA ALA A 132 7.14 6.22 30.76
C ALA A 132 7.22 6.10 32.28
N VAL A 133 6.17 5.59 32.91
CA VAL A 133 6.12 5.51 34.37
C VAL A 133 7.10 4.44 34.84
N PRO A 134 8.07 4.76 35.72
CA PRO A 134 8.96 3.71 36.22
C PRO A 134 8.26 2.65 37.07
N GLN A 135 7.07 2.95 37.59
CA GLN A 135 6.39 1.99 38.47
C GLN A 135 6.12 0.68 37.75
N ILE A 136 5.66 0.75 36.50
CA ILE A 136 5.37 -0.43 35.69
C ILE A 136 6.16 -0.27 34.40
N SER A 137 7.38 -0.81 34.39
CA SER A 137 8.27 -0.67 33.24
C SER A 137 9.20 -1.87 33.19
N THR A 138 9.41 -2.39 31.98
CA THR A 138 10.34 -3.49 31.76
C THR A 138 11.25 -3.26 30.57
N LEU A 139 11.01 -2.24 29.75
CA LEU A 139 11.82 -2.00 28.56
C LEU A 139 11.95 -0.49 28.37
N ALA A 140 13.05 -0.09 27.72
CA ALA A 140 13.34 1.32 27.53
C ALA A 140 12.33 1.96 26.59
N TRP A 141 11.88 3.16 26.95
CA TRP A 141 10.93 3.90 26.12
C TRP A 141 11.59 4.68 25.00
N TYR A 142 12.92 4.84 25.03
CA TYR A 142 13.61 5.48 23.92
C TYR A 142 13.46 4.68 22.63
N THR A 143 13.26 3.38 22.74
CA THR A 143 13.24 2.52 21.57
C THR A 143 11.89 2.49 20.87
N THR A 144 10.83 3.02 21.50
CA THR A 144 9.52 3.13 20.88
C THR A 144 9.12 4.56 20.54
N LEU A 145 9.80 5.55 21.11
CA LEU A 145 9.58 6.93 20.68
C LEU A 145 10.24 7.19 19.32
N VAL A 146 11.46 6.69 19.13
CA VAL A 146 12.17 6.95 17.87
C VAL A 146 11.45 6.34 16.68
N PRO A 147 11.00 5.09 16.71
CA PRO A 147 10.28 4.56 15.53
C PRO A 147 8.90 5.17 15.36
N LEU A 148 8.21 5.48 16.47
CA LEU A 148 6.91 6.14 16.36
C LEU A 148 7.05 7.50 15.70
N LEU A 149 8.10 8.23 16.03
CA LEU A 149 8.37 9.50 15.34
C LEU A 149 8.65 9.26 13.87
N VAL A 150 9.37 8.18 13.55
CA VAL A 150 9.63 7.86 12.14
C VAL A 150 8.34 7.45 11.45
N VAL A 151 7.52 6.62 12.10
CA VAL A 151 6.27 6.17 11.50
C VAL A 151 5.35 7.35 11.27
N LEU A 152 5.14 8.19 12.30
CA LEU A 152 4.28 9.35 12.15
C LEU A 152 4.93 10.42 11.28
N GLY A 153 6.24 10.60 11.42
CA GLY A 153 6.89 11.70 10.74
C GLY A 153 6.84 11.57 9.22
N VAL A 154 7.15 10.39 8.71
CA VAL A 154 7.22 10.21 7.25
C VAL A 154 5.84 10.41 6.63
N THR A 155 4.80 9.81 7.23
CA THR A 155 3.46 10.00 6.71
C THR A 155 3.03 11.45 6.79
N ALA A 156 3.36 12.14 7.89
CA ALA A 156 3.07 13.56 7.99
C ALA A 156 3.86 14.35 6.94
N ILE A 157 5.12 13.99 6.72
CA ILE A 157 5.94 14.69 5.73
C ILE A 157 5.37 14.49 4.34
N LYS A 158 4.86 13.30 4.05
CA LYS A 158 4.27 13.04 2.74
C LYS A 158 3.07 13.93 2.48
N ASP A 159 2.20 14.09 3.49
CA ASP A 159 1.01 14.91 3.31
C ASP A 159 1.31 16.40 3.34
N LEU A 160 2.46 16.80 3.88
CA LEU A 160 2.84 18.21 3.84
C LEU A 160 3.29 18.61 2.44
N VAL A 161 4.04 17.74 1.76
CA VAL A 161 4.44 18.01 0.39
C VAL A 161 3.23 17.98 -0.53
N ASP A 162 2.29 17.07 -0.27
CA ASP A 162 1.06 17.04 -1.07
C ASP A 162 0.25 18.30 -0.87
N ASP A 163 0.13 18.78 0.37
CA ASP A 163 -0.70 19.95 0.65
C ASP A 163 -0.03 21.23 0.17
N VAL A 164 1.28 21.36 0.38
CA VAL A 164 1.97 22.57 -0.06
C VAL A 164 1.89 22.71 -1.56
N ALA A 165 1.85 21.59 -2.29
CA ALA A 165 1.63 21.66 -3.73
C ALA A 165 0.26 22.24 -4.06
N ARG A 166 -0.76 21.85 -3.29
CA ARG A 166 -2.09 22.41 -3.50
C ARG A 166 -2.14 23.89 -3.16
N HIS A 167 -1.23 24.36 -2.31
CA HIS A 167 -1.15 25.80 -2.04
C HIS A 167 -0.65 26.55 -3.26
N LYS A 168 0.27 25.95 -4.03
CA LYS A 168 0.80 26.64 -5.20
C LYS A 168 -0.23 26.70 -6.32
N MET A 169 -0.98 25.61 -6.53
CA MET A 169 -1.99 25.62 -7.58
C MET A 169 -3.13 26.57 -7.24
N ASP A 170 -3.54 26.61 -5.97
CA ASP A 170 -4.57 27.56 -5.55
C ASP A 170 -4.08 29.00 -5.74
N LYS A 171 -2.83 29.28 -5.38
CA LYS A 171 -2.29 30.61 -5.53
C LYS A 171 -2.18 31.00 -7.00
N GLU A 172 -1.79 30.06 -7.86
CA GLU A 172 -1.68 30.36 -9.28
C GLU A 172 -3.05 30.70 -9.87
N ILE A 173 -4.07 29.93 -9.53
CA ILE A 173 -5.42 30.21 -10.03
C ILE A 173 -5.93 31.51 -9.44
N ASN A 174 -5.75 31.71 -8.14
CA ASN A 174 -6.30 32.90 -7.48
C ASN A 174 -5.64 34.18 -7.98
N ASN A 175 -4.36 34.12 -8.36
CA ASN A 175 -3.65 35.29 -8.85
C ASN A 175 -3.88 35.53 -10.34
N ARG A 176 -4.74 34.75 -10.99
CA ARG A 176 -5.03 34.97 -12.39
C ARG A 176 -5.66 36.33 -12.60
N THR A 177 -5.35 36.95 -13.74
CA THR A 177 -5.71 38.33 -14.02
C THR A 177 -7.04 38.40 -14.77
N CYS A 178 -7.84 39.40 -14.42
CA CYS A 178 -9.08 39.68 -15.12
C CYS A 178 -9.37 41.18 -15.02
N GLU A 179 -10.15 41.67 -15.97
CA GLU A 179 -10.57 43.07 -15.99
C GLU A 179 -11.95 43.20 -15.39
N VAL A 180 -12.12 44.19 -14.52
CA VAL A 180 -13.34 44.36 -13.74
C VAL A 180 -13.84 45.79 -13.90
N ILE A 181 -15.16 45.94 -13.80
CA ILE A 181 -15.78 47.27 -13.80
C ILE A 181 -15.55 47.90 -12.44
N LYS A 182 -14.55 48.77 -12.35
CA LYS A 182 -14.40 49.66 -11.21
C LYS A 182 -15.34 50.84 -11.42
N ASP A 183 -15.17 51.92 -10.67
CA ASP A 183 -16.08 53.05 -10.79
C ASP A 183 -15.88 53.69 -12.16
N GLY A 184 -16.73 53.30 -13.11
CA GLY A 184 -16.78 53.94 -14.42
C GLY A 184 -15.83 53.40 -15.46
N ARG A 185 -14.96 52.45 -15.13
CA ARG A 185 -13.94 52.00 -16.07
C ARG A 185 -13.62 50.54 -15.83
N PHE A 186 -12.86 49.97 -16.78
CA PHE A 186 -12.36 48.61 -16.70
C PHE A 186 -10.91 48.66 -16.21
N LYS A 187 -10.64 47.97 -15.11
CA LYS A 187 -9.30 47.93 -14.52
C LYS A 187 -8.87 46.51 -14.26
N VAL A 188 -7.55 46.29 -14.29
CA VAL A 188 -6.99 44.97 -14.05
C VAL A 188 -7.30 44.53 -12.63
N ALA A 189 -7.62 43.25 -12.47
CA ALA A 189 -7.92 42.68 -11.17
C ALA A 189 -7.56 41.20 -11.18
N LYS A 190 -7.46 40.64 -9.98
CA LYS A 190 -7.15 39.22 -9.82
C LYS A 190 -8.45 38.43 -9.65
N TRP A 191 -8.33 37.11 -9.80
CA TRP A 191 -9.50 36.25 -9.72
C TRP A 191 -10.13 36.23 -8.33
N LYS A 192 -9.38 36.64 -7.29
CA LYS A 192 -9.97 36.68 -5.95
C LYS A 192 -10.92 37.86 -5.81
N GLU A 193 -10.61 38.98 -6.45
CA GLU A 193 -11.37 40.21 -6.27
C GLU A 193 -12.72 40.18 -6.95
N ILE A 194 -13.00 39.16 -7.75
CA ILE A 194 -14.28 39.07 -8.45
C ILE A 194 -15.36 38.64 -7.47
N GLN A 195 -16.57 39.18 -7.64
CA GLN A 195 -17.67 38.87 -6.74
C GLN A 195 -18.98 38.86 -7.53
N VAL A 196 -19.98 38.21 -6.95
CA VAL A 196 -21.29 38.13 -7.58
C VAL A 196 -21.80 39.53 -7.86
N GLY A 197 -22.31 39.76 -9.07
CA GLY A 197 -22.75 41.08 -9.46
C GLY A 197 -21.66 41.96 -10.01
N ASP A 198 -20.54 41.39 -10.43
CA ASP A 198 -19.39 42.14 -10.91
C ASP A 198 -19.28 41.96 -12.42
N VAL A 199 -19.15 43.07 -13.14
CA VAL A 199 -19.05 43.04 -14.60
C VAL A 199 -17.58 42.96 -14.99
N ILE A 200 -17.26 42.02 -15.87
CA ILE A 200 -15.89 41.73 -16.26
C ILE A 200 -15.78 41.75 -17.78
N ARG A 201 -14.55 41.92 -18.26
CA ARG A 201 -14.23 41.88 -19.68
C ARG A 201 -13.15 40.83 -19.90
N LEU A 202 -13.42 39.88 -20.78
CA LEU A 202 -12.49 38.80 -21.09
C LEU A 202 -12.08 38.90 -22.55
N LYS A 203 -10.80 38.63 -22.81
CA LYS A 203 -10.23 38.71 -24.14
C LYS A 203 -10.14 37.31 -24.75
N LYS A 204 -9.50 37.22 -25.91
CA LYS A 204 -9.34 35.93 -26.58
C LYS A 204 -8.35 35.07 -25.82
N ASN A 205 -8.64 33.77 -25.75
CA ASN A 205 -7.80 32.79 -25.08
C ASN A 205 -7.66 33.07 -23.58
N ASP A 206 -8.64 33.73 -22.98
CA ASP A 206 -8.63 34.06 -21.56
C ASP A 206 -9.56 33.12 -20.81
N PHE A 207 -9.08 32.59 -19.69
CA PHE A 207 -9.92 31.71 -18.86
C PHE A 207 -11.10 32.50 -18.30
N VAL A 208 -12.26 31.86 -18.30
CA VAL A 208 -13.46 32.45 -17.70
C VAL A 208 -13.28 32.42 -16.18
N PRO A 209 -13.34 33.56 -15.49
CA PRO A 209 -13.03 33.56 -14.06
C PRO A 209 -14.18 33.17 -13.15
N ALA A 210 -15.38 32.97 -13.70
CA ALA A 210 -16.55 32.69 -12.88
C ALA A 210 -17.72 32.40 -13.81
N ASP A 211 -18.79 31.87 -13.24
CA ASP A 211 -20.01 31.63 -14.01
C ASP A 211 -20.65 32.98 -14.31
N ILE A 212 -20.40 33.49 -15.50
CA ILE A 212 -20.83 34.83 -15.89
C ILE A 212 -21.96 34.71 -16.91
N LEU A 213 -22.72 35.80 -17.03
CA LEU A 213 -23.74 35.93 -18.06
C LEU A 213 -23.18 36.76 -19.20
N LEU A 214 -23.12 36.18 -20.39
CA LEU A 214 -22.60 36.90 -21.54
C LEU A 214 -23.47 38.12 -21.83
N LEU A 215 -22.85 39.30 -21.82
CA LEU A 215 -23.56 40.55 -22.05
C LEU A 215 -23.28 41.13 -23.43
N SER A 216 -22.05 41.03 -23.91
CA SER A 216 -21.69 41.58 -25.22
C SER A 216 -20.43 40.88 -25.70
N SER A 217 -20.11 41.10 -26.97
CA SER A 217 -18.94 40.49 -27.58
C SER A 217 -18.44 41.41 -28.70
N SER A 218 -17.23 41.11 -29.17
CA SER A 218 -16.58 41.91 -30.20
C SER A 218 -17.03 41.56 -31.62
N GLU A 219 -17.90 40.58 -31.78
CA GLU A 219 -18.34 40.12 -33.09
C GLU A 219 -19.86 40.16 -33.14
N PRO A 220 -20.43 40.10 -34.35
CA PRO A 220 -21.86 40.40 -34.50
C PRO A 220 -22.76 39.52 -33.64
N ASN A 221 -23.87 40.11 -33.21
CA ASN A 221 -24.91 39.45 -32.42
C ASN A 221 -24.43 39.05 -31.02
N SER A 222 -23.34 39.65 -30.54
CA SER A 222 -22.81 39.32 -29.22
C SER A 222 -22.52 37.82 -29.12
N LEU A 223 -21.85 37.31 -30.14
CA LEU A 223 -21.58 35.88 -30.27
C LEU A 223 -20.25 35.56 -29.60
N CYS A 224 -20.19 34.38 -28.97
CA CYS A 224 -18.96 33.93 -28.32
C CYS A 224 -18.76 32.44 -28.55
N TYR A 225 -17.53 32.07 -28.86
CA TYR A 225 -17.10 30.68 -28.94
C TYR A 225 -16.17 30.38 -27.77
N VAL A 226 -16.46 29.30 -27.04
CA VAL A 226 -15.76 29.00 -25.81
C VAL A 226 -15.38 27.52 -25.82
N GLU A 227 -14.21 27.21 -25.26
CA GLU A 227 -13.71 25.84 -25.19
C GLU A 227 -13.87 25.34 -23.76
N THR A 228 -14.77 24.38 -23.57
CA THR A 228 -15.10 23.83 -22.26
C THR A 228 -14.25 22.59 -21.96
N ALA A 229 -12.93 22.76 -22.05
CA ALA A 229 -12.03 21.62 -21.93
C ALA A 229 -11.90 21.08 -20.51
N GLU A 230 -12.38 21.82 -19.51
CA GLU A 230 -12.39 21.32 -18.13
C GLU A 230 -13.76 20.81 -17.70
N LEU A 231 -14.83 21.30 -18.32
CA LEU A 231 -16.15 20.75 -18.04
C LEU A 231 -16.29 19.36 -18.67
N ASP A 232 -15.85 19.22 -19.91
CA ASP A 232 -15.64 17.92 -20.55
C ASP A 232 -14.28 17.97 -21.22
N GLY A 233 -13.76 16.80 -21.58
CA GLY A 233 -12.42 16.71 -22.12
C GLY A 233 -12.29 17.09 -23.58
N GLU A 234 -13.33 17.69 -24.17
CA GLU A 234 -13.31 18.02 -25.58
C GLU A 234 -12.68 19.38 -25.81
N THR A 235 -11.86 19.47 -26.86
CA THR A 235 -11.16 20.70 -27.22
C THR A 235 -11.91 21.51 -28.27
N ASN A 236 -13.05 21.03 -28.76
CA ASN A 236 -13.80 21.76 -29.76
C ASN A 236 -14.46 22.99 -29.15
N LEU A 237 -14.90 23.89 -30.02
CA LEU A 237 -15.51 25.13 -29.58
C LEU A 237 -17.00 24.95 -29.34
N LYS A 238 -17.53 25.70 -28.38
CA LYS A 238 -18.94 25.68 -28.03
C LYS A 238 -19.55 27.04 -28.34
N PHE A 239 -20.70 27.03 -29.01
CA PHE A 239 -21.37 28.26 -29.39
C PHE A 239 -22.09 28.85 -28.19
N LYS A 240 -21.97 30.18 -28.03
CA LYS A 240 -22.65 30.87 -26.95
C LYS A 240 -23.12 32.23 -27.45
N MET A 241 -24.40 32.52 -27.18
CA MET A 241 -25.05 33.76 -27.60
C MET A 241 -25.55 34.49 -26.36
N SER A 242 -25.59 35.82 -26.45
CA SER A 242 -26.12 36.64 -25.36
C SER A 242 -27.56 37.02 -25.65
N LEU A 243 -28.19 37.66 -24.67
CA LEU A 243 -29.54 38.16 -24.86
C LEU A 243 -29.57 39.20 -25.97
N GLU A 244 -30.67 39.21 -26.73
CA GLU A 244 -30.80 40.17 -27.82
C GLU A 244 -30.82 41.61 -27.28
N ILE A 245 -31.51 41.84 -26.16
CA ILE A 245 -31.62 43.19 -25.62
C ILE A 245 -30.26 43.72 -25.21
N THR A 246 -29.46 42.90 -24.54
CA THR A 246 -28.17 43.37 -24.05
C THR A 246 -27.13 43.49 -25.15
N ASP A 247 -27.36 42.86 -26.31
CA ASP A 247 -26.36 42.87 -27.37
C ASP A 247 -26.14 44.28 -27.91
N GLN A 248 -27.23 45.03 -28.13
CA GLN A 248 -27.15 46.30 -28.82
C GLN A 248 -26.89 47.49 -27.90
N TYR A 249 -26.96 47.30 -26.58
CA TYR A 249 -26.81 48.39 -25.62
C TYR A 249 -25.51 48.37 -24.85
N LEU A 250 -25.03 47.18 -24.45
CA LEU A 250 -23.85 47.05 -23.62
C LEU A 250 -22.58 46.80 -24.44
N GLN A 251 -22.59 47.17 -25.72
CA GLN A 251 -21.37 47.03 -26.53
C GLN A 251 -20.26 47.90 -25.97
N ARG A 252 -20.58 49.13 -25.59
CA ARG A 252 -19.57 50.09 -25.15
C ARG A 252 -19.27 49.94 -23.67
N GLU A 253 -18.03 50.29 -23.30
CA GLU A 253 -17.64 50.25 -21.90
C GLU A 253 -18.47 51.20 -21.06
N ASP A 254 -18.89 52.33 -21.62
CA ASP A 254 -19.63 53.33 -20.86
C ASP A 254 -20.95 52.76 -20.34
N THR A 255 -21.69 52.05 -21.19
CA THR A 255 -22.97 51.52 -20.77
C THR A 255 -22.81 50.35 -19.82
N LEU A 256 -21.73 49.58 -19.96
CA LEU A 256 -21.50 48.46 -19.06
C LEU A 256 -21.28 48.94 -17.63
N ALA A 257 -20.53 50.04 -17.46
CA ALA A 257 -20.24 50.54 -16.13
C ALA A 257 -21.52 50.96 -15.41
N THR A 258 -22.41 51.67 -16.11
CA THR A 258 -23.67 52.11 -15.53
C THR A 258 -24.75 51.04 -15.60
N PHE A 259 -24.47 49.90 -16.20
CA PHE A 259 -25.46 48.83 -16.30
C PHE A 259 -25.88 48.35 -14.92
N ASP A 260 -27.20 48.26 -14.69
CA ASP A 260 -27.77 47.81 -13.41
C ASP A 260 -28.85 46.74 -13.63
N GLY A 261 -28.40 45.52 -13.90
CA GLY A 261 -29.28 44.40 -14.17
C GLY A 261 -29.41 43.51 -12.94
N PHE A 262 -30.66 43.20 -12.60
CA PHE A 262 -30.98 42.33 -11.48
C PHE A 262 -31.39 40.95 -12.00
N ILE A 263 -30.72 39.92 -11.51
CA ILE A 263 -30.95 38.54 -11.93
C ILE A 263 -31.43 37.74 -10.73
N GLU A 264 -32.51 36.99 -10.92
CA GLU A 264 -33.06 36.09 -9.90
C GLU A 264 -33.00 34.69 -10.51
N CYS A 265 -31.86 34.02 -10.34
CA CYS A 265 -31.56 32.77 -11.03
C CYS A 265 -31.55 31.61 -10.04
N GLU A 266 -31.17 30.44 -10.54
CA GLU A 266 -31.16 29.23 -9.73
C GLU A 266 -30.10 29.31 -8.64
N GLU A 267 -30.29 28.49 -7.60
CA GLU A 267 -29.27 28.35 -6.59
C GLU A 267 -28.08 27.58 -7.16
N PRO A 268 -26.86 27.82 -6.65
CA PRO A 268 -25.69 27.15 -7.22
C PRO A 268 -25.84 25.63 -7.17
N ASN A 269 -25.38 24.98 -8.23
CA ASN A 269 -25.47 23.53 -8.35
C ASN A 269 -24.35 23.05 -9.26
N ASN A 270 -24.28 21.73 -9.44
CA ASN A 270 -23.25 21.11 -10.26
C ASN A 270 -23.70 20.87 -11.69
N ARG A 271 -24.92 21.23 -12.05
CA ARG A 271 -25.40 21.04 -13.41
C ARG A 271 -24.68 22.00 -14.35
N LEU A 272 -24.10 21.45 -15.42
CA LEU A 272 -23.36 22.25 -16.39
C LEU A 272 -24.16 22.52 -17.67
N ASP A 273 -25.18 21.72 -17.95
CA ASP A 273 -25.94 21.85 -19.18
C ASP A 273 -27.23 22.64 -19.03
N LYS A 274 -27.72 22.82 -17.81
CA LYS A 274 -29.00 23.47 -17.54
C LYS A 274 -28.80 24.71 -16.68
N PHE A 275 -29.51 25.77 -17.01
CA PHE A 275 -29.49 27.00 -16.22
C PHE A 275 -30.87 27.64 -16.29
N THR A 276 -31.49 27.85 -15.13
CA THR A 276 -32.79 28.46 -15.01
C THR A 276 -32.66 29.80 -14.32
N GLY A 277 -33.14 30.86 -14.96
CA GLY A 277 -33.06 32.19 -14.38
C GLY A 277 -33.63 33.21 -15.33
N THR A 278 -33.61 34.46 -14.88
CA THR A 278 -34.14 35.57 -15.66
C THR A 278 -33.36 36.83 -15.31
N LEU A 279 -33.31 37.76 -16.27
CA LEU A 279 -32.65 39.04 -16.10
C LEU A 279 -33.73 40.13 -16.07
N PHE A 280 -33.73 40.92 -15.01
CA PHE A 280 -34.64 42.04 -14.86
C PHE A 280 -33.89 43.32 -15.21
N TRP A 281 -34.36 44.02 -16.25
CA TRP A 281 -33.67 45.19 -16.76
C TRP A 281 -34.61 45.95 -17.68
N ARG A 282 -34.57 47.28 -17.60
CA ARG A 282 -35.41 48.15 -18.43
C ARG A 282 -36.89 47.81 -18.25
N ASN A 283 -37.27 47.52 -17.00
CA ASN A 283 -38.67 47.24 -16.66
C ASN A 283 -39.22 46.06 -17.45
N THR A 284 -38.36 45.10 -17.79
CA THR A 284 -38.78 43.92 -18.51
C THR A 284 -37.91 42.74 -18.09
N SER A 285 -38.53 41.56 -18.05
CA SER A 285 -37.86 40.33 -17.63
C SER A 285 -37.51 39.50 -18.85
N PHE A 286 -36.27 39.04 -18.91
CA PHE A 286 -35.77 38.24 -20.03
C PHE A 286 -35.33 36.87 -19.53
N PRO A 287 -35.91 35.77 -20.00
CA PRO A 287 -35.45 34.45 -19.55
C PRO A 287 -34.03 34.16 -20.01
N LEU A 288 -33.36 33.30 -19.24
CA LEU A 288 -31.96 32.97 -19.48
C LEU A 288 -31.80 31.47 -19.66
N ASP A 289 -30.78 31.08 -20.41
CA ASP A 289 -30.48 29.69 -20.70
C ASP A 289 -28.99 29.46 -20.52
N ALA A 290 -28.60 28.18 -20.54
CA ALA A 290 -27.20 27.84 -20.40
C ALA A 290 -26.35 28.33 -21.56
N ASP A 291 -26.98 28.71 -22.68
CA ASP A 291 -26.22 29.21 -23.83
C ASP A 291 -25.67 30.61 -23.58
N LYS A 292 -26.30 31.39 -22.71
CA LYS A 292 -25.84 32.73 -22.38
C LYS A 292 -24.87 32.76 -21.21
N ILE A 293 -24.63 31.62 -20.56
CA ILE A 293 -23.82 31.56 -19.34
C ILE A 293 -22.50 30.91 -19.67
N LEU A 294 -21.41 31.63 -19.41
CA LEU A 294 -20.05 31.09 -19.54
C LEU A 294 -19.60 30.62 -18.17
N LEU A 295 -19.14 29.38 -18.08
CA LEU A 295 -18.75 28.79 -16.81
C LEU A 295 -17.25 28.95 -16.57
N ARG A 296 -16.85 28.71 -15.32
CA ARG A 296 -15.51 29.08 -14.87
C ARG A 296 -14.43 28.29 -15.58
N GLY A 297 -14.63 26.99 -15.80
CA GLY A 297 -13.59 26.15 -16.35
C GLY A 297 -13.47 26.21 -17.86
N CYS A 298 -13.85 27.33 -18.46
CA CYS A 298 -13.89 27.48 -19.91
C CYS A 298 -12.87 28.51 -20.36
N VAL A 299 -12.67 28.59 -21.69
CA VAL A 299 -11.71 29.50 -22.29
C VAL A 299 -12.37 30.15 -23.51
N ILE A 300 -12.21 31.46 -23.64
CA ILE A 300 -12.77 32.20 -24.76
C ILE A 300 -11.87 32.04 -25.98
N ARG A 301 -12.49 31.82 -27.15
CA ARG A 301 -11.73 31.60 -28.37
C ARG A 301 -12.52 32.16 -29.55
N ASN A 302 -11.79 32.53 -30.60
CA ASN A 302 -12.38 33.10 -31.82
C ASN A 302 -13.32 34.26 -31.51
N THR A 303 -12.85 35.18 -30.66
CA THR A 303 -13.54 36.44 -30.42
C THR A 303 -12.62 37.37 -29.66
N ASP A 304 -12.48 38.62 -30.14
CA ASP A 304 -11.48 39.52 -29.58
C ASP A 304 -11.73 39.77 -28.10
N PHE A 305 -12.97 40.00 -27.72
CA PHE A 305 -13.29 40.22 -26.32
C PHE A 305 -14.78 39.96 -26.09
N CYS A 306 -15.12 39.74 -24.82
CA CYS A 306 -16.50 39.56 -24.42
C CYS A 306 -16.68 40.14 -23.01
N HIS A 307 -17.92 40.41 -22.66
CA HIS A 307 -18.26 41.01 -21.37
C HIS A 307 -19.37 40.21 -20.70
N GLY A 308 -19.28 40.10 -19.38
CA GLY A 308 -20.30 39.42 -18.62
C GLY A 308 -20.25 39.78 -17.15
N LEU A 309 -21.35 39.52 -16.46
CA LEU A 309 -21.48 39.81 -15.03
C LEU A 309 -21.44 38.50 -14.26
N VAL A 310 -20.65 38.48 -13.19
CA VAL A 310 -20.48 37.26 -12.41
C VAL A 310 -21.78 36.92 -11.71
N ILE A 311 -22.18 35.65 -11.79
CA ILE A 311 -23.35 35.13 -11.10
C ILE A 311 -22.95 34.22 -9.94
N PHE A 312 -22.11 33.23 -10.21
CA PHE A 312 -21.54 32.36 -9.19
C PHE A 312 -20.03 32.57 -9.16
N ALA A 313 -19.47 32.68 -7.97
CA ALA A 313 -18.07 33.06 -7.81
C ALA A 313 -17.36 32.09 -6.87
N GLY A 314 -16.19 31.61 -7.28
CA GLY A 314 -15.26 30.95 -6.40
C GLY A 314 -15.58 29.52 -6.07
N ALA A 315 -16.59 29.30 -5.22
CA ALA A 315 -17.02 27.98 -4.84
C ALA A 315 -18.46 27.68 -5.22
N ASP A 316 -19.25 28.69 -5.56
CA ASP A 316 -20.57 28.49 -6.12
C ASP A 316 -20.53 28.14 -7.60
N THR A 317 -19.38 28.33 -8.25
CA THR A 317 -19.27 28.03 -9.67
C THR A 317 -19.51 26.55 -9.91
N LYS A 318 -20.13 26.24 -11.04
CA LYS A 318 -20.46 24.86 -11.36
C LYS A 318 -19.23 23.98 -11.54
N ILE A 319 -18.08 24.56 -11.87
CA ILE A 319 -16.87 23.77 -11.98
C ILE A 319 -16.43 23.27 -10.61
N MET A 320 -16.60 24.10 -9.58
CA MET A 320 -16.16 23.72 -8.23
C MET A 320 -17.21 22.90 -7.51
N LYS A 321 -18.50 23.11 -7.81
CA LYS A 321 -19.50 22.15 -7.34
C LYS A 321 -19.35 20.82 -8.04
N ASN A 322 -18.68 20.77 -9.19
CA ASN A 322 -18.30 19.53 -9.84
C ASN A 322 -16.89 19.11 -9.43
N SER A 323 -16.66 19.03 -8.12
CA SER A 323 -15.36 18.64 -7.59
C SER A 323 -15.58 17.97 -6.25
N GLY A 324 -14.57 17.18 -5.85
CA GLY A 324 -14.65 16.41 -4.62
C GLY A 324 -13.48 16.71 -3.71
N LYS A 325 -13.64 16.31 -2.45
CA LYS A 325 -12.60 16.50 -1.47
C LYS A 325 -11.46 15.52 -1.69
N THR A 326 -10.24 15.98 -1.41
CA THR A 326 -9.05 15.13 -1.47
C THR A 326 -9.06 14.26 -0.22
N ARG A 327 -9.67 13.09 -0.31
CA ARG A 327 -9.70 12.16 0.80
C ARG A 327 -8.35 11.46 0.93
N PHE A 328 -8.14 10.84 2.08
CA PHE A 328 -6.93 10.06 2.31
C PHE A 328 -7.18 8.64 1.82
N LYS A 329 -6.30 8.15 0.97
CA LYS A 329 -6.43 6.84 0.37
C LYS A 329 -5.52 5.84 1.06
N ARG A 330 -6.10 4.74 1.54
CA ARG A 330 -5.35 3.67 2.17
C ARG A 330 -5.84 2.33 1.64
N THR A 331 -4.91 1.38 1.53
CA THR A 331 -5.12 0.15 0.79
C THR A 331 -6.08 -0.77 1.55
N LYS A 332 -6.64 -1.76 0.84
CA LYS A 332 -7.50 -2.74 1.50
C LYS A 332 -6.71 -3.56 2.52
N ILE A 333 -5.47 -3.94 2.18
CA ILE A 333 -4.60 -4.62 3.14
C ILE A 333 -4.42 -3.77 4.38
N ASP A 334 -4.41 -2.45 4.23
CA ASP A 334 -4.31 -1.58 5.41
C ASP A 334 -5.53 -1.74 6.31
N TYR A 335 -6.72 -1.85 5.72
CA TYR A 335 -7.91 -2.11 6.54
C TYR A 335 -7.88 -3.51 7.12
N LEU A 336 -7.28 -4.47 6.40
CA LEU A 336 -7.20 -5.83 6.92
C LEU A 336 -6.25 -5.92 8.11
N MET A 337 -5.11 -5.24 8.05
CA MET A 337 -4.22 -5.22 9.21
C MET A 337 -4.91 -4.57 10.40
N ASN A 338 -5.74 -3.56 10.17
CA ASN A 338 -6.44 -2.91 11.26
C ASN A 338 -7.32 -3.90 12.02
N TYR A 339 -8.15 -4.65 11.30
CA TYR A 339 -9.07 -5.56 11.95
C TYR A 339 -8.34 -6.74 12.58
N MET A 340 -7.24 -7.17 11.97
CA MET A 340 -6.47 -8.28 12.52
C MET A 340 -5.43 -7.84 13.54
N VAL A 341 -5.20 -6.53 13.68
CA VAL A 341 -4.43 -6.02 14.81
C VAL A 341 -5.33 -5.81 16.01
N TYR A 342 -6.64 -5.64 15.81
CA TYR A 342 -7.57 -5.61 16.92
C TYR A 342 -7.56 -6.93 17.68
N THR A 343 -7.51 -8.04 16.94
CA THR A 343 -7.49 -9.36 17.58
C THR A 343 -6.21 -9.58 18.36
N ILE A 344 -5.09 -9.05 17.88
CA ILE A 344 -3.84 -9.17 18.63
C ILE A 344 -3.92 -8.38 19.93
N PHE A 345 -4.59 -7.23 19.90
CA PHE A 345 -4.83 -6.50 21.14
C PHE A 345 -5.65 -7.32 22.12
N VAL A 346 -6.71 -7.98 21.63
CA VAL A 346 -7.49 -8.85 22.49
C VAL A 346 -6.64 -9.99 23.03
N VAL A 347 -5.81 -10.58 22.17
CA VAL A 347 -4.91 -11.63 22.61
C VAL A 347 -3.92 -11.09 23.64
N LEU A 348 -3.37 -9.91 23.37
CA LEU A 348 -2.38 -9.34 24.28
C LEU A 348 -2.97 -9.07 25.66
N ILE A 349 -4.17 -8.47 25.71
CA ILE A 349 -4.80 -8.20 26.99
C ILE A 349 -5.17 -9.50 27.69
N LEU A 350 -5.72 -10.46 26.95
CA LEU A 350 -6.12 -11.71 27.57
C LEU A 350 -4.92 -12.49 28.08
N LEU A 351 -3.81 -12.49 27.34
CA LEU A 351 -2.61 -13.16 27.80
C LEU A 351 -2.07 -12.51 29.07
N SER A 352 -1.95 -11.17 29.05
CA SER A 352 -1.40 -10.47 30.21
C SER A 352 -2.31 -10.61 31.42
N ALA A 353 -3.63 -10.54 31.21
CA ALA A 353 -4.56 -10.72 32.33
C ALA A 353 -4.45 -12.12 32.90
N GLY A 354 -4.31 -13.13 32.04
CA GLY A 354 -4.16 -14.49 32.53
C GLY A 354 -2.86 -14.70 33.28
N LEU A 355 -1.76 -14.13 32.76
CA LEU A 355 -0.49 -14.22 33.47
C LEU A 355 -0.51 -13.38 34.74
N ALA A 356 -1.20 -12.25 34.71
CA ALA A 356 -1.33 -11.42 35.92
C ALA A 356 -2.09 -12.16 37.00
N ILE A 357 -3.14 -12.89 36.63
CA ILE A 357 -3.91 -13.65 37.62
C ILE A 357 -3.05 -14.74 38.23
N GLY A 358 -2.24 -15.42 37.42
CA GLY A 358 -1.41 -16.48 37.93
C GLY A 358 -0.39 -15.99 38.95
N HIS A 359 0.15 -14.79 38.73
CA HIS A 359 1.10 -14.22 39.67
C HIS A 359 0.42 -13.91 41.00
N ALA A 360 -0.81 -13.43 40.97
CA ALA A 360 -1.55 -13.21 42.21
C ALA A 360 -1.76 -14.51 42.96
N TYR A 361 -2.05 -15.58 42.22
CA TYR A 361 -2.16 -16.90 42.86
C TYR A 361 -0.80 -17.43 43.25
N TRP A 362 0.21 -17.21 42.40
CA TRP A 362 1.56 -17.69 42.72
C TRP A 362 2.14 -16.94 43.91
N GLU A 363 2.00 -15.61 43.92
CA GLU A 363 2.50 -14.83 45.05
C GLU A 363 1.75 -15.16 46.33
N ALA A 364 0.50 -15.62 46.21
CA ALA A 364 -0.27 -15.96 47.40
C ALA A 364 0.31 -17.18 48.11
N GLN A 365 0.67 -18.22 47.35
CA GLN A 365 1.16 -19.47 47.93
C GLN A 365 2.69 -19.51 47.98
N VAL A 366 3.34 -19.39 46.83
CA VAL A 366 4.78 -19.62 46.74
C VAL A 366 5.57 -18.35 47.01
N GLY A 367 5.03 -17.18 46.63
CA GLY A 367 5.79 -15.96 46.78
C GLY A 367 5.74 -15.35 48.16
N ASN A 368 4.64 -15.56 48.89
CA ASN A 368 4.52 -15.02 50.24
C ASN A 368 5.32 -15.83 51.24
N SER A 369 5.44 -17.14 51.03
CA SER A 369 6.21 -18.01 51.91
C SER A 369 7.66 -18.16 51.46
N SER A 370 8.09 -17.43 50.44
CA SER A 370 9.45 -17.49 49.94
C SER A 370 10.25 -16.35 50.56
N TRP A 371 11.13 -16.69 51.51
CA TRP A 371 11.91 -15.67 52.20
C TRP A 371 12.91 -15.00 51.26
N TYR A 372 13.50 -15.78 50.35
CA TYR A 372 14.49 -15.22 49.43
C TYR A 372 13.88 -14.17 48.50
N LEU A 373 12.56 -14.18 48.31
CA LEU A 373 11.88 -13.22 47.47
C LEU A 373 11.40 -12.00 48.23
N TYR A 374 11.68 -11.90 49.53
CA TYR A 374 11.28 -10.72 50.30
C TYR A 374 11.99 -9.50 49.76
N ASP A 375 11.22 -8.41 49.59
CA ASP A 375 11.79 -7.15 49.11
C ASP A 375 11.22 -5.95 49.86
N GLY A 376 10.67 -6.17 51.05
CA GLY A 376 10.02 -5.08 51.74
C GLY A 376 8.79 -4.64 50.95
N GLU A 377 8.23 -3.52 51.41
CA GLU A 377 7.08 -2.90 50.75
C GLU A 377 5.99 -3.92 50.47
N ASP A 378 5.44 -4.45 51.58
CA ASP A 378 4.45 -5.51 51.51
C ASP A 378 3.29 -5.12 50.59
N ASP A 379 3.15 -5.83 49.48
CA ASP A 379 2.06 -5.66 48.54
C ASP A 379 1.19 -6.91 48.58
N THR A 380 -0.12 -6.72 48.72
CA THR A 380 -1.02 -7.85 48.72
C THR A 380 -0.93 -8.57 47.37
N PRO A 381 -1.15 -9.88 47.33
CA PRO A 381 -0.98 -10.60 46.06
C PRO A 381 -1.84 -10.06 44.94
N SER A 382 -3.03 -9.53 45.25
CA SER A 382 -3.86 -8.93 44.20
C SER A 382 -3.16 -7.75 43.56
N TYR A 383 -2.49 -6.91 44.36
CA TYR A 383 -1.80 -5.75 43.81
C TYR A 383 -0.60 -6.17 42.98
N ARG A 384 0.11 -7.21 43.41
CA ARG A 384 1.22 -7.73 42.61
C ARG A 384 0.73 -8.25 41.27
N GLY A 385 -0.42 -8.94 41.26
CA GLY A 385 -1.01 -9.35 39.99
C GLY A 385 -1.38 -8.17 39.12
N PHE A 386 -1.95 -7.13 39.73
CA PHE A 386 -2.30 -5.94 38.98
C PHE A 386 -1.05 -5.28 38.39
N LEU A 387 0.03 -5.22 39.15
CA LEU A 387 1.22 -4.48 38.71
C LEU A 387 1.82 -5.11 37.46
N ILE A 388 2.01 -6.42 37.44
CA ILE A 388 2.71 -7.02 36.32
C ILE A 388 1.86 -7.10 35.06
N PHE A 389 0.54 -6.95 35.19
CA PHE A 389 -0.29 -6.91 33.99
C PHE A 389 0.25 -5.90 33.01
N TRP A 390 0.65 -4.73 33.50
CA TRP A 390 1.29 -3.74 32.65
C TRP A 390 2.73 -4.12 32.33
N GLY A 391 3.36 -4.91 33.20
CA GLY A 391 4.65 -5.47 32.88
C GLY A 391 4.58 -6.45 31.72
N TYR A 392 3.48 -7.20 31.63
CA TYR A 392 3.34 -8.19 30.57
C TYR A 392 2.85 -7.58 29.26
N ILE A 393 2.12 -6.47 29.31
CA ILE A 393 1.89 -5.70 28.09
C ILE A 393 3.21 -5.25 27.50
N ILE A 394 4.12 -4.76 28.35
CA ILE A 394 5.41 -4.29 27.87
C ILE A 394 6.27 -5.46 27.42
N VAL A 395 6.23 -6.58 28.16
CA VAL A 395 7.02 -7.74 27.78
C VAL A 395 6.50 -8.32 26.47
N LEU A 396 5.18 -8.40 26.31
CA LEU A 396 4.56 -8.95 25.11
C LEU A 396 4.18 -7.88 24.11
N ASN A 397 4.84 -6.72 24.14
CA ASN A 397 4.42 -5.62 23.28
C ASN A 397 4.64 -5.93 21.80
N THR A 398 5.66 -6.72 21.46
CA THR A 398 5.92 -7.02 20.06
C THR A 398 4.97 -8.06 19.48
N MET A 399 3.88 -8.38 20.17
CA MET A 399 2.74 -9.00 19.49
C MET A 399 2.29 -8.15 18.32
N VAL A 400 2.31 -6.83 18.48
CA VAL A 400 2.14 -5.88 17.40
C VAL A 400 3.41 -5.03 17.36
N PRO A 401 4.39 -5.36 16.52
CA PRO A 401 5.68 -4.64 16.58
C PRO A 401 5.63 -3.32 15.83
N ILE A 402 6.35 -2.33 16.37
CA ILE A 402 6.50 -1.05 15.69
C ILE A 402 7.36 -1.17 14.45
N SER A 403 8.19 -2.21 14.36
CA SER A 403 9.04 -2.39 13.19
C SER A 403 8.24 -2.79 11.95
N LEU A 404 7.05 -3.37 12.13
CA LEU A 404 6.23 -3.72 10.98
C LEU A 404 5.86 -2.48 10.19
N TYR A 405 5.47 -1.40 10.87
CA TYR A 405 5.03 -0.20 10.19
C TYR A 405 6.20 0.67 9.77
N VAL A 406 7.33 0.56 10.46
CA VAL A 406 8.54 1.23 10.00
C VAL A 406 9.04 0.60 8.70
N SER A 407 8.92 -0.71 8.57
CA SER A 407 9.43 -1.44 7.42
C SER A 407 8.48 -1.40 6.23
N VAL A 408 7.17 -1.34 6.48
CA VAL A 408 6.23 -1.21 5.37
C VAL A 408 6.49 0.08 4.60
N GLU A 409 6.84 1.15 5.32
CA GLU A 409 7.17 2.41 4.65
C GLU A 409 8.41 2.26 3.78
N VAL A 410 9.36 1.42 4.19
CA VAL A 410 10.51 1.14 3.34
C VAL A 410 10.09 0.31 2.13
N ILE A 411 9.23 -0.69 2.34
CA ILE A 411 8.74 -1.51 1.24
C ILE A 411 7.95 -0.65 0.27
N ARG A 412 7.06 0.19 0.80
CA ARG A 412 6.22 1.02 -0.06
C ARG A 412 7.05 1.99 -0.90
N LEU A 413 8.03 2.64 -0.28
CA LEU A 413 8.85 3.60 -1.02
C LEU A 413 9.65 2.92 -2.11
N GLY A 414 10.23 1.75 -1.82
CA GLY A 414 11.01 1.05 -2.82
C GLY A 414 10.16 0.52 -3.96
N GLN A 415 8.98 0.00 -3.65
CA GLN A 415 8.09 -0.50 -4.69
C GLN A 415 7.63 0.62 -5.60
N SER A 416 7.41 1.81 -5.03
CA SER A 416 7.00 2.95 -5.85
C SER A 416 8.09 3.33 -6.84
N HIS A 417 9.34 3.30 -6.40
CA HIS A 417 10.44 3.75 -7.27
C HIS A 417 10.67 2.81 -8.44
N PHE A 418 10.16 1.58 -8.37
CA PHE A 418 10.25 0.69 -9.53
C PHE A 418 9.31 1.14 -10.63
N ILE A 419 8.14 1.67 -10.25
CA ILE A 419 7.26 2.29 -11.23
C ILE A 419 7.94 3.52 -11.84
N ASN A 420 8.61 4.31 -11.00
CA ASN A 420 9.32 5.49 -11.50
C ASN A 420 10.41 5.09 -12.48
N TRP A 421 11.12 4.00 -12.18
CA TRP A 421 12.31 3.61 -12.94
C TRP A 421 12.01 2.74 -14.15
N ASP A 422 10.77 2.30 -14.32
CA ASP A 422 10.45 1.38 -15.41
C ASP A 422 10.72 2.03 -16.76
N LEU A 423 11.41 1.30 -17.63
CA LEU A 423 11.63 1.74 -19.01
C LEU A 423 10.51 1.30 -19.95
N GLN A 424 9.75 0.28 -19.57
CA GLN A 424 8.59 -0.14 -20.34
C GLN A 424 7.33 0.64 -19.97
N MET A 425 7.43 1.61 -19.07
CA MET A 425 6.42 2.64 -18.89
C MET A 425 7.02 4.03 -19.11
N TYR A 426 8.01 4.14 -19.98
CA TYR A 426 8.66 5.39 -20.30
C TYR A 426 8.34 5.74 -21.75
N TYR A 427 7.75 6.93 -21.96
CA TYR A 427 7.35 7.38 -23.28
C TYR A 427 8.49 8.19 -23.88
N ALA A 428 9.09 7.68 -24.94
CA ALA A 428 10.36 8.21 -25.41
C ALA A 428 10.21 9.61 -26.01
N GLU A 429 9.24 9.81 -26.91
CA GLU A 429 9.21 11.06 -27.66
C GLU A 429 8.75 12.23 -26.81
N LYS A 430 7.85 12.01 -25.86
CA LYS A 430 7.48 13.05 -24.90
C LYS A 430 8.41 13.08 -23.70
N ASP A 431 9.35 12.12 -23.60
CA ASP A 431 10.35 12.13 -22.54
C ASP A 431 9.70 12.15 -21.16
N THR A 432 8.62 11.40 -21.00
CA THR A 432 7.85 11.40 -19.76
C THR A 432 7.76 9.99 -19.18
N PRO A 433 8.53 9.67 -18.15
CA PRO A 433 8.41 8.36 -17.50
C PRO A 433 7.20 8.31 -16.59
N ALA A 434 6.93 7.10 -16.09
CA ALA A 434 5.88 6.93 -15.10
C ALA A 434 6.31 7.57 -13.78
N LYS A 435 5.33 7.98 -12.99
CA LYS A 435 5.58 8.61 -11.71
C LYS A 435 4.64 8.02 -10.67
N ALA A 436 5.19 7.65 -9.52
CA ALA A 436 4.41 7.17 -8.38
C ALA A 436 4.25 8.34 -7.42
N ARG A 437 3.18 9.11 -7.61
CA ARG A 437 2.98 10.30 -6.80
C ARG A 437 2.50 9.94 -5.40
N THR A 438 1.83 8.81 -5.24
CA THR A 438 1.44 8.27 -3.95
C THR A 438 2.15 6.95 -3.75
N THR A 439 3.03 6.89 -2.75
CA THR A 439 3.83 5.70 -2.49
C THR A 439 3.13 4.71 -1.54
N THR A 440 1.91 5.00 -1.12
CA THR A 440 1.25 4.21 -0.09
C THR A 440 0.35 3.11 -0.64
N LEU A 441 -0.03 3.18 -1.91
CA LEU A 441 -1.06 2.31 -2.48
C LEU A 441 -0.49 1.31 -3.49
N ASN A 442 0.81 1.01 -3.41
CA ASN A 442 1.43 0.18 -4.44
C ASN A 442 0.80 -1.19 -4.52
N GLU A 443 0.56 -1.84 -3.38
CA GLU A 443 0.04 -3.20 -3.40
C GLU A 443 -1.45 -3.25 -3.72
N GLN A 444 -2.14 -2.12 -3.75
CA GLN A 444 -3.53 -2.11 -4.18
C GLN A 444 -3.66 -2.13 -5.70
N LEU A 445 -2.58 -1.87 -6.43
CA LEU A 445 -2.62 -2.03 -7.87
C LEU A 445 -2.86 -3.48 -8.26
N GLY A 446 -2.51 -4.42 -7.39
CA GLY A 446 -2.79 -5.82 -7.58
C GLY A 446 -4.16 -6.26 -7.10
N GLN A 447 -5.06 -5.31 -6.82
CA GLN A 447 -6.37 -5.57 -6.26
C GLN A 447 -7.50 -5.07 -7.14
N ILE A 448 -7.20 -4.43 -8.27
CA ILE A 448 -8.20 -3.68 -9.01
C ILE A 448 -9.26 -4.64 -9.56
N HIS A 449 -10.54 -4.29 -9.34
CA HIS A 449 -11.67 -4.99 -9.92
C HIS A 449 -12.25 -4.26 -11.12
N TYR A 450 -12.30 -2.93 -11.07
CA TYR A 450 -12.90 -2.11 -12.11
C TYR A 450 -11.93 -1.01 -12.52
N ILE A 451 -11.96 -0.66 -13.80
CA ILE A 451 -11.26 0.50 -14.33
C ILE A 451 -12.29 1.43 -14.93
N PHE A 452 -12.23 2.71 -14.53
CA PHE A 452 -13.08 3.76 -15.09
C PHE A 452 -12.16 4.72 -15.83
N SER A 453 -12.28 4.77 -17.14
CA SER A 453 -11.33 5.47 -17.99
C SER A 453 -12.01 6.56 -18.79
N ASP A 454 -11.35 7.71 -18.87
CA ASP A 454 -11.74 8.74 -19.83
C ASP A 454 -11.54 8.20 -21.24
N LYS A 455 -12.25 8.80 -22.20
CA LYS A 455 -12.13 8.35 -23.59
C LYS A 455 -11.10 9.18 -24.35
N THR A 456 -11.32 10.48 -24.48
CA THR A 456 -10.46 11.31 -25.32
C THR A 456 -9.21 11.72 -24.55
N GLY A 457 -8.06 11.55 -25.18
CA GLY A 457 -6.78 11.76 -24.54
C GLY A 457 -6.29 10.58 -23.74
N THR A 458 -7.17 9.71 -23.27
CA THR A 458 -6.81 8.50 -22.54
C THR A 458 -6.84 7.27 -23.43
N LEU A 459 -7.99 6.99 -24.05
CA LEU A 459 -8.06 5.92 -25.04
C LEU A 459 -7.58 6.41 -26.40
N THR A 460 -7.96 7.62 -26.78
CA THR A 460 -7.54 8.22 -28.04
C THR A 460 -6.40 9.20 -27.79
N GLN A 461 -5.99 9.90 -28.86
CA GLN A 461 -4.88 10.82 -28.82
C GLN A 461 -5.31 12.28 -28.94
N ASN A 462 -6.59 12.54 -29.19
CA ASN A 462 -7.11 13.85 -29.60
C ASN A 462 -6.59 14.25 -30.99
N ILE A 463 -6.06 13.31 -31.75
CA ILE A 463 -5.78 13.48 -33.17
C ILE A 463 -6.88 12.77 -33.95
N MET A 464 -7.44 13.46 -34.94
CA MET A 464 -8.59 12.97 -35.71
C MET A 464 -8.35 13.38 -37.16
N THR A 465 -7.76 12.48 -37.94
CA THR A 465 -7.26 12.80 -39.26
C THR A 465 -8.10 12.17 -40.37
N PHE A 466 -7.83 12.62 -41.59
CA PHE A 466 -8.51 12.18 -42.80
C PHE A 466 -7.73 11.01 -43.40
N LYS A 467 -8.30 9.82 -43.35
CA LYS A 467 -7.53 8.61 -43.64
C LYS A 467 -7.72 8.15 -45.08
N LYS A 468 -8.97 7.91 -45.48
CA LYS A 468 -9.29 7.46 -46.84
C LYS A 468 -10.44 8.29 -47.40
N CYS A 469 -10.76 8.03 -48.66
CA CYS A 469 -11.89 8.68 -49.31
C CYS A 469 -12.31 7.87 -50.53
N CYS A 470 -13.60 7.85 -50.78
CA CYS A 470 -14.16 7.39 -52.04
C CYS A 470 -14.64 8.62 -52.80
N ILE A 471 -13.89 9.02 -53.82
CA ILE A 471 -14.23 10.19 -54.63
C ILE A 471 -14.62 9.70 -56.01
N ASN A 472 -15.75 10.21 -56.51
CA ASN A 472 -16.40 9.68 -57.71
C ASN A 472 -16.73 8.22 -57.41
N GLY A 473 -16.12 7.24 -58.09
CA GLY A 473 -16.37 5.84 -57.79
C GLY A 473 -15.21 5.15 -57.12
N GLN A 474 -13.99 5.51 -57.51
CA GLN A 474 -12.80 4.81 -57.04
C GLN A 474 -12.49 5.19 -55.60
N ILE A 475 -12.03 4.21 -54.82
CA ILE A 475 -11.61 4.42 -53.44
C ILE A 475 -10.12 4.76 -53.43
N TYR A 476 -9.74 5.77 -52.66
CA TYR A 476 -8.38 6.26 -52.57
C TYR A 476 -7.83 6.03 -51.17
N GLY A 477 -6.61 6.51 -50.94
CA GLY A 477 -5.96 6.32 -49.65
C GLY A 477 -5.63 4.88 -49.35
N ASP A 478 -5.12 4.14 -50.34
CA ASP A 478 -4.76 2.73 -50.19
C ASP A 478 -3.24 2.51 -50.21
N HIS A 479 -2.45 3.56 -49.99
CA HIS A 479 -1.01 3.48 -49.95
C HIS A 479 -0.41 3.08 -51.31
N ARG A 480 -1.18 3.23 -52.39
CA ARG A 480 -0.73 2.83 -53.71
C ARG A 480 0.14 3.94 -54.31
N ASP A 481 0.45 3.82 -55.59
CA ASP A 481 1.23 4.83 -56.30
C ASP A 481 1.09 4.65 -57.81
N VAL A 493 3.95 11.53 -49.44
CA VAL A 493 3.55 12.73 -50.19
C VAL A 493 4.36 13.92 -49.71
N ASP A 494 4.63 14.86 -50.61
CA ASP A 494 5.41 16.05 -50.30
C ASP A 494 4.54 17.26 -49.96
N PHE A 495 3.42 17.43 -50.68
CA PHE A 495 2.51 18.55 -50.47
C PHE A 495 3.18 19.91 -50.66
N SER A 496 4.32 19.94 -51.34
CA SER A 496 5.00 21.21 -51.62
C SER A 496 4.32 21.99 -52.73
N TRP A 497 3.52 21.33 -53.57
CA TRP A 497 2.84 22.03 -54.65
C TRP A 497 1.85 23.07 -54.14
N ASN A 498 1.41 22.97 -52.89
CA ASN A 498 0.58 23.98 -52.25
C ASN A 498 1.25 24.41 -50.96
N THR A 499 1.43 25.71 -50.79
CA THR A 499 2.14 26.23 -49.62
C THR A 499 1.31 26.16 -48.35
N TYR A 500 -0.01 26.04 -48.47
CA TYR A 500 -0.87 26.03 -47.29
C TYR A 500 -0.77 24.73 -46.49
N ALA A 501 -0.36 23.64 -47.12
CA ALA A 501 -0.33 22.34 -46.46
C ALA A 501 0.54 22.38 -45.20
N ASP A 502 -0.09 22.22 -44.04
CA ASP A 502 0.66 22.25 -42.79
C ASP A 502 1.55 21.02 -42.63
N GLY A 503 1.22 19.92 -43.30
CA GLY A 503 1.98 18.70 -43.19
C GLY A 503 1.49 17.74 -42.12
N LYS A 504 0.43 18.09 -41.39
CA LYS A 504 -0.08 17.19 -40.37
C LYS A 504 -0.58 15.89 -40.99
N LEU A 505 -1.28 15.98 -42.12
CA LEU A 505 -1.87 14.80 -42.74
C LEU A 505 -0.79 13.80 -43.12
N ALA A 506 -1.03 12.53 -42.79
CA ALA A 506 -0.12 11.42 -43.10
C ALA A 506 -0.63 10.61 -44.29
N PHE A 507 -1.22 11.27 -45.27
CA PHE A 507 -1.79 10.57 -46.41
C PHE A 507 -0.67 9.92 -47.22
N TYR A 508 -0.89 8.66 -47.62
CA TYR A 508 0.13 7.87 -48.30
C TYR A 508 -0.13 7.70 -49.79
N ASP A 509 -1.39 7.57 -50.20
CA ASP A 509 -1.69 7.34 -51.61
C ASP A 509 -1.15 8.48 -52.46
N HIS A 510 -0.48 8.13 -53.56
CA HIS A 510 0.07 9.10 -54.48
C HIS A 510 -0.80 9.31 -55.72
N TYR A 511 -1.70 8.37 -56.02
CA TYR A 511 -2.57 8.53 -57.18
C TYR A 511 -3.48 9.74 -57.01
N LEU A 512 -3.99 9.96 -55.80
CA LEU A 512 -4.83 11.12 -55.55
C LEU A 512 -4.09 12.41 -55.85
N ILE A 513 -2.84 12.51 -55.39
CA ILE A 513 -2.06 13.73 -55.62
C ILE A 513 -1.81 13.89 -57.12
N GLU A 514 -1.52 12.79 -57.82
CA GLU A 514 -1.35 12.85 -59.26
C GLU A 514 -2.63 13.31 -59.94
N GLN A 515 -3.78 12.81 -59.48
CA GLN A 515 -5.05 13.18 -60.11
C GLN A 515 -5.40 14.63 -59.84
N ILE A 516 -5.10 15.13 -58.64
CA ILE A 516 -5.40 16.54 -58.32
C ILE A 516 -4.60 17.47 -59.22
N GLN A 517 -3.29 17.24 -59.30
CA GLN A 517 -2.45 18.10 -60.12
C GLN A 517 -2.78 17.93 -61.60
N SER A 518 -3.00 16.69 -62.04
CA SER A 518 -3.33 16.46 -63.45
C SER A 518 -4.65 17.12 -63.82
N GLY A 519 -5.64 17.06 -62.93
CA GLY A 519 -6.93 17.64 -63.22
C GLY A 519 -7.66 16.95 -64.35
N LYS A 520 -7.51 15.63 -64.47
CA LYS A 520 -8.17 14.88 -65.53
C LYS A 520 -9.60 14.50 -65.18
N GLU A 521 -10.06 14.78 -63.96
CA GLU A 521 -11.41 14.41 -63.53
C GLU A 521 -11.99 15.51 -62.65
N PRO A 522 -13.07 16.18 -63.07
CA PRO A 522 -13.60 17.28 -62.24
C PRO A 522 -14.14 16.82 -60.91
N GLU A 523 -14.46 15.53 -60.74
CA GLU A 523 -15.02 15.06 -59.49
C GLU A 523 -14.01 15.19 -58.35
N VAL A 524 -12.72 15.02 -58.64
CA VAL A 524 -11.71 15.13 -57.60
C VAL A 524 -11.66 16.56 -57.06
N ARG A 525 -11.62 17.54 -57.96
CA ARG A 525 -11.60 18.93 -57.51
C ARG A 525 -12.89 19.30 -56.80
N GLN A 526 -14.03 18.82 -57.30
CA GLN A 526 -15.30 19.11 -56.66
C GLN A 526 -15.40 18.45 -55.28
N PHE A 527 -14.78 17.28 -55.10
CA PHE A 527 -14.86 16.60 -53.81
C PHE A 527 -14.18 17.41 -52.72
N PHE A 528 -12.92 17.81 -52.94
CA PHE A 528 -12.19 18.53 -51.91
C PHE A 528 -12.65 19.97 -51.79
N PHE A 529 -13.25 20.53 -52.84
CA PHE A 529 -13.86 21.85 -52.70
C PHE A 529 -15.01 21.81 -51.70
N LEU A 530 -15.85 20.78 -51.78
CA LEU A 530 -16.97 20.68 -50.87
C LEU A 530 -16.50 20.62 -49.43
N LEU A 531 -15.41 19.89 -49.17
CA LEU A 531 -14.90 19.78 -47.81
C LEU A 531 -14.42 21.11 -47.27
N ALA A 532 -13.90 21.98 -48.14
CA ALA A 532 -13.34 23.25 -47.72
C ALA A 532 -14.33 24.40 -47.78
N VAL A 533 -15.60 24.14 -48.13
CA VAL A 533 -16.63 25.17 -48.21
C VAL A 533 -17.83 24.83 -47.34
N CYS A 534 -18.32 23.59 -47.43
CA CYS A 534 -19.48 23.16 -46.65
C CYS A 534 -19.00 22.81 -45.24
N HIS A 535 -19.03 23.81 -44.37
CA HIS A 535 -18.57 23.63 -42.99
C HIS A 535 -18.89 24.91 -42.21
N THR A 536 -18.68 24.82 -40.89
CA THR A 536 -18.84 25.95 -39.98
C THR A 536 -17.49 26.34 -39.37
N VAL A 537 -16.40 25.72 -39.84
CA VAL A 537 -15.09 25.98 -39.26
C VAL A 537 -14.74 27.47 -39.44
N MET A 538 -13.85 27.94 -38.57
CA MET A 538 -13.42 29.33 -38.55
C MET A 538 -11.91 29.42 -38.61
N VAL A 539 -11.43 30.51 -39.19
CA VAL A 539 -10.01 30.72 -39.42
C VAL A 539 -9.42 31.52 -38.27
N ASP A 540 -8.12 31.31 -38.02
CA ASP A 540 -7.37 32.07 -37.03
C ASP A 540 -6.50 33.14 -37.67
N ARG A 541 -5.63 32.75 -38.61
CA ARG A 541 -4.77 33.69 -39.33
C ARG A 541 -3.95 34.52 -38.35
N THR A 542 -3.47 33.89 -37.29
CA THR A 542 -2.64 34.54 -36.29
C THR A 542 -1.17 34.24 -36.59
N ASP A 543 -0.35 35.28 -36.63
CA ASP A 543 1.08 35.16 -36.92
C ASP A 543 1.32 34.51 -38.28
N GLY A 544 0.40 34.72 -39.22
CA GLY A 544 0.54 34.16 -40.55
C GLY A 544 0.25 32.68 -40.66
N GLN A 545 -0.34 32.07 -39.63
CA GLN A 545 -0.63 30.65 -39.63
C GLN A 545 -2.13 30.44 -39.85
N LEU A 546 -2.46 29.55 -40.78
CA LEU A 546 -3.85 29.33 -41.17
C LEU A 546 -4.45 28.18 -40.36
N ASN A 547 -4.55 28.42 -39.05
CA ASN A 547 -5.16 27.46 -38.15
C ASN A 547 -6.67 27.45 -38.32
N TYR A 548 -7.29 26.32 -37.97
CA TYR A 548 -8.72 26.13 -38.09
C TYR A 548 -9.28 25.66 -36.76
N GLN A 549 -10.35 26.32 -36.31
CA GLN A 549 -11.06 25.94 -35.10
C GLN A 549 -12.52 25.66 -35.46
N ALA A 550 -13.04 24.53 -35.00
CA ALA A 550 -14.37 24.09 -35.38
C ALA A 550 -15.09 23.54 -34.16
N ALA A 551 -16.42 23.65 -34.20
CA ALA A 551 -17.25 23.04 -33.15
C ALA A 551 -17.35 21.53 -33.33
N SER A 552 -17.22 21.04 -34.57
CA SER A 552 -17.29 19.63 -34.86
C SER A 552 -15.89 19.12 -35.22
N PRO A 553 -15.30 18.21 -34.44
CA PRO A 553 -13.97 17.69 -34.84
C PRO A 553 -13.98 17.02 -36.20
N ASP A 554 -15.12 16.47 -36.63
CA ASP A 554 -15.20 15.89 -37.97
C ASP A 554 -14.94 16.94 -39.04
N GLU A 555 -15.58 18.10 -38.93
CA GLU A 555 -15.41 19.14 -39.93
C GLU A 555 -13.99 19.69 -39.92
N GLY A 556 -13.42 19.88 -38.73
CA GLY A 556 -12.07 20.42 -38.67
C GLY A 556 -11.05 19.57 -39.38
N ALA A 557 -11.22 18.24 -39.31
CA ALA A 557 -10.32 17.34 -40.01
C ALA A 557 -10.55 17.40 -41.52
N LEU A 558 -11.83 17.47 -41.94
CA LEU A 558 -12.12 17.53 -43.36
C LEU A 558 -11.60 18.82 -43.99
N VAL A 559 -11.75 19.95 -43.29
CA VAL A 559 -11.23 21.21 -43.81
C VAL A 559 -9.71 21.17 -43.85
N ASN A 560 -9.08 20.55 -42.86
CA ASN A 560 -7.63 20.37 -42.90
C ASN A 560 -7.23 19.50 -44.07
N ALA A 561 -7.97 18.42 -44.33
CA ALA A 561 -7.64 17.54 -45.44
C ALA A 561 -7.74 18.27 -46.76
N ALA A 562 -8.83 19.01 -46.98
CA ALA A 562 -8.98 19.78 -48.20
C ALA A 562 -7.88 20.84 -48.30
N ARG A 563 -7.52 21.45 -47.17
CA ARG A 563 -6.45 22.45 -47.19
C ARG A 563 -5.13 21.82 -47.62
N ASN A 564 -4.83 20.61 -47.13
CA ASN A 564 -3.59 19.95 -47.52
C ASN A 564 -3.59 19.62 -49.01
N PHE A 565 -4.77 19.39 -49.60
CA PHE A 565 -4.89 19.04 -51.01
C PHE A 565 -5.14 20.28 -51.89
N GLY A 566 -4.70 21.44 -51.43
CA GLY A 566 -4.76 22.67 -52.21
C GLY A 566 -6.01 23.51 -52.01
N PHE A 567 -7.11 22.89 -51.60
CA PHE A 567 -8.38 23.61 -51.42
C PHE A 567 -8.39 24.24 -50.04
N ALA A 568 -7.55 25.25 -49.86
CA ALA A 568 -7.37 25.91 -48.58
C ALA A 568 -8.50 26.92 -48.37
N PHE A 569 -9.21 26.79 -47.26
CA PHE A 569 -10.25 27.73 -46.87
C PHE A 569 -9.56 28.94 -46.24
N LEU A 570 -9.36 29.99 -47.03
CA LEU A 570 -8.56 31.13 -46.57
C LEU A 570 -9.25 31.90 -45.45
N ALA A 571 -10.52 32.25 -45.65
CA ALA A 571 -11.24 33.07 -44.69
C ALA A 571 -12.69 33.17 -45.13
N ARG A 572 -13.51 33.78 -44.27
CA ARG A 572 -14.93 33.96 -44.56
C ARG A 572 -15.43 35.18 -43.81
N THR A 573 -16.18 36.03 -44.50
CA THR A 573 -16.96 37.08 -43.88
C THR A 573 -18.44 36.65 -43.87
N GLN A 574 -19.32 37.56 -43.45
CA GLN A 574 -20.72 37.19 -43.32
C GLN A 574 -21.34 36.80 -44.66
N ASN A 575 -21.01 37.55 -45.72
CA ASN A 575 -21.67 37.38 -47.00
C ASN A 575 -20.91 36.49 -47.97
N THR A 576 -19.59 36.35 -47.83
CA THR A 576 -18.80 35.61 -48.79
C THR A 576 -17.80 34.71 -48.07
N ILE A 577 -17.42 33.64 -48.77
CA ILE A 577 -16.45 32.66 -48.29
C ILE A 577 -15.29 32.63 -49.28
N THR A 578 -14.07 32.74 -48.77
CA THR A 578 -12.87 32.78 -49.59
C THR A 578 -12.14 31.45 -49.50
N ILE A 579 -11.82 30.88 -50.65
CA ILE A 579 -11.16 29.58 -50.73
C ILE A 579 -10.10 29.64 -51.83
N SER A 580 -8.93 29.07 -51.55
CA SER A 580 -7.83 29.04 -52.49
C SER A 580 -7.78 27.70 -53.20
N GLU A 581 -7.70 27.72 -54.52
CA GLU A 581 -7.62 26.52 -55.35
C GLU A 581 -6.25 26.49 -56.03
N LEU A 582 -5.39 25.59 -55.57
CA LEU A 582 -4.04 25.45 -56.14
C LEU A 582 -3.29 26.78 -56.09
N GLY A 583 -3.44 27.50 -54.98
CA GLY A 583 -2.78 28.77 -54.80
C GLY A 583 -3.43 29.95 -55.47
N THR A 584 -4.58 29.75 -56.11
CA THR A 584 -5.29 30.81 -56.80
C THR A 584 -6.41 31.33 -55.90
N GLU A 585 -6.39 32.64 -55.62
CA GLU A 585 -7.45 33.23 -54.82
C GLU A 585 -8.79 33.12 -55.55
N ARG A 586 -9.83 32.73 -54.80
CA ARG A 586 -11.16 32.62 -55.38
C ARG A 586 -12.16 32.89 -54.25
N THR A 587 -12.64 34.12 -54.19
CA THR A 587 -13.58 34.56 -53.16
C THR A 587 -14.99 34.34 -53.69
N TYR A 588 -15.74 33.45 -53.05
CA TYR A 588 -17.10 33.17 -53.48
C TYR A 588 -18.08 33.77 -52.48
N ASN A 589 -19.29 34.05 -52.97
CA ASN A 589 -20.33 34.64 -52.14
C ASN A 589 -21.39 33.59 -51.79
N VAL A 590 -21.65 33.43 -50.50
CA VAL A 590 -22.60 32.43 -50.00
C VAL A 590 -23.97 33.08 -49.87
N LEU A 591 -24.99 32.42 -50.43
CA LEU A 591 -26.36 32.91 -50.37
C LEU A 591 -27.20 32.20 -49.30
N ALA A 592 -26.68 31.14 -48.69
CA ALA A 592 -27.39 30.45 -47.62
C ALA A 592 -26.46 29.40 -47.03
N ILE A 593 -26.63 29.15 -45.72
CA ILE A 593 -25.87 28.14 -45.00
C ILE A 593 -26.88 27.32 -44.21
N LEU A 594 -27.27 26.16 -44.76
CA LEU A 594 -28.18 25.28 -44.04
C LEU A 594 -27.53 24.82 -42.75
N ASP A 595 -28.30 24.86 -41.67
CA ASP A 595 -27.75 24.57 -40.35
C ASP A 595 -27.68 23.07 -40.10
N PHE A 596 -26.89 22.69 -39.10
CA PHE A 596 -26.67 21.31 -38.73
C PHE A 596 -27.36 21.04 -37.40
N ASN A 597 -28.12 19.96 -37.34
CA ASN A 597 -28.83 19.56 -36.13
C ASN A 597 -28.63 18.07 -35.90
N SER A 598 -28.79 17.66 -34.63
CA SER A 598 -28.60 16.25 -34.29
C SER A 598 -29.59 15.36 -35.03
N ASP A 599 -30.85 15.77 -35.09
CA ASP A 599 -31.84 15.03 -35.86
C ASP A 599 -31.67 15.25 -37.36
N ARG A 600 -31.21 16.44 -37.75
CA ARG A 600 -31.00 16.72 -39.17
C ARG A 600 -29.91 15.83 -39.75
N LYS A 601 -28.81 15.64 -39.01
CA LYS A 601 -27.74 14.73 -39.40
C LYS A 601 -27.10 15.10 -40.73
N ARG A 602 -27.17 16.39 -41.11
CA ARG A 602 -26.57 16.82 -42.36
C ARG A 602 -26.42 18.34 -42.33
N MET A 603 -25.62 18.85 -43.27
CA MET A 603 -25.48 20.27 -43.48
C MET A 603 -25.28 20.52 -44.97
N SER A 604 -25.71 21.68 -45.45
CA SER A 604 -25.44 22.10 -46.81
C SER A 604 -25.18 23.60 -46.84
N ILE A 605 -24.48 24.04 -47.88
CA ILE A 605 -24.19 25.45 -48.11
C ILE A 605 -24.50 25.75 -49.58
N ILE A 606 -25.23 26.83 -49.82
CA ILE A 606 -25.55 27.27 -51.17
C ILE A 606 -24.62 28.43 -51.51
N VAL A 607 -23.81 28.24 -52.55
CA VAL A 607 -22.78 29.21 -52.93
C VAL A 607 -22.93 29.52 -54.41
N ARG A 608 -22.97 30.81 -54.74
CA ARG A 608 -22.98 31.27 -56.12
C ARG A 608 -21.55 31.46 -56.61
N THR A 609 -21.24 30.88 -57.77
CA THR A 609 -19.91 31.03 -58.33
C THR A 609 -19.74 32.42 -58.94
N PRO A 610 -18.50 32.85 -59.14
CA PRO A 610 -18.27 34.16 -59.78
C PRO A 610 -18.89 34.27 -61.14
N GLU A 611 -18.91 33.17 -61.90
CA GLU A 611 -19.58 33.18 -63.19
C GLU A 611 -21.07 33.39 -63.02
N GLY A 612 -21.66 32.78 -61.99
CA GLY A 612 -23.08 32.95 -61.69
C GLY A 612 -23.75 31.67 -61.24
N ASN A 613 -23.09 30.52 -61.45
CA ASN A 613 -23.70 29.25 -61.14
C ASN A 613 -23.93 29.11 -59.64
N ILE A 614 -25.03 28.46 -59.28
CA ILE A 614 -25.40 28.22 -57.89
C ILE A 614 -25.21 26.75 -57.59
N LYS A 615 -24.48 26.46 -56.51
CA LYS A 615 -24.18 25.10 -56.09
C LYS A 615 -24.68 24.88 -54.67
N LEU A 616 -25.42 23.78 -54.47
CA LEU A 616 -25.89 23.40 -53.14
C LEU A 616 -24.98 22.28 -52.63
N TYR A 617 -23.87 22.69 -52.03
CA TYR A 617 -22.88 21.76 -51.50
C TYR A 617 -23.39 21.18 -50.19
N CYS A 618 -23.79 19.91 -50.22
CA CYS A 618 -24.39 19.25 -49.07
C CYS A 618 -23.48 18.14 -48.55
N LYS A 619 -23.44 17.98 -47.24
CA LYS A 619 -22.64 16.94 -46.59
C LYS A 619 -23.37 16.49 -45.33
N GLY A 620 -23.54 15.18 -45.17
CA GLY A 620 -24.29 14.67 -44.05
C GLY A 620 -24.08 13.19 -43.84
N ALA A 621 -24.90 12.63 -42.96
CA ALA A 621 -24.78 11.23 -42.58
C ALA A 621 -25.12 10.32 -43.77
N ASP A 622 -24.67 9.08 -43.68
CA ASP A 622 -24.85 8.13 -44.78
C ASP A 622 -26.32 7.85 -45.03
N THR A 623 -27.10 7.61 -43.97
CA THR A 623 -28.49 7.23 -44.14
C THR A 623 -29.32 8.39 -44.69
N VAL A 624 -29.17 9.58 -44.09
CA VAL A 624 -30.02 10.71 -44.47
C VAL A 624 -29.74 11.13 -45.92
N ILE A 625 -28.47 11.10 -46.32
CA ILE A 625 -28.12 11.58 -47.66
C ILE A 625 -28.75 10.69 -48.73
N TYR A 626 -28.66 9.36 -48.56
CA TYR A 626 -29.20 8.43 -49.55
C TYR A 626 -30.71 8.53 -49.69
N GLU A 627 -31.40 9.16 -48.74
CA GLU A 627 -32.84 9.37 -48.84
C GLU A 627 -33.22 10.45 -49.85
N ARG A 628 -32.24 11.18 -50.39
CA ARG A 628 -32.51 12.38 -51.17
C ARG A 628 -31.68 12.37 -52.45
N LEU A 629 -31.67 11.22 -53.13
CA LEU A 629 -30.83 11.00 -54.30
C LEU A 629 -31.63 11.07 -55.59
N HIS A 630 -31.05 11.72 -56.59
CA HIS A 630 -31.64 11.75 -57.91
C HIS A 630 -31.54 10.37 -58.57
N ARG A 631 -32.53 10.04 -59.40
CA ARG A 631 -32.57 8.73 -60.03
C ARG A 631 -31.40 8.50 -60.98
N MET A 632 -30.72 9.56 -61.41
CA MET A 632 -29.62 9.40 -62.36
C MET A 632 -28.39 8.81 -61.70
N ASN A 633 -28.23 9.02 -60.39
CA ASN A 633 -27.02 8.64 -59.66
C ASN A 633 -26.62 7.19 -59.97
N PRO A 634 -25.54 6.96 -60.71
CA PRO A 634 -25.07 5.59 -60.94
C PRO A 634 -24.05 5.10 -59.95
N THR A 635 -23.46 5.98 -59.16
CA THR A 635 -22.42 5.63 -58.20
C THR A 635 -23.00 5.33 -56.82
N LYS A 636 -24.32 5.31 -56.68
CA LYS A 636 -24.94 5.06 -55.39
C LYS A 636 -24.49 3.73 -54.80
N GLN A 637 -24.58 2.65 -55.59
CA GLN A 637 -24.21 1.34 -55.08
C GLN A 637 -22.71 1.27 -54.77
N GLU A 638 -21.88 1.84 -55.66
CA GLU A 638 -20.44 1.77 -55.45
C GLU A 638 -20.03 2.50 -54.17
N THR A 639 -20.57 3.70 -53.95
CA THR A 639 -20.23 4.44 -52.74
C THR A 639 -20.73 3.71 -51.50
N GLN A 640 -21.89 3.07 -51.58
CA GLN A 640 -22.39 2.27 -50.47
C GLN A 640 -21.42 1.14 -50.16
N ASP A 641 -20.87 0.49 -51.18
CA ASP A 641 -19.85 -0.52 -50.96
C ASP A 641 -18.61 0.09 -50.31
N ALA A 642 -18.21 1.28 -50.75
CA ALA A 642 -17.05 1.94 -50.16
C ALA A 642 -17.30 2.26 -48.69
N LEU A 643 -18.52 2.68 -48.35
CA LEU A 643 -18.85 2.98 -46.97
C LEU A 643 -18.72 1.74 -46.09
N ASP A 644 -19.13 0.58 -46.62
CA ASP A 644 -19.02 -0.66 -45.86
C ASP A 644 -17.56 -0.97 -45.55
N ILE A 645 -16.66 -0.74 -46.51
CA ILE A 645 -15.24 -0.96 -46.28
C ILE A 645 -14.75 -0.05 -45.17
N PHE A 646 -15.14 1.23 -45.22
CA PHE A 646 -14.72 2.18 -44.19
C PHE A 646 -15.35 1.85 -42.85
N ALA A 647 -16.61 1.41 -42.86
CA ALA A 647 -17.28 1.06 -41.61
C ALA A 647 -16.58 -0.09 -40.90
N ASN A 648 -16.16 -1.11 -41.66
CA ASN A 648 -15.50 -2.25 -41.05
C ASN A 648 -14.23 -1.84 -40.32
N GLU A 649 -13.56 -0.78 -40.79
CA GLU A 649 -12.40 -0.23 -40.10
C GLU A 649 -12.79 0.71 -38.96
N THR A 650 -14.08 0.79 -38.64
CA THR A 650 -14.57 1.66 -37.57
C THR A 650 -14.16 3.11 -37.81
N LEU A 651 -14.22 3.52 -39.07
CA LEU A 651 -13.94 4.90 -39.47
C LEU A 651 -15.24 5.69 -39.55
N ARG A 652 -15.11 7.01 -39.45
CA ARG A 652 -16.24 7.93 -39.54
C ARG A 652 -16.36 8.41 -40.97
N THR A 653 -17.57 8.28 -41.54
CA THR A 653 -17.80 8.55 -42.95
C THR A 653 -18.92 9.57 -43.12
N LEU A 654 -18.75 10.44 -44.12
CA LEU A 654 -19.75 11.44 -44.46
C LEU A 654 -19.91 11.48 -45.98
N CYS A 655 -21.14 11.54 -46.45
CA CYS A 655 -21.43 11.58 -47.88
C CYS A 655 -21.43 13.02 -48.38
N LEU A 656 -20.89 13.21 -49.58
CA LEU A 656 -20.72 14.54 -50.16
C LEU A 656 -21.59 14.67 -51.41
N CYS A 657 -22.17 15.86 -51.60
CA CYS A 657 -23.09 16.09 -52.71
C CYS A 657 -23.07 17.58 -53.07
N TYR A 658 -23.28 17.87 -54.35
CA TYR A 658 -23.59 19.23 -54.81
C TYR A 658 -24.91 19.20 -55.57
N LYS A 659 -25.27 20.36 -56.11
CA LYS A 659 -26.43 20.49 -56.97
C LYS A 659 -26.17 21.64 -57.95
N GLU A 660 -27.13 21.88 -58.83
CA GLU A 660 -27.04 22.90 -59.87
C GLU A 660 -28.31 23.73 -59.91
N ILE A 661 -28.74 24.23 -58.75
CA ILE A 661 -29.94 25.04 -58.67
C ILE A 661 -29.88 26.16 -59.71
N GLU A 662 -31.03 26.44 -60.32
CA GLU A 662 -31.11 27.42 -61.38
C GLU A 662 -31.16 28.84 -60.83
N GLU A 663 -31.08 29.82 -61.72
CA GLU A 663 -31.10 31.22 -61.30
C GLU A 663 -32.47 31.60 -60.75
N LYS A 664 -33.51 31.49 -61.58
CA LYS A 664 -34.84 31.90 -61.14
C LYS A 664 -35.35 31.01 -60.03
N GLU A 665 -34.99 29.72 -60.05
CA GLU A 665 -35.46 28.81 -59.01
C GLU A 665 -34.97 29.23 -57.64
N PHE A 666 -33.69 29.61 -57.54
CA PHE A 666 -33.18 30.08 -56.25
C PHE A 666 -33.80 31.40 -55.85
N THR A 667 -34.02 32.30 -56.81
CA THR A 667 -34.60 33.59 -56.49
C THR A 667 -35.99 33.42 -55.88
N GLU A 668 -36.80 32.52 -56.44
CA GLU A 668 -38.08 32.21 -55.82
C GLU A 668 -37.89 31.60 -54.44
N TRP A 669 -36.90 30.72 -54.29
CA TRP A 669 -36.68 30.08 -53.00
C TRP A 669 -36.01 31.02 -52.01
N ASN A 670 -35.09 31.87 -52.48
CA ASN A 670 -34.41 32.79 -51.58
C ASN A 670 -35.42 33.72 -50.90
N LYS A 671 -36.42 34.19 -51.64
CA LYS A 671 -37.52 34.92 -51.03
C LYS A 671 -38.25 34.04 -50.04
N LYS A 672 -38.49 32.77 -50.39
CA LYS A 672 -39.15 31.85 -49.47
C LYS A 672 -38.29 31.60 -48.24
N PHE A 673 -36.97 31.44 -48.44
CA PHE A 673 -36.08 31.14 -47.32
C PHE A 673 -36.09 32.26 -46.29
N MET A 674 -36.05 33.52 -46.76
CA MET A 674 -36.08 34.65 -45.83
C MET A 674 -37.38 34.65 -45.03
N ALA A 675 -38.51 34.36 -45.68
CA ALA A 675 -39.77 34.30 -44.97
C ALA A 675 -39.80 33.21 -43.92
N ALA A 676 -38.92 32.21 -44.01
CA ALA A 676 -38.84 31.16 -43.00
C ALA A 676 -37.91 31.50 -41.86
N SER A 677 -36.96 32.42 -42.07
CA SER A 677 -36.04 32.79 -41.00
C SER A 677 -36.72 33.56 -39.88
N VAL A 678 -37.82 34.24 -40.17
CA VAL A 678 -38.53 34.98 -39.13
C VAL A 678 -39.17 34.00 -38.14
N ALA A 679 -39.38 34.48 -36.91
CA ALA A 679 -39.93 33.62 -35.86
C ALA A 679 -41.29 33.06 -36.25
N SER A 680 -42.17 33.92 -36.79
CA SER A 680 -43.51 33.49 -37.19
C SER A 680 -44.22 32.84 -36.01
N THR A 681 -44.23 31.51 -35.95
CA THR A 681 -44.83 30.78 -34.85
C THR A 681 -43.81 29.96 -34.07
N ASN A 682 -43.05 29.10 -34.74
CA ASN A 682 -42.01 28.29 -34.11
C ASN A 682 -40.67 28.39 -34.80
N ARG A 683 -40.65 28.55 -36.13
CA ARG A 683 -39.45 28.62 -36.96
C ARG A 683 -38.77 27.26 -37.12
N ASP A 684 -39.28 26.19 -36.50
CA ASP A 684 -38.69 24.87 -36.64
C ASP A 684 -39.39 24.07 -37.74
N GLU A 685 -40.72 24.02 -37.72
CA GLU A 685 -41.45 23.32 -38.76
C GLU A 685 -41.22 23.96 -40.12
N ALA A 686 -41.27 25.30 -40.18
CA ALA A 686 -41.06 25.99 -41.45
C ALA A 686 -39.63 25.79 -41.96
N LEU A 687 -38.64 25.94 -41.07
CA LEU A 687 -37.26 25.74 -41.50
C LEU A 687 -37.02 24.31 -41.96
N ASP A 688 -37.52 23.33 -41.22
CA ASP A 688 -37.38 21.95 -41.65
C ASP A 688 -38.05 21.72 -42.99
N LYS A 689 -39.23 22.31 -43.20
CA LYS A 689 -39.94 22.14 -44.46
C LYS A 689 -39.12 22.66 -45.63
N VAL A 690 -38.66 23.91 -45.53
CA VAL A 690 -37.87 24.49 -46.62
C VAL A 690 -36.52 23.79 -46.71
N TYR A 691 -35.95 23.38 -45.56
CA TYR A 691 -34.70 22.63 -45.58
C TYR A 691 -34.87 21.33 -46.36
N GLU A 692 -35.99 20.62 -46.15
CA GLU A 692 -36.21 19.36 -46.85
C GLU A 692 -36.23 19.56 -48.35
N GLU A 693 -36.93 20.60 -48.83
CA GLU A 693 -37.09 20.79 -50.26
C GLU A 693 -35.81 21.25 -50.93
N ILE A 694 -34.90 21.89 -50.18
CA ILE A 694 -33.66 22.38 -50.78
C ILE A 694 -32.82 21.20 -51.29
N GLU A 695 -32.75 20.13 -50.51
CA GLU A 695 -31.74 19.08 -50.67
C GLU A 695 -32.29 17.84 -51.36
N LYS A 696 -33.14 17.99 -52.38
CA LYS A 696 -33.66 16.88 -53.13
C LYS A 696 -32.94 16.76 -54.48
N ASP A 697 -32.81 15.51 -54.95
CA ASP A 697 -32.21 15.23 -56.26
C ASP A 697 -30.78 15.75 -56.33
N LEU A 698 -29.92 15.18 -55.49
CA LEU A 698 -28.52 15.55 -55.41
C LEU A 698 -27.64 14.52 -56.11
N ILE A 699 -26.44 14.97 -56.48
CA ILE A 699 -25.47 14.15 -57.21
C ILE A 699 -24.38 13.73 -56.23
N LEU A 700 -24.15 12.43 -56.14
CA LEU A 700 -23.15 11.90 -55.22
C LEU A 700 -21.73 12.13 -55.74
N LEU A 701 -20.84 12.49 -54.82
CA LEU A 701 -19.41 12.52 -55.08
C LEU A 701 -18.69 11.37 -54.41
N GLY A 702 -19.31 10.77 -53.39
CA GLY A 702 -18.75 9.62 -52.70
C GLY A 702 -18.83 9.77 -51.20
N ALA A 703 -17.73 9.52 -50.50
CA ALA A 703 -17.72 9.60 -49.05
C ALA A 703 -16.30 9.86 -48.57
N THR A 704 -16.20 10.29 -47.32
CA THR A 704 -14.93 10.52 -46.65
C THR A 704 -14.71 9.44 -45.60
N ALA A 705 -13.52 9.47 -44.99
CA ALA A 705 -13.18 8.49 -43.96
C ALA A 705 -12.25 9.19 -42.97
N ILE A 706 -12.79 9.54 -41.80
CA ILE A 706 -12.03 10.19 -40.73
C ILE A 706 -11.69 9.14 -39.69
N GLU A 707 -10.43 9.11 -39.27
CA GLU A 707 -9.95 8.18 -38.26
C GLU A 707 -9.73 8.92 -36.95
N ASP A 708 -10.46 8.52 -35.92
CA ASP A 708 -10.21 9.02 -34.56
C ASP A 708 -9.14 8.11 -33.96
N LYS A 709 -7.90 8.55 -34.05
CA LYS A 709 -6.77 7.70 -33.70
C LYS A 709 -6.84 7.26 -32.24
N LEU A 710 -6.69 5.95 -32.02
CA LEU A 710 -6.49 5.41 -30.69
C LEU A 710 -5.03 5.55 -30.30
N GLN A 711 -4.77 5.47 -29.00
CA GLN A 711 -3.40 5.37 -28.54
C GLN A 711 -2.85 3.98 -28.88
N ASP A 712 -1.54 3.91 -29.04
CA ASP A 712 -0.91 2.64 -29.40
C ASP A 712 -1.13 1.62 -28.28
N GLY A 713 -1.47 0.40 -28.67
CA GLY A 713 -1.61 -0.68 -27.71
C GLY A 713 -2.82 -0.58 -26.82
N VAL A 714 -3.84 0.19 -27.22
CA VAL A 714 -5.05 0.34 -26.43
C VAL A 714 -5.91 -0.92 -26.57
N PRO A 715 -6.27 -1.35 -27.78
CA PRO A 715 -7.06 -2.59 -27.89
C PRO A 715 -6.34 -3.80 -27.31
N GLU A 716 -5.01 -3.84 -27.41
CA GLU A 716 -4.26 -4.90 -26.74
C GLU A 716 -4.38 -4.79 -25.23
N THR A 717 -4.34 -3.57 -24.70
CA THR A 717 -4.45 -3.38 -23.26
C THR A 717 -5.81 -3.81 -22.74
N ILE A 718 -6.89 -3.44 -23.45
CA ILE A 718 -8.22 -3.76 -22.97
C ILE A 718 -8.45 -5.26 -22.97
N SER A 719 -7.89 -5.95 -23.96
CA SER A 719 -8.00 -7.41 -24.00
C SER A 719 -7.15 -8.05 -22.90
N LYS A 720 -5.93 -7.53 -22.69
CA LYS A 720 -5.07 -8.09 -21.66
C LYS A 720 -5.67 -7.93 -20.27
N LEU A 721 -6.21 -6.76 -19.98
CA LEU A 721 -6.81 -6.53 -18.66
C LEU A 721 -8.15 -7.24 -18.52
N ALA A 722 -8.86 -7.45 -19.64
CA ALA A 722 -10.09 -8.22 -19.58
C ALA A 722 -9.80 -9.68 -19.24
N LYS A 723 -8.67 -10.20 -19.72
CA LYS A 723 -8.26 -11.55 -19.35
C LYS A 723 -7.93 -11.63 -17.86
N ALA A 724 -7.49 -10.53 -17.26
CA ALA A 724 -7.25 -10.45 -15.84
C ALA A 724 -8.52 -10.25 -15.02
N ASP A 725 -9.70 -10.32 -15.67
CA ASP A 725 -10.98 -10.13 -15.00
C ASP A 725 -11.15 -8.71 -14.47
N ILE A 726 -10.51 -7.74 -15.12
CA ILE A 726 -10.70 -6.33 -14.81
C ILE A 726 -11.72 -5.77 -15.80
N LYS A 727 -12.73 -5.09 -15.28
CA LYS A 727 -13.78 -4.51 -16.10
C LYS A 727 -13.45 -3.05 -16.36
N ILE A 728 -13.47 -2.66 -17.64
CA ILE A 728 -13.08 -1.31 -18.06
C ILE A 728 -14.33 -0.57 -18.47
N TRP A 729 -14.64 0.51 -17.74
CA TRP A 729 -15.77 1.38 -18.04
C TRP A 729 -15.24 2.70 -18.58
N VAL A 730 -15.85 3.20 -19.64
CA VAL A 730 -15.44 4.45 -20.25
C VAL A 730 -16.41 5.54 -19.79
N LEU A 731 -15.90 6.51 -19.04
CA LEU A 731 -16.67 7.65 -18.59
C LEU A 731 -16.14 8.87 -19.33
N THR A 732 -16.96 9.42 -20.22
CA THR A 732 -16.53 10.49 -21.12
C THR A 732 -17.54 11.62 -21.12
N GLY A 733 -17.04 12.84 -21.25
CA GLY A 733 -17.87 14.00 -21.48
C GLY A 733 -18.25 14.22 -22.93
N ASP A 734 -17.79 13.35 -23.83
CA ASP A 734 -18.02 13.50 -25.25
C ASP A 734 -19.42 13.01 -25.62
N LYS A 735 -19.71 13.04 -26.91
CA LYS A 735 -21.02 12.65 -27.43
C LYS A 735 -21.16 11.14 -27.45
N LYS A 736 -22.41 10.68 -27.52
CA LYS A 736 -22.68 9.25 -27.56
C LYS A 736 -22.10 8.62 -28.82
N GLU A 737 -22.28 9.28 -29.98
CA GLU A 737 -21.83 8.69 -31.23
C GLU A 737 -20.31 8.55 -31.26
N THR A 738 -19.58 9.57 -30.80
CA THR A 738 -18.13 9.47 -30.73
C THR A 738 -17.70 8.41 -29.72
N ALA A 739 -18.38 8.36 -28.57
CA ALA A 739 -18.03 7.37 -27.56
C ALA A 739 -18.30 5.95 -28.05
N GLU A 740 -19.44 5.74 -28.72
CA GLU A 740 -19.77 4.41 -29.23
C GLU A 740 -18.81 4.01 -30.34
N ASN A 741 -18.39 4.96 -31.17
CA ASN A 741 -17.46 4.64 -32.25
C ASN A 741 -16.13 4.17 -31.68
N ILE A 742 -15.65 4.82 -30.60
CA ILE A 742 -14.39 4.39 -30.00
C ILE A 742 -14.59 3.10 -29.22
N GLY A 743 -15.82 2.81 -28.79
CA GLY A 743 -16.08 1.53 -28.15
C GLY A 743 -15.83 0.36 -29.08
N PHE A 744 -16.20 0.52 -30.36
CA PHE A 744 -15.92 -0.52 -31.34
C PHE A 744 -14.46 -0.52 -31.76
N ALA A 745 -13.85 0.67 -31.86
CA ALA A 745 -12.44 0.75 -32.23
C ALA A 745 -11.57 0.11 -31.16
N CYS A 746 -11.92 0.30 -29.89
CA CYS A 746 -11.19 -0.32 -28.79
C CYS A 746 -11.51 -1.80 -28.63
N GLU A 747 -12.49 -2.31 -29.36
CA GLU A 747 -13.01 -3.68 -29.23
C GLU A 747 -13.68 -3.91 -27.89
N LEU A 748 -13.99 -2.85 -27.14
CA LEU A 748 -14.85 -3.00 -25.97
C LEU A 748 -16.22 -3.50 -26.40
N LEU A 749 -16.74 -2.96 -27.50
CA LEU A 749 -17.95 -3.45 -28.13
C LEU A 749 -17.59 -4.18 -29.41
N THR A 750 -18.22 -5.34 -29.62
CA THR A 750 -18.06 -6.12 -30.84
C THR A 750 -19.44 -6.39 -31.44
N GLU A 751 -19.45 -7.01 -32.61
CA GLU A 751 -20.71 -7.34 -33.25
C GLU A 751 -21.53 -8.33 -32.42
N ASP A 752 -20.88 -9.08 -31.53
CA ASP A 752 -21.61 -9.98 -30.64
C ASP A 752 -22.41 -9.19 -29.62
N THR A 753 -21.87 -8.08 -29.12
CA THR A 753 -22.57 -7.29 -28.11
C THR A 753 -23.81 -6.65 -28.70
N THR A 754 -24.88 -6.63 -27.92
CA THR A 754 -26.07 -5.85 -28.22
C THR A 754 -26.10 -4.64 -27.31
N ILE A 755 -26.30 -3.47 -27.90
CA ILE A 755 -26.12 -2.20 -27.20
C ILE A 755 -27.42 -1.83 -26.50
N CYS A 756 -27.35 -1.65 -25.18
CA CYS A 756 -28.47 -1.19 -24.38
C CYS A 756 -28.31 0.30 -24.10
N TYR A 757 -29.39 1.04 -24.28
CA TYR A 757 -29.39 2.49 -24.13
C TYR A 757 -30.22 2.89 -22.91
N GLY A 758 -30.19 4.19 -22.61
CA GLY A 758 -30.91 4.68 -21.44
C GLY A 758 -32.40 4.38 -21.51
N GLU A 759 -32.96 4.41 -22.72
CA GLU A 759 -34.36 4.04 -22.88
C GLU A 759 -34.57 2.56 -22.52
N ASP A 760 -33.64 1.70 -22.94
CA ASP A 760 -33.76 0.29 -22.61
C ASP A 760 -33.49 0.03 -21.13
N ILE A 761 -32.52 0.74 -20.56
CA ILE A 761 -32.19 0.54 -19.15
C ILE A 761 -33.37 0.93 -18.27
N ASN A 762 -34.03 2.04 -18.59
CA ASN A 762 -35.09 2.55 -17.73
C ASN A 762 -36.23 1.54 -17.59
N SER A 763 -36.63 0.93 -18.71
CA SER A 763 -37.69 -0.07 -18.64
C SER A 763 -37.26 -1.26 -17.79
N LEU A 764 -36.02 -1.73 -17.97
CA LEU A 764 -35.53 -2.87 -17.20
C LEU A 764 -35.51 -2.55 -15.71
N LEU A 765 -34.96 -1.39 -15.34
CA LEU A 765 -34.96 -0.98 -13.94
C LEU A 765 -36.37 -0.83 -13.41
N HIS A 766 -37.24 -0.18 -14.18
CA HIS A 766 -38.62 0.02 -13.75
C HIS A 766 -39.33 -1.32 -13.54
N ALA A 767 -39.06 -2.29 -14.41
CA ALA A 767 -39.69 -3.59 -14.27
C ALA A 767 -39.30 -4.25 -12.96
N ARG A 768 -38.04 -4.12 -12.55
CA ARG A 768 -37.59 -4.75 -11.32
C ARG A 768 -38.26 -4.15 -10.09
N MET A 769 -38.63 -2.87 -10.14
CA MET A 769 -39.32 -2.28 -9.00
C MET A 769 -40.67 -2.93 -8.77
N GLU A 770 -41.40 -3.22 -9.85
CA GLU A 770 -42.76 -3.75 -9.76
C GLU A 770 -42.80 -5.26 -9.55
N ASN A 771 -41.66 -5.94 -9.52
CA ASN A 771 -41.64 -7.38 -9.34
C ASN A 771 -42.29 -7.78 -8.02
N PHE A 790 -28.35 -11.63 -12.98
CA PHE A 790 -29.79 -11.73 -12.78
C PHE A 790 -30.53 -10.92 -13.85
N PHE A 791 -30.09 -9.69 -14.07
CA PHE A 791 -30.69 -8.85 -15.09
C PHE A 791 -30.42 -9.45 -16.48
N PRO A 792 -31.36 -9.30 -17.42
CA PRO A 792 -31.13 -9.85 -18.77
C PRO A 792 -29.88 -9.28 -19.41
N PRO A 793 -29.53 -8.00 -19.16
CA PRO A 793 -28.25 -7.49 -19.66
C PRO A 793 -27.02 -8.32 -19.31
N GLY A 794 -27.16 -9.32 -18.43
CA GLY A 794 -26.08 -10.26 -18.25
C GLY A 794 -25.66 -10.93 -19.54
N GLY A 795 -26.59 -11.02 -20.50
CA GLY A 795 -26.28 -11.55 -21.82
C GLY A 795 -26.09 -10.48 -22.87
N ASN A 796 -26.65 -9.29 -22.65
CA ASN A 796 -26.49 -8.21 -23.62
C ASN A 796 -25.03 -7.75 -23.68
N ARG A 797 -24.44 -7.49 -22.53
CA ARG A 797 -23.00 -7.25 -22.34
C ARG A 797 -22.55 -5.84 -22.72
N ALA A 798 -23.43 -4.95 -23.16
CA ALA A 798 -23.04 -3.60 -23.52
C ALA A 798 -24.02 -2.60 -22.92
N LEU A 799 -23.51 -1.41 -22.60
CA LEU A 799 -24.30 -0.40 -21.91
C LEU A 799 -23.79 0.97 -22.33
N ILE A 800 -24.59 1.70 -23.11
CA ILE A 800 -24.25 3.06 -23.53
C ILE A 800 -25.32 3.97 -22.95
N ILE A 801 -24.95 4.76 -21.95
CA ILE A 801 -25.88 5.63 -21.26
C ILE A 801 -25.32 7.05 -21.25
N THR A 802 -26.22 8.02 -21.21
CA THR A 802 -25.87 9.43 -21.23
C THR A 802 -25.96 10.01 -19.82
N GLY A 803 -25.18 11.08 -19.59
CA GLY A 803 -25.26 11.77 -18.32
C GLY A 803 -26.65 12.29 -18.02
N SER A 804 -27.40 12.64 -19.06
CA SER A 804 -28.79 13.04 -18.85
C SER A 804 -29.61 11.88 -18.31
N TRP A 805 -29.36 10.67 -18.80
CA TRP A 805 -30.12 9.51 -18.34
C TRP A 805 -29.62 9.00 -16.99
N LEU A 806 -28.38 9.31 -16.62
CA LEU A 806 -27.89 8.94 -15.30
C LEU A 806 -28.72 9.65 -14.22
N ASN A 807 -28.98 10.95 -14.39
CA ASN A 807 -29.78 11.67 -13.43
C ASN A 807 -31.20 11.09 -13.35
N GLU A 808 -31.76 10.72 -14.49
CA GLU A 808 -33.10 10.14 -14.51
C GLU A 808 -33.14 8.84 -13.71
N ILE A 809 -32.11 8.00 -13.87
CA ILE A 809 -32.07 6.73 -13.14
C ILE A 809 -31.62 6.96 -11.71
N LEU A 810 -30.52 7.68 -11.51
CA LEU A 810 -30.08 8.00 -10.15
C LEU A 810 -31.07 8.89 -9.42
N LEU A 811 -31.95 9.59 -10.14
CA LEU A 811 -32.93 10.49 -9.54
C LEU A 811 -32.25 11.57 -8.70
N GLU A 812 -31.12 12.07 -9.19
CA GLU A 812 -30.45 13.19 -8.55
C GLU A 812 -30.88 14.50 -9.19
N LYS A 839 -38.34 12.50 1.88
CA LYS A 839 -38.98 11.68 2.91
C LYS A 839 -38.22 10.38 3.10
N ARG A 840 -38.52 9.68 4.20
CA ARG A 840 -37.86 8.40 4.47
C ARG A 840 -38.19 7.39 3.38
N ARG A 841 -39.46 7.34 2.94
CA ARG A 841 -39.81 6.40 1.88
C ARG A 841 -39.11 6.75 0.58
N LEU A 842 -38.96 8.05 0.29
CA LEU A 842 -38.22 8.45 -0.90
C LEU A 842 -36.76 8.00 -0.82
N GLU A 843 -36.15 8.12 0.36
CA GLU A 843 -34.78 7.64 0.53
C GLU A 843 -34.69 6.14 0.32
N ALA A 844 -35.74 5.40 0.69
CA ALA A 844 -35.75 3.96 0.44
C ALA A 844 -35.69 3.67 -1.06
N LYS A 845 -36.38 4.46 -1.86
CA LYS A 845 -36.34 4.28 -3.31
C LYS A 845 -35.01 4.76 -3.88
N LYS A 846 -34.36 5.73 -3.23
CA LYS A 846 -33.07 6.20 -3.73
C LYS A 846 -32.03 5.10 -3.70
N GLU A 847 -31.86 4.44 -2.55
CA GLU A 847 -30.91 3.34 -2.45
C GLU A 847 -31.33 2.17 -3.34
N GLN A 848 -32.64 1.91 -3.43
CA GLN A 848 -33.12 0.81 -4.26
C GLN A 848 -32.78 1.03 -5.74
N ARG A 849 -33.08 2.21 -6.26
CA ARG A 849 -32.85 2.46 -7.68
C ARG A 849 -31.35 2.50 -7.99
N GLN A 850 -30.55 3.07 -7.08
CA GLN A 850 -29.11 3.05 -7.28
C GLN A 850 -28.56 1.64 -7.23
N LYS A 851 -29.07 0.82 -6.31
CA LYS A 851 -28.58 -0.56 -6.20
C LYS A 851 -28.91 -1.36 -7.45
N ASN A 852 -30.12 -1.21 -7.98
CA ASN A 852 -30.49 -1.96 -9.18
C ASN A 852 -29.64 -1.55 -10.37
N PHE A 853 -29.36 -0.26 -10.53
CA PHE A 853 -28.55 0.18 -11.65
C PHE A 853 -27.15 -0.41 -11.57
N VAL A 854 -26.55 -0.41 -10.39
CA VAL A 854 -25.20 -0.95 -10.25
C VAL A 854 -25.21 -2.45 -10.53
N ASP A 855 -26.27 -3.15 -10.13
CA ASP A 855 -26.38 -4.56 -10.45
C ASP A 855 -26.46 -4.78 -11.95
N LEU A 856 -27.26 -3.97 -12.65
CA LEU A 856 -27.37 -4.10 -14.10
C LEU A 856 -26.06 -3.71 -14.78
N ALA A 857 -25.51 -2.56 -14.42
CA ALA A 857 -24.30 -2.09 -15.08
C ALA A 857 -23.12 -3.02 -14.84
N CYS A 858 -23.11 -3.74 -13.71
CA CYS A 858 -22.04 -4.67 -13.43
C CYS A 858 -22.23 -6.01 -14.14
N GLU A 859 -23.43 -6.30 -14.62
CA GLU A 859 -23.68 -7.47 -15.46
C GLU A 859 -23.58 -7.10 -16.94
N CYS A 860 -22.47 -6.46 -17.30
CA CYS A 860 -22.25 -6.02 -18.67
C CYS A 860 -20.76 -6.01 -18.95
N SER A 861 -20.36 -6.56 -20.10
CA SER A 861 -18.94 -6.62 -20.44
C SER A 861 -18.36 -5.21 -20.58
N ALA A 862 -19.10 -4.30 -21.21
CA ALA A 862 -18.65 -2.94 -21.42
C ALA A 862 -19.75 -1.97 -20.99
N VAL A 863 -19.34 -0.90 -20.31
CA VAL A 863 -20.22 0.21 -19.96
C VAL A 863 -19.56 1.49 -20.41
N ILE A 864 -20.30 2.32 -21.13
CA ILE A 864 -19.80 3.61 -21.59
C ILE A 864 -20.79 4.68 -21.13
N CYS A 865 -20.35 5.56 -20.25
CA CYS A 865 -21.15 6.69 -19.80
C CYS A 865 -20.67 7.94 -20.52
N CYS A 866 -21.59 8.62 -21.20
CA CYS A 866 -21.27 9.74 -22.05
C CYS A 866 -22.06 10.96 -21.61
N ARG A 867 -21.58 12.15 -21.99
CA ARG A 867 -22.22 13.40 -21.63
C ARG A 867 -22.29 13.59 -20.12
N VAL A 868 -21.34 13.01 -19.40
CA VAL A 868 -21.33 13.06 -17.93
C VAL A 868 -20.44 14.20 -17.48
N THR A 869 -20.87 14.89 -16.42
CA THR A 869 -20.09 15.97 -15.83
C THR A 869 -19.01 15.39 -14.92
N PRO A 870 -18.02 16.20 -14.52
CA PRO A 870 -16.95 15.67 -13.68
C PRO A 870 -17.45 15.03 -12.40
N LYS A 871 -18.53 15.55 -11.81
CA LYS A 871 -19.07 14.93 -10.60
C LYS A 871 -19.80 13.63 -10.93
N GLN A 872 -20.48 13.56 -12.07
CA GLN A 872 -21.15 12.34 -12.45
C GLN A 872 -20.16 11.20 -12.69
N LYS A 873 -18.95 11.53 -13.15
CA LYS A 873 -17.93 10.51 -13.28
C LYS A 873 -17.60 9.90 -11.93
N ALA A 874 -17.39 10.74 -10.92
CA ALA A 874 -17.06 10.24 -9.59
C ALA A 874 -18.25 9.54 -8.95
N MET A 875 -19.47 9.94 -9.31
CA MET A 875 -20.66 9.26 -8.80
C MET A 875 -20.68 7.81 -9.24
N VAL A 876 -20.35 7.55 -10.51
CA VAL A 876 -20.33 6.18 -11.01
C VAL A 876 -19.24 5.37 -10.31
N VAL A 877 -18.06 5.97 -10.12
CA VAL A 877 -17.00 5.28 -9.39
C VAL A 877 -17.45 5.02 -7.96
N ASP A 878 -18.08 6.00 -7.31
CA ASP A 878 -18.57 5.80 -5.96
C ASP A 878 -19.62 4.70 -5.91
N LEU A 879 -20.52 4.67 -6.89
CA LEU A 879 -21.60 3.68 -6.87
C LEU A 879 -21.03 2.26 -6.87
N VAL A 880 -20.01 2.01 -7.69
CA VAL A 880 -19.39 0.69 -7.69
C VAL A 880 -18.71 0.41 -6.37
N LYS A 881 -18.09 1.42 -5.77
CA LYS A 881 -17.40 1.23 -4.49
C LYS A 881 -18.39 0.82 -3.40
N ARG A 882 -19.48 1.56 -3.26
CA ARG A 882 -20.41 1.31 -2.16
C ARG A 882 -21.22 0.04 -2.38
N TYR A 883 -21.73 -0.17 -3.59
CA TYR A 883 -22.71 -1.23 -3.83
C TYR A 883 -22.09 -2.52 -4.33
N LYS A 884 -20.78 -2.54 -4.61
CA LYS A 884 -20.08 -3.77 -4.98
C LYS A 884 -18.87 -4.06 -4.11
N LYS A 885 -18.42 -3.10 -3.29
CA LYS A 885 -17.20 -3.27 -2.48
C LYS A 885 -16.00 -3.59 -3.36
N ALA A 886 -16.01 -3.08 -4.59
CA ALA A 886 -14.94 -3.34 -5.54
C ALA A 886 -13.82 -2.33 -5.38
N ILE A 887 -12.61 -2.77 -5.69
CA ILE A 887 -11.45 -1.87 -5.76
C ILE A 887 -11.43 -1.27 -7.16
N THR A 888 -11.45 0.06 -7.21
CA THR A 888 -11.68 0.79 -8.45
C THR A 888 -10.44 1.58 -8.84
N LEU A 889 -10.17 1.62 -10.13
CA LEU A 889 -9.12 2.46 -10.70
C LEU A 889 -9.75 3.48 -11.63
N ALA A 890 -9.25 4.71 -11.58
CA ALA A 890 -9.72 5.79 -12.43
C ALA A 890 -8.54 6.36 -13.19
N ILE A 891 -8.64 6.38 -14.52
CA ILE A 891 -7.58 6.86 -15.39
C ILE A 891 -8.15 7.90 -16.32
N GLY A 892 -7.41 8.98 -16.55
CA GLY A 892 -7.90 10.02 -17.44
C GLY A 892 -6.89 11.13 -17.55
N ASP A 893 -7.25 12.11 -18.40
CA ASP A 893 -6.44 13.31 -18.61
C ASP A 893 -7.34 14.53 -18.49
N GLY A 894 -6.75 15.64 -18.05
CA GLY A 894 -7.47 16.90 -17.96
C GLY A 894 -8.28 17.01 -16.68
N ALA A 895 -8.80 18.22 -16.45
CA ALA A 895 -9.54 18.50 -15.24
C ALA A 895 -10.89 17.78 -15.19
N ASN A 896 -11.39 17.31 -16.34
CA ASN A 896 -12.67 16.64 -16.36
C ASN A 896 -12.67 15.38 -15.50
N ASP A 897 -11.50 14.77 -15.30
CA ASP A 897 -11.38 13.48 -14.65
C ASP A 897 -10.81 13.56 -13.23
N VAL A 898 -10.51 14.76 -12.74
CA VAL A 898 -9.85 14.88 -11.44
C VAL A 898 -10.78 14.37 -10.33
N ASN A 899 -12.08 14.61 -10.46
CA ASN A 899 -13.00 14.20 -9.41
C ASN A 899 -13.05 12.68 -9.25
N MET A 900 -13.07 11.95 -10.36
CA MET A 900 -13.10 10.50 -10.27
C MET A 900 -11.71 9.91 -10.02
N ILE A 901 -10.65 10.61 -10.46
CA ILE A 901 -9.30 10.20 -10.10
C ILE A 901 -9.10 10.33 -8.59
N LYS A 902 -9.71 11.37 -7.99
CA LYS A 902 -9.66 11.54 -6.55
C LYS A 902 -10.59 10.59 -5.81
N THR A 903 -11.65 10.10 -6.46
CA THR A 903 -12.65 9.28 -5.81
C THR A 903 -12.31 7.79 -5.84
N ALA A 904 -11.70 7.30 -6.92
CA ALA A 904 -11.40 5.89 -7.03
C ALA A 904 -10.38 5.47 -5.97
N HIS A 905 -10.28 4.16 -5.75
CA HIS A 905 -9.25 3.65 -4.86
C HIS A 905 -7.86 3.96 -5.40
N ILE A 906 -7.66 3.81 -6.70
CA ILE A 906 -6.44 4.22 -7.38
C ILE A 906 -6.80 5.20 -8.48
N GLY A 907 -5.98 6.23 -8.63
CA GLY A 907 -6.20 7.22 -9.66
C GLY A 907 -4.97 7.42 -10.52
N VAL A 908 -5.13 7.29 -11.83
CA VAL A 908 -4.03 7.43 -12.78
C VAL A 908 -4.29 8.67 -13.64
N GLY A 909 -3.23 9.44 -13.88
CA GLY A 909 -3.34 10.62 -14.71
C GLY A 909 -2.47 10.53 -15.94
N ILE A 910 -3.09 10.58 -17.12
CA ILE A 910 -2.34 10.52 -18.37
C ILE A 910 -1.63 11.86 -18.59
N SER A 911 -0.34 11.80 -18.86
CA SER A 911 0.45 13.01 -19.06
C SER A 911 0.29 13.54 -20.48
N GLY A 912 0.35 14.86 -20.61
CA GLY A 912 0.23 15.51 -21.90
C GLY A 912 -0.54 16.81 -21.85
N GLN A 913 -1.46 16.92 -20.89
CA GLN A 913 -2.18 18.16 -20.69
C GLN A 913 -1.26 19.21 -20.07
N GLU A 914 -1.21 20.39 -20.68
CA GLU A 914 -0.37 21.46 -20.15
C GLU A 914 -0.85 21.92 -18.78
N GLY A 915 -2.16 21.82 -18.52
CA GLY A 915 -2.66 22.16 -17.21
C GLY A 915 -2.16 21.23 -16.12
N MET A 916 -2.01 19.95 -16.47
CA MET A 916 -1.50 18.93 -15.53
C MET A 916 -2.39 18.84 -14.30
N GLN A 917 -3.70 18.74 -14.53
CA GLN A 917 -4.67 18.66 -13.45
C GLN A 917 -5.02 17.23 -13.06
N ALA A 918 -5.13 16.33 -14.04
CA ALA A 918 -5.30 14.92 -13.72
C ALA A 918 -3.99 14.30 -13.22
N VAL A 919 -2.85 14.79 -13.71
CA VAL A 919 -1.57 14.25 -13.31
C VAL A 919 -1.28 14.58 -11.84
N MET A 920 -1.53 15.82 -11.44
CA MET A 920 -1.20 16.27 -10.09
C MET A 920 -2.25 15.89 -9.06
N SER A 921 -3.34 15.24 -9.46
CA SER A 921 -4.34 14.73 -8.53
C SER A 921 -4.37 13.20 -8.50
N SER A 922 -3.38 12.55 -9.08
CA SER A 922 -3.38 11.11 -9.29
C SER A 922 -2.32 10.44 -8.44
N ASP A 923 -2.55 9.16 -8.13
CA ASP A 923 -1.55 8.38 -7.40
C ASP A 923 -0.38 8.03 -8.31
N TYR A 924 -0.66 7.68 -9.56
CA TYR A 924 0.36 7.36 -10.55
C TYR A 924 0.06 8.13 -11.82
N SER A 925 1.09 8.42 -12.61
CA SER A 925 0.91 9.23 -13.81
C SER A 925 1.98 8.85 -14.83
N PHE A 926 1.58 8.07 -15.84
CA PHE A 926 2.36 7.84 -17.05
C PHE A 926 1.64 8.50 -18.22
N ALA A 927 2.18 8.30 -19.42
CA ALA A 927 1.67 8.97 -20.62
C ALA A 927 0.79 8.09 -21.49
N GLN A 928 1.15 6.83 -21.68
CA GLN A 928 0.42 5.95 -22.60
C GLN A 928 -0.53 5.05 -21.82
N PHE A 929 -1.73 4.88 -22.36
CA PHE A 929 -2.72 4.01 -21.73
C PHE A 929 -2.23 2.58 -21.66
N ARG A 930 -1.42 2.14 -22.63
CA ARG A 930 -0.93 0.76 -22.65
C ARG A 930 -0.03 0.44 -21.47
N TYR A 931 0.51 1.46 -20.80
CA TYR A 931 1.33 1.23 -19.62
C TYR A 931 0.51 0.76 -18.43
N LEU A 932 -0.82 0.79 -18.54
CA LEU A 932 -1.67 0.16 -17.53
C LEU A 932 -1.41 -1.33 -17.42
N GLN A 933 -0.85 -1.95 -18.47
CA GLN A 933 -0.56 -3.37 -18.42
C GLN A 933 0.50 -3.69 -17.37
N ARG A 934 1.61 -2.96 -17.40
CA ARG A 934 2.71 -3.20 -16.47
C ARG A 934 2.42 -2.67 -15.07
N LEU A 935 1.65 -1.59 -14.96
CA LEU A 935 1.33 -1.06 -13.64
C LEU A 935 0.52 -2.08 -12.84
N LEU A 936 -0.43 -2.76 -13.49
CA LEU A 936 -1.33 -3.68 -12.81
C LEU A 936 -0.78 -5.09 -12.77
N LEU A 937 -0.38 -5.63 -13.92
CA LEU A 937 -0.04 -7.04 -14.01
C LEU A 937 1.38 -7.34 -13.54
N VAL A 938 2.27 -6.36 -13.61
CA VAL A 938 3.66 -6.57 -13.19
C VAL A 938 3.89 -5.89 -11.85
N HIS A 939 3.74 -4.56 -11.81
CA HIS A 939 4.05 -3.82 -10.59
C HIS A 939 2.99 -4.06 -9.52
N GLY A 940 1.71 -3.99 -9.90
CA GLY A 940 0.65 -4.21 -8.92
C GLY A 940 0.59 -5.65 -8.46
N ARG A 941 0.82 -6.60 -9.37
CA ARG A 941 0.78 -8.01 -8.99
C ARG A 941 1.92 -8.37 -8.05
N TRP A 942 3.13 -7.91 -8.35
CA TRP A 942 4.27 -8.18 -7.47
C TRP A 942 4.11 -7.47 -6.14
N SER A 943 3.63 -6.23 -6.15
CA SER A 943 3.48 -5.48 -4.91
C SER A 943 2.48 -6.15 -3.97
N TYR A 944 1.47 -6.82 -4.53
CA TYR A 944 0.57 -7.59 -3.67
C TYR A 944 1.24 -8.84 -3.13
N ILE A 945 1.98 -9.55 -3.98
CA ILE A 945 2.71 -10.73 -3.54
C ILE A 945 3.76 -10.34 -2.52
N ARG A 946 4.50 -9.26 -2.80
CA ARG A 946 5.63 -8.88 -1.94
C ARG A 946 5.17 -8.25 -0.63
N MET A 947 3.91 -7.83 -0.53
CA MET A 947 3.38 -7.26 0.70
C MET A 947 2.77 -8.34 1.59
N CYS A 948 1.94 -9.21 1.02
CA CYS A 948 1.36 -10.30 1.80
C CYS A 948 2.44 -11.25 2.30
N LYS A 949 3.45 -11.52 1.48
CA LYS A 949 4.61 -12.27 1.95
C LYS A 949 5.29 -11.56 3.10
N PHE A 950 5.46 -10.24 2.98
CA PHE A 950 6.11 -9.47 4.03
C PHE A 950 5.31 -9.52 5.33
N LEU A 951 3.98 -9.36 5.23
CA LEU A 951 3.16 -9.26 6.43
C LEU A 951 3.09 -10.60 7.16
N ARG A 952 2.91 -11.70 6.43
CA ARG A 952 2.77 -13.00 7.08
C ARG A 952 4.04 -13.39 7.80
N TYR A 953 5.20 -13.18 7.18
CA TYR A 953 6.46 -13.52 7.84
C TYR A 953 6.76 -12.58 8.99
N PHE A 954 6.53 -11.28 8.80
CA PHE A 954 6.91 -10.32 9.82
C PHE A 954 6.14 -10.56 11.11
N PHE A 955 4.86 -10.90 11.00
CA PHE A 955 4.10 -11.29 12.18
C PHE A 955 4.63 -12.60 12.75
N TYR A 956 4.87 -13.59 11.88
CA TYR A 956 5.42 -14.86 12.32
C TYR A 956 6.69 -14.67 13.15
N LYS A 957 7.64 -13.91 12.61
CA LYS A 957 8.94 -13.77 13.28
C LYS A 957 8.84 -13.04 14.60
N ASN A 958 7.74 -12.31 14.86
CA ASN A 958 7.57 -11.56 16.08
C ASN A 958 6.65 -12.24 17.08
N PHE A 959 5.74 -13.11 16.61
CA PHE A 959 4.98 -13.94 17.55
C PHE A 959 5.82 -15.08 18.08
N ALA A 960 6.69 -15.64 17.23
CA ALA A 960 7.65 -16.63 17.72
C ALA A 960 8.62 -16.00 18.71
N PHE A 961 9.05 -14.77 18.42
CA PHE A 961 9.98 -14.06 19.30
C PHE A 961 9.37 -13.81 20.67
N THR A 962 8.17 -13.24 20.70
CA THR A 962 7.65 -12.66 21.94
C THR A 962 6.91 -13.69 22.80
N LEU A 963 6.39 -14.76 22.21
CA LEU A 963 5.62 -15.73 22.97
C LEU A 963 6.52 -16.68 23.76
N VAL A 964 7.83 -16.61 23.56
CA VAL A 964 8.75 -17.34 24.44
C VAL A 964 8.68 -16.78 25.85
N HIS A 965 8.41 -15.48 25.98
CA HIS A 965 8.19 -14.90 27.30
C HIS A 965 6.95 -15.48 27.94
N PHE A 966 5.91 -15.73 27.15
CA PHE A 966 4.68 -16.30 27.70
C PHE A 966 4.92 -17.69 28.26
N TRP A 967 5.71 -18.51 27.54
CA TRP A 967 5.96 -19.86 28.00
C TRP A 967 6.85 -19.88 29.24
N TYR A 968 7.80 -18.94 29.31
CA TYR A 968 8.68 -18.86 30.46
C TYR A 968 7.96 -18.42 31.73
N SER A 969 6.78 -17.81 31.59
CA SER A 969 6.05 -17.35 32.77
C SER A 969 5.68 -18.50 33.69
N PHE A 970 5.49 -19.70 33.14
CA PHE A 970 5.13 -20.85 33.96
C PHE A 970 6.31 -21.43 34.74
N PHE A 971 7.51 -20.88 34.56
CA PHE A 971 8.70 -21.38 35.23
C PHE A 971 9.50 -20.29 35.92
N ASN A 972 8.92 -19.10 36.09
CA ASN A 972 9.61 -18.02 36.80
C ASN A 972 8.68 -17.26 37.73
N GLY A 973 7.57 -17.87 38.14
CA GLY A 973 6.63 -17.21 39.03
C GLY A 973 5.67 -16.25 38.36
N TYR A 974 5.56 -16.30 37.03
CA TYR A 974 4.75 -15.34 36.28
C TYR A 974 5.21 -13.91 36.57
N SER A 975 6.52 -13.74 36.69
CA SER A 975 7.11 -12.48 37.15
C SER A 975 7.49 -11.55 36.01
N ALA A 976 7.16 -11.89 34.77
CA ALA A 976 7.46 -11.07 33.59
C ALA A 976 8.95 -11.01 33.28
N GLN A 977 9.73 -11.96 33.78
CA GLN A 977 11.13 -12.05 33.40
C GLN A 977 11.23 -12.45 31.93
N THR A 978 12.08 -11.73 31.18
CA THR A 978 12.24 -12.02 29.77
C THR A 978 13.17 -13.20 29.56
N ALA A 979 12.89 -13.97 28.51
CA ALA A 979 13.70 -15.14 28.17
C ALA A 979 14.94 -14.78 27.36
N TYR A 980 15.08 -13.54 26.90
CA TYR A 980 16.25 -13.09 26.18
C TYR A 980 16.93 -11.95 26.93
N GLU A 981 18.22 -11.79 26.68
CA GLU A 981 18.94 -10.65 27.23
C GLU A 981 18.34 -9.36 26.68
N ASP A 982 18.38 -8.30 27.49
CA ASP A 982 17.76 -7.05 27.09
C ASP A 982 18.31 -6.54 25.77
N TRP A 983 19.61 -6.76 25.51
CA TRP A 983 20.18 -6.28 24.26
C TRP A 983 19.64 -7.04 23.05
N PHE A 984 19.28 -8.31 23.22
CA PHE A 984 18.69 -9.05 22.12
C PHE A 984 17.29 -8.53 21.79
N ILE A 985 16.53 -8.15 22.81
CA ILE A 985 15.15 -7.71 22.58
C ILE A 985 15.12 -6.42 21.78
N THR A 986 16.09 -5.53 22.01
CA THR A 986 16.10 -4.26 21.28
C THR A 986 16.53 -4.47 19.82
N LEU A 987 17.52 -5.33 19.59
CA LEU A 987 18.13 -5.49 18.28
C LEU A 987 17.49 -6.59 17.44
N TYR A 988 16.44 -7.24 17.93
CA TYR A 988 15.85 -8.35 17.19
C TYR A 988 15.35 -7.88 15.82
N ASN A 989 14.37 -6.98 15.82
CA ASN A 989 13.79 -6.49 14.58
C ASN A 989 14.64 -5.42 13.90
N VAL A 990 15.75 -5.03 14.50
CA VAL A 990 16.64 -4.01 13.94
C VAL A 990 17.77 -4.65 13.14
N LEU A 991 18.52 -5.56 13.76
CA LEU A 991 19.73 -6.10 13.17
C LEU A 991 19.64 -7.55 12.72
N TYR A 992 18.75 -8.35 13.32
CA TYR A 992 18.78 -9.79 13.15
C TYR A 992 17.69 -10.35 12.26
N THR A 993 16.58 -9.63 12.07
CA THR A 993 15.49 -10.10 11.23
C THR A 993 14.90 -8.97 10.40
N SER A 994 15.72 -7.98 10.03
CA SER A 994 15.24 -6.78 9.36
C SER A 994 15.50 -6.81 7.86
N LEU A 995 16.76 -6.95 7.45
CA LEU A 995 17.09 -6.88 6.03
C LEU A 995 16.44 -7.98 5.21
N PRO A 996 16.45 -9.26 5.62
CA PRO A 996 15.93 -10.31 4.73
C PRO A 996 14.48 -10.10 4.30
N VAL A 997 13.62 -9.61 5.20
CA VAL A 997 12.22 -9.42 4.84
C VAL A 997 12.01 -8.15 4.04
N LEU A 998 12.90 -7.16 4.18
CA LEU A 998 12.78 -5.96 3.35
C LEU A 998 13.22 -6.24 1.91
N LEU A 999 14.31 -6.98 1.73
CA LEU A 999 14.74 -7.35 0.38
C LEU A 999 13.71 -8.25 -0.29
N MET A 1000 13.13 -9.19 0.46
CA MET A 1000 12.10 -10.04 -0.11
C MET A 1000 10.86 -9.24 -0.47
N GLY A 1001 10.61 -8.13 0.22
CA GLY A 1001 9.52 -7.24 -0.10
C GLY A 1001 9.81 -6.27 -1.22
N LEU A 1002 11.03 -6.26 -1.74
CA LEU A 1002 11.42 -5.38 -2.83
C LEU A 1002 11.96 -6.11 -4.05
N LEU A 1003 12.16 -7.43 -3.98
CA LEU A 1003 12.81 -8.15 -5.08
C LEU A 1003 12.13 -9.47 -5.41
N ASP A 1004 11.11 -9.89 -4.67
CA ASP A 1004 10.53 -11.22 -4.84
C ASP A 1004 9.55 -11.20 -6.02
N GLN A 1005 9.83 -12.03 -7.02
CA GLN A 1005 8.96 -12.24 -8.17
C GLN A 1005 8.67 -13.73 -8.28
N ASP A 1006 7.39 -14.09 -8.32
CA ASP A 1006 7.05 -15.49 -8.59
C ASP A 1006 7.36 -15.85 -10.03
N VAL A 1007 6.99 -14.98 -10.97
CA VAL A 1007 7.28 -15.15 -12.39
C VAL A 1007 7.85 -13.85 -12.93
N SER A 1008 8.46 -13.93 -14.12
CA SER A 1008 9.08 -12.77 -14.72
C SER A 1008 8.01 -11.80 -15.23
N ASP A 1009 8.49 -10.61 -15.63
CA ASP A 1009 7.57 -9.61 -16.19
C ASP A 1009 6.96 -10.10 -17.49
N LYS A 1010 7.74 -10.78 -18.33
CA LYS A 1010 7.20 -11.32 -19.57
C LYS A 1010 6.12 -12.36 -19.27
N LEU A 1011 6.39 -13.26 -18.33
CA LEU A 1011 5.38 -14.24 -17.94
C LEU A 1011 4.24 -13.62 -17.16
N SER A 1012 4.45 -12.44 -16.58
CA SER A 1012 3.37 -11.74 -15.90
C SER A 1012 2.34 -11.22 -16.91
N LEU A 1013 2.82 -10.64 -18.01
CA LEU A 1013 1.91 -10.16 -19.05
C LEU A 1013 1.38 -11.30 -19.89
N ARG A 1014 2.21 -12.31 -20.17
CA ARG A 1014 1.75 -13.46 -20.94
C ARG A 1014 0.64 -14.23 -20.24
N PHE A 1015 0.56 -14.14 -18.91
CA PHE A 1015 -0.46 -14.81 -18.11
C PHE A 1015 -1.15 -13.79 -17.22
N PRO A 1016 -2.09 -13.01 -17.79
CA PRO A 1016 -2.85 -12.08 -16.95
C PRO A 1016 -3.70 -12.77 -15.89
N GLY A 1017 -3.98 -14.06 -16.04
CA GLY A 1017 -4.76 -14.77 -15.05
C GLY A 1017 -4.10 -14.89 -13.70
N LEU A 1018 -2.80 -14.58 -13.61
CA LEU A 1018 -2.14 -14.51 -12.32
C LEU A 1018 -2.60 -13.30 -11.51
N TYR A 1019 -3.24 -12.32 -12.16
CA TYR A 1019 -3.74 -11.15 -11.45
C TYR A 1019 -4.91 -11.50 -10.54
N ILE A 1020 -5.65 -12.55 -10.85
CA ILE A 1020 -6.80 -12.94 -10.04
C ILE A 1020 -6.40 -13.33 -8.63
N VAL A 1021 -5.11 -13.57 -8.40
CA VAL A 1021 -4.64 -13.95 -7.07
C VAL A 1021 -4.96 -12.85 -6.07
N GLY A 1022 -4.62 -11.61 -6.41
CA GLY A 1022 -4.95 -10.49 -5.55
C GLY A 1022 -6.38 -10.03 -5.63
N GLN A 1023 -7.01 -10.15 -6.80
CA GLN A 1023 -8.40 -9.74 -6.94
C GLN A 1023 -9.30 -10.49 -5.98
N ARG A 1024 -8.97 -11.75 -5.68
CA ARG A 1024 -9.78 -12.59 -4.80
C ARG A 1024 -9.31 -12.56 -3.35
N ASP A 1025 -8.25 -11.81 -3.03
CA ASP A 1025 -7.76 -11.67 -1.66
C ASP A 1025 -7.40 -13.04 -1.06
N LEU A 1026 -6.39 -13.65 -1.67
CA LEU A 1026 -5.98 -15.00 -1.29
C LEU A 1026 -4.75 -15.05 -0.39
N LEU A 1027 -3.78 -14.15 -0.58
CA LEU A 1027 -2.52 -14.22 0.16
C LEU A 1027 -2.54 -13.47 1.49
N PHE A 1028 -3.61 -12.76 1.81
CA PHE A 1028 -3.73 -12.13 3.12
C PHE A 1028 -5.19 -12.19 3.53
N ASN A 1029 -5.45 -12.84 4.65
CA ASN A 1029 -6.81 -13.13 5.08
C ASN A 1029 -6.80 -13.30 6.59
N TYR A 1030 -7.97 -13.60 7.15
CA TYR A 1030 -8.02 -14.05 8.54
C TYR A 1030 -7.44 -15.45 8.65
N LYS A 1031 -7.73 -16.32 7.69
CA LYS A 1031 -7.16 -17.66 7.70
C LYS A 1031 -5.66 -17.63 7.49
N ARG A 1032 -5.20 -16.87 6.48
CA ARG A 1032 -3.76 -16.76 6.25
C ARG A 1032 -3.06 -16.09 7.41
N PHE A 1033 -3.70 -15.09 8.03
CA PHE A 1033 -3.12 -14.41 9.17
C PHE A 1033 -3.05 -15.33 10.38
N PHE A 1034 -4.15 -16.01 10.69
CA PHE A 1034 -4.16 -16.91 11.84
C PHE A 1034 -3.22 -18.09 11.63
N VAL A 1035 -3.03 -18.52 10.39
CA VAL A 1035 -2.09 -19.61 10.13
C VAL A 1035 -0.67 -19.17 10.46
N SER A 1036 -0.37 -17.88 10.34
CA SER A 1036 0.91 -17.36 10.79
C SER A 1036 0.94 -17.12 12.29
N LEU A 1037 -0.23 -17.01 12.93
CA LEU A 1037 -0.27 -17.00 14.39
C LEU A 1037 0.07 -18.37 14.96
N LEU A 1038 -0.54 -19.42 14.40
CA LEU A 1038 -0.21 -20.76 14.85
C LEU A 1038 1.26 -21.07 14.60
N HIS A 1039 1.77 -20.71 13.42
CA HIS A 1039 3.17 -20.98 13.12
C HIS A 1039 4.09 -20.27 14.09
N GLY A 1040 3.79 -19.01 14.42
CA GLY A 1040 4.56 -18.32 15.43
C GLY A 1040 4.37 -18.90 16.81
N VAL A 1041 3.14 -19.33 17.13
CA VAL A 1041 2.87 -19.91 18.44
C VAL A 1041 3.64 -21.22 18.61
N LEU A 1042 3.61 -22.07 17.57
CA LEU A 1042 4.30 -23.36 17.67
C LEU A 1042 5.81 -23.19 17.60
N THR A 1043 6.29 -22.16 16.91
CA THR A 1043 7.73 -21.91 16.86
C THR A 1043 8.24 -21.42 18.21
N SER A 1044 7.48 -20.57 18.88
CA SER A 1044 7.84 -20.15 20.23
C SER A 1044 7.78 -21.32 21.20
N MET A 1045 6.79 -22.20 21.04
CA MET A 1045 6.68 -23.37 21.90
C MET A 1045 7.89 -24.27 21.76
N ILE A 1046 8.32 -24.54 20.52
CA ILE A 1046 9.48 -25.39 20.31
C ILE A 1046 10.75 -24.69 20.75
N LEU A 1047 10.87 -23.40 20.48
CA LEU A 1047 12.09 -22.67 20.79
C LEU A 1047 12.32 -22.53 22.29
N PHE A 1048 11.29 -22.74 23.11
CA PHE A 1048 11.42 -22.67 24.56
C PHE A 1048 11.48 -24.03 25.23
N PHE A 1049 10.77 -25.03 24.69
CA PHE A 1049 10.59 -26.29 25.39
C PHE A 1049 11.63 -27.34 25.01
N ILE A 1050 12.34 -27.19 23.90
CA ILE A 1050 13.45 -28.08 23.60
C ILE A 1050 14.64 -27.63 24.43
N PRO A 1051 14.97 -26.34 24.47
CA PRO A 1051 16.00 -25.89 25.43
C PRO A 1051 15.63 -26.15 26.87
N LEU A 1052 14.34 -26.06 27.23
CA LEU A 1052 13.93 -26.34 28.61
C LEU A 1052 14.25 -27.79 28.97
N GLY A 1053 13.85 -28.73 28.12
CA GLY A 1053 14.17 -30.12 28.35
C GLY A 1053 15.67 -30.37 28.38
N ALA A 1054 16.43 -29.64 27.57
CA ALA A 1054 17.87 -29.83 27.53
C ALA A 1054 18.58 -29.24 28.75
N TYR A 1055 17.91 -28.36 29.50
CA TYR A 1055 18.48 -27.80 30.72
C TYR A 1055 17.74 -28.22 31.98
N LEU A 1056 16.55 -28.79 31.86
CA LEU A 1056 16.01 -29.54 32.97
C LEU A 1056 16.86 -30.76 33.27
N GLN A 1057 17.69 -31.18 32.32
CA GLN A 1057 18.57 -32.34 32.47
C GLN A 1057 20.04 -31.95 32.42
N THR A 1058 20.35 -30.74 32.89
CA THR A 1058 21.71 -30.36 33.30
C THR A 1058 22.70 -30.47 32.14
N VAL A 1059 22.51 -29.57 31.17
CA VAL A 1059 23.38 -29.51 29.99
C VAL A 1059 24.83 -29.36 30.41
N GLY A 1060 25.69 -30.19 29.80
CA GLY A 1060 27.13 -30.04 29.88
C GLY A 1060 27.67 -29.62 31.23
N GLN A 1061 27.35 -30.37 32.28
CA GLN A 1061 27.71 -29.95 33.63
C GLN A 1061 29.22 -29.97 33.80
N ASP A 1062 29.74 -28.86 34.32
CA ASP A 1062 31.17 -28.63 34.50
C ASP A 1062 31.28 -27.26 35.15
N GLY A 1063 32.50 -26.89 35.55
CA GLY A 1063 32.73 -25.57 36.08
C GLY A 1063 32.45 -24.45 35.08
N GLU A 1064 32.33 -24.78 33.80
CA GLU A 1064 32.16 -23.79 32.74
C GLU A 1064 30.77 -23.81 32.10
N ALA A 1065 29.82 -24.56 32.67
CA ALA A 1065 28.46 -24.57 32.11
C ALA A 1065 27.43 -25.12 33.08
N PRO A 1066 27.08 -24.39 34.16
CA PRO A 1066 26.03 -24.82 35.08
C PRO A 1066 24.63 -24.32 34.69
N SER A 1067 24.29 -24.45 33.40
CA SER A 1067 22.95 -24.19 32.89
C SER A 1067 22.35 -22.91 33.48
N ASP A 1068 23.10 -21.81 33.35
CA ASP A 1068 22.70 -20.55 33.95
C ASP A 1068 21.54 -19.94 33.16
N TYR A 1069 21.11 -18.75 33.54
CA TYR A 1069 20.07 -18.05 32.81
C TYR A 1069 20.57 -17.47 31.50
N GLN A 1070 21.82 -16.99 31.48
CA GLN A 1070 22.35 -16.42 30.25
C GLN A 1070 22.42 -17.46 29.15
N SER A 1071 22.82 -18.69 29.49
CA SER A 1071 22.84 -19.77 28.51
C SER A 1071 21.44 -20.07 28.00
N PHE A 1072 20.46 -20.10 28.90
CA PHE A 1072 19.08 -20.29 28.47
C PHE A 1072 18.64 -19.18 27.54
N ALA A 1073 18.99 -17.94 27.85
CA ALA A 1073 18.63 -16.83 26.97
C ALA A 1073 19.38 -16.89 25.65
N VAL A 1074 20.67 -17.23 25.70
CA VAL A 1074 21.49 -17.19 24.49
C VAL A 1074 21.07 -18.28 23.52
N THR A 1075 20.67 -19.44 24.04
CA THR A 1075 20.34 -20.57 23.16
C THR A 1075 19.02 -20.33 22.44
N ILE A 1076 18.00 -19.86 23.15
CA ILE A 1076 16.72 -19.63 22.50
C ILE A 1076 16.86 -18.50 21.49
N ALA A 1077 17.62 -17.46 21.82
CA ALA A 1077 17.90 -16.41 20.86
C ALA A 1077 18.69 -16.94 19.68
N SER A 1078 19.68 -17.80 19.94
CA SER A 1078 20.47 -18.36 18.86
C SER A 1078 19.62 -19.25 17.96
N ALA A 1079 18.75 -20.07 18.54
CA ALA A 1079 17.86 -20.89 17.74
C ALA A 1079 16.78 -20.05 17.07
N LEU A 1080 16.34 -18.96 17.72
CA LEU A 1080 15.33 -18.11 17.13
C LEU A 1080 15.86 -17.39 15.91
N VAL A 1081 17.06 -16.83 15.99
CA VAL A 1081 17.63 -16.07 14.86
C VAL A 1081 17.81 -16.98 13.66
N ILE A 1082 18.35 -18.18 13.88
CA ILE A 1082 18.57 -19.11 12.77
C ILE A 1082 17.25 -19.56 12.17
N THR A 1083 16.29 -19.92 13.03
CA THR A 1083 15.02 -20.46 12.54
C THR A 1083 14.28 -19.45 11.68
N VAL A 1084 14.15 -18.21 12.16
CA VAL A 1084 13.40 -17.20 11.42
C VAL A 1084 14.14 -16.81 10.15
N ASN A 1085 15.46 -16.72 10.22
CA ASN A 1085 16.23 -16.35 9.03
C ASN A 1085 16.25 -17.46 8.00
N PHE A 1086 16.06 -18.72 8.42
CA PHE A 1086 15.86 -19.79 7.46
C PHE A 1086 14.45 -19.75 6.87
N GLN A 1087 13.47 -19.38 7.68
CA GLN A 1087 12.09 -19.33 7.20
C GLN A 1087 11.94 -18.31 6.07
N ILE A 1088 12.56 -17.13 6.22
CA ILE A 1088 12.52 -16.14 5.14
C ILE A 1088 13.20 -16.69 3.90
N GLY A 1089 14.25 -17.49 4.06
CA GLY A 1089 14.87 -18.12 2.90
C GLY A 1089 13.92 -19.03 2.16
N LEU A 1090 13.13 -19.82 2.91
CA LEU A 1090 12.10 -20.63 2.28
C LEU A 1090 10.97 -19.79 1.72
N ASP A 1091 10.74 -18.60 2.29
CA ASP A 1091 9.71 -17.72 1.77
C ASP A 1091 10.14 -17.07 0.47
N THR A 1092 11.41 -16.66 0.38
CA THR A 1092 11.91 -16.04 -0.83
C THR A 1092 11.89 -17.03 -1.99
N SER A 1093 11.34 -16.58 -3.12
CA SER A 1093 11.36 -17.34 -4.36
C SER A 1093 12.33 -16.80 -5.39
N TYR A 1094 12.64 -15.51 -5.33
CA TYR A 1094 13.58 -14.86 -6.23
C TYR A 1094 14.88 -14.66 -5.46
N TRP A 1095 15.74 -15.68 -5.46
CA TRP A 1095 16.94 -15.69 -4.64
C TRP A 1095 18.04 -14.91 -5.36
N THR A 1096 17.98 -13.59 -5.22
CA THR A 1096 19.07 -12.74 -5.69
C THR A 1096 20.25 -12.85 -4.72
N PHE A 1097 21.42 -12.43 -5.19
CA PHE A 1097 22.60 -12.46 -4.34
C PHE A 1097 22.39 -11.60 -3.09
N VAL A 1098 21.81 -10.41 -3.25
CA VAL A 1098 21.53 -9.56 -2.10
C VAL A 1098 20.55 -10.24 -1.16
N ASN A 1099 19.65 -11.07 -1.69
CA ASN A 1099 18.77 -11.85 -0.84
C ASN A 1099 19.54 -12.93 -0.09
N ALA A 1100 20.45 -13.61 -0.79
CA ALA A 1100 21.27 -14.63 -0.13
C ALA A 1100 22.19 -14.01 0.91
N PHE A 1101 22.80 -12.86 0.58
CA PHE A 1101 23.72 -12.21 1.51
C PHE A 1101 23.00 -11.75 2.78
N SER A 1102 21.76 -11.29 2.65
CA SER A 1102 21.04 -10.80 3.81
C SER A 1102 20.64 -11.93 4.75
N ILE A 1103 20.14 -13.04 4.20
CA ILE A 1103 19.69 -14.14 5.04
C ILE A 1103 20.86 -14.75 5.80
N PHE A 1104 21.98 -14.98 5.10
CA PHE A 1104 23.16 -15.52 5.77
C PHE A 1104 23.88 -14.45 6.58
N GLY A 1105 23.89 -13.20 6.09
CA GLY A 1105 24.56 -12.14 6.81
C GLY A 1105 23.86 -11.76 8.11
N SER A 1106 22.54 -11.94 8.16
CA SER A 1106 21.80 -11.66 9.39
C SER A 1106 22.23 -12.61 10.50
N ILE A 1107 22.36 -13.90 10.17
CA ILE A 1107 22.83 -14.87 11.16
C ILE A 1107 24.32 -14.65 11.45
N ALA A 1108 25.11 -14.37 10.41
CA ALA A 1108 26.53 -14.10 10.62
C ALA A 1108 26.73 -12.84 11.46
N LEU A 1109 25.94 -11.79 11.20
CA LEU A 1109 26.02 -10.60 12.02
C LEU A 1109 25.63 -10.90 13.46
N TYR A 1110 24.57 -11.69 13.66
CA TYR A 1110 24.14 -12.01 15.01
C TYR A 1110 25.23 -12.75 15.76
N PHE A 1111 25.76 -13.82 15.18
CA PHE A 1111 26.82 -14.60 15.81
C PHE A 1111 28.16 -13.89 15.79
N GLY A 1112 28.29 -12.78 15.07
CA GLY A 1112 29.50 -12.00 15.11
C GLY A 1112 29.50 -10.97 16.23
N ILE A 1113 28.31 -10.52 16.60
CA ILE A 1113 28.19 -9.50 17.65
C ILE A 1113 28.56 -10.10 19.00
N MET A 1114 28.10 -11.31 19.28
CA MET A 1114 28.33 -11.97 20.57
C MET A 1114 29.53 -12.91 20.54
N PHE A 1115 30.56 -12.56 19.78
CA PHE A 1115 31.84 -13.25 19.78
C PHE A 1115 32.97 -12.24 19.80
N ASP A 1116 32.88 -11.28 20.72
CA ASP A 1116 33.83 -10.16 20.83
C ASP A 1116 34.10 -9.51 19.48
N PHE A 1117 33.05 -9.40 18.68
CA PHE A 1117 33.12 -8.74 17.37
C PHE A 1117 34.20 -9.36 16.50
N THR A 1135 30.03 -14.78 28.32
CA THR A 1135 28.62 -15.06 28.62
C THR A 1135 27.95 -15.74 27.44
N ALA A 1136 27.64 -14.97 26.40
CA ALA A 1136 27.03 -15.54 25.20
C ALA A 1136 28.00 -16.46 24.48
N SER A 1137 29.29 -16.09 24.44
CA SER A 1137 30.28 -16.91 23.77
C SER A 1137 30.47 -18.25 24.50
N ASN A 1138 30.45 -18.23 25.83
CA ASN A 1138 30.74 -19.44 26.59
C ASN A 1138 29.75 -20.55 26.27
N ALA A 1139 28.46 -20.22 26.18
CA ALA A 1139 27.46 -21.24 25.90
C ALA A 1139 27.64 -21.82 24.50
N LEU A 1140 27.99 -20.99 23.52
CA LEU A 1140 28.03 -21.42 22.14
C LEU A 1140 29.32 -22.14 21.77
N ARG A 1141 30.21 -22.41 22.73
CA ARG A 1141 31.41 -23.20 22.48
C ARG A 1141 31.26 -24.66 22.86
N GLN A 1142 30.06 -25.11 23.23
CA GLN A 1142 29.88 -26.41 23.83
C GLN A 1142 28.96 -27.27 22.98
N PRO A 1143 29.31 -28.54 22.71
CA PRO A 1143 28.50 -29.32 21.77
C PRO A 1143 27.04 -29.45 22.17
N TYR A 1144 26.75 -29.67 23.45
CA TYR A 1144 25.36 -29.86 23.85
C TYR A 1144 24.54 -28.60 23.61
N ILE A 1145 25.17 -27.42 23.70
CA ILE A 1145 24.46 -26.18 23.41
C ILE A 1145 24.16 -26.06 21.93
N TRP A 1146 25.12 -26.41 21.07
CA TRP A 1146 24.90 -26.33 19.64
C TRP A 1146 23.98 -27.42 19.13
N LEU A 1147 24.18 -28.66 19.61
CA LEU A 1147 23.25 -29.73 19.25
C LEU A 1147 21.85 -29.46 19.77
N THR A 1148 21.70 -28.59 20.77
CA THR A 1148 20.38 -28.16 21.21
C THR A 1148 19.77 -27.20 20.21
N ILE A 1149 20.58 -26.28 19.68
CA ILE A 1149 20.09 -25.34 18.67
C ILE A 1149 19.74 -26.06 17.39
N ILE A 1150 20.60 -26.99 16.94
CA ILE A 1150 20.32 -27.73 15.72
C ILE A 1150 19.01 -28.49 15.84
N LEU A 1151 18.78 -29.13 16.99
CA LEU A 1151 17.53 -29.84 17.20
C LEU A 1151 16.34 -28.89 17.16
N THR A 1152 16.48 -27.71 17.78
CA THR A 1152 15.36 -26.77 17.81
C THR A 1152 15.11 -26.19 16.42
N VAL A 1153 16.16 -25.82 15.71
CA VAL A 1153 15.99 -25.22 14.38
C VAL A 1153 15.32 -26.22 13.44
N ALA A 1154 15.78 -27.47 13.45
CA ALA A 1154 15.20 -28.47 12.55
C ALA A 1154 13.76 -28.74 12.91
N VAL A 1155 13.46 -28.95 14.20
CA VAL A 1155 12.09 -29.23 14.61
C VAL A 1155 11.17 -28.07 14.31
N CYS A 1156 11.72 -26.86 14.18
CA CYS A 1156 10.90 -25.71 13.78
C CYS A 1156 10.75 -25.63 12.27
N LEU A 1157 11.83 -25.87 11.53
CA LEU A 1157 11.84 -25.70 10.08
C LEU A 1157 11.46 -26.98 9.35
N LEU A 1158 12.07 -28.10 9.73
CA LEU A 1158 11.88 -29.34 8.97
C LEU A 1158 10.41 -29.70 8.80
N PRO A 1159 9.54 -29.60 9.80
CA PRO A 1159 8.10 -29.78 9.50
C PRO A 1159 7.57 -28.78 8.50
N VAL A 1160 8.07 -27.55 8.49
CA VAL A 1160 7.54 -26.52 7.59
C VAL A 1160 7.81 -26.89 6.14
N VAL A 1161 8.97 -27.51 5.88
CA VAL A 1161 9.28 -27.96 4.53
C VAL A 1161 8.25 -29.00 4.07
N ALA A 1162 7.79 -29.85 4.98
CA ALA A 1162 6.84 -30.90 4.62
C ALA A 1162 5.53 -30.31 4.11
N ILE A 1163 4.98 -29.34 4.86
CA ILE A 1163 3.74 -28.72 4.43
C ILE A 1163 3.96 -27.90 3.16
N ARG A 1164 5.07 -27.17 3.08
CA ARG A 1164 5.35 -26.39 1.88
C ARG A 1164 5.46 -27.29 0.65
N PHE A 1165 6.16 -28.42 0.78
CA PHE A 1165 6.25 -29.35 -0.34
C PHE A 1165 4.95 -30.11 -0.56
N LEU A 1166 4.32 -30.57 0.52
CA LEU A 1166 3.08 -31.33 0.38
C LEU A 1166 1.98 -30.46 -0.21
N SER A 1167 1.88 -29.20 0.22
CA SER A 1167 0.81 -28.33 -0.26
C SER A 1167 0.94 -28.07 -1.76
N MET A 1168 2.15 -27.75 -2.22
CA MET A 1168 2.35 -27.43 -3.63
C MET A 1168 2.12 -28.66 -4.51
N THR A 1169 2.59 -29.83 -4.06
CA THR A 1169 2.41 -31.04 -4.86
C THR A 1169 0.94 -31.39 -5.02
N ILE A 1170 0.16 -31.28 -3.94
CA ILE A 1170 -1.24 -31.66 -3.99
C ILE A 1170 -2.10 -30.52 -4.53
N TRP A 1171 -1.78 -29.29 -4.16
CA TRP A 1171 -2.53 -28.10 -4.59
C TRP A 1171 -1.56 -27.06 -5.11
N PRO A 1172 -0.92 -27.31 -6.25
CA PRO A 1172 -0.01 -26.32 -6.82
C PRO A 1172 -0.75 -25.06 -7.25
N SER A 1173 -0.06 -23.93 -7.11
CA SER A 1173 -0.60 -22.66 -7.54
C SER A 1173 -0.28 -22.42 -9.01
N GLU A 1174 -0.98 -21.45 -9.60
CA GLU A 1174 -0.74 -21.13 -11.02
C GLU A 1174 0.68 -20.63 -11.22
N SER A 1175 1.22 -19.87 -10.27
CA SER A 1175 2.60 -19.44 -10.37
C SER A 1175 3.55 -20.63 -10.33
N ASP A 1176 3.25 -21.62 -9.49
CA ASP A 1176 4.09 -22.81 -9.41
C ASP A 1176 4.09 -23.55 -10.74
N LYS A 1177 2.94 -23.69 -11.38
CA LYS A 1177 2.88 -24.38 -12.66
C LYS A 1177 3.69 -23.66 -13.72
N ILE A 1178 3.59 -22.33 -13.78
CA ILE A 1178 4.42 -21.57 -14.70
C ILE A 1178 5.89 -21.69 -14.32
N GLN A 1179 6.19 -21.61 -13.02
CA GLN A 1179 7.57 -21.77 -12.56
C GLN A 1179 8.10 -23.16 -12.93
N LYS A 1180 7.28 -24.19 -12.72
CA LYS A 1180 7.70 -25.55 -13.07
C LYS A 1180 7.94 -25.68 -14.56
N HIS A 1181 7.05 -25.12 -15.38
CA HIS A 1181 7.17 -25.21 -16.83
C HIS A 1181 8.11 -24.17 -17.42
N ARG A 1182 8.65 -23.27 -16.60
CA ARG A 1182 9.61 -22.28 -17.07
C ARG A 1182 10.87 -22.96 -17.60
N LYS B 28 8.07 14.62 -18.83
CA LYS B 28 8.44 14.89 -17.44
C LYS B 28 9.94 15.10 -17.32
N THR B 29 10.70 14.01 -17.22
CA THR B 29 12.14 14.06 -17.05
C THR B 29 12.79 13.01 -17.95
N ARG B 30 14.12 12.95 -17.91
CA ARG B 30 14.87 12.17 -18.88
C ARG B 30 14.66 10.68 -18.68
N ARG B 31 15.32 9.90 -19.53
CA ARG B 31 15.16 8.45 -19.52
C ARG B 31 15.71 7.86 -18.22
N PRO B 32 15.02 6.90 -17.61
CA PRO B 32 15.64 6.15 -16.50
C PRO B 32 16.87 5.41 -16.96
N ASP B 33 17.86 5.33 -16.07
CA ASP B 33 19.06 4.57 -16.38
C ASP B 33 18.80 3.08 -16.34
N ASN B 34 19.46 2.34 -17.23
CA ASN B 34 19.24 0.91 -17.39
C ASN B 34 20.17 0.16 -16.45
N THR B 35 19.64 -0.29 -15.32
CA THR B 35 20.38 -1.08 -14.35
C THR B 35 19.53 -2.27 -13.92
N ALA B 36 20.21 -3.35 -13.52
CA ALA B 36 19.51 -4.57 -13.16
C ALA B 36 18.59 -4.35 -11.95
N PHE B 37 19.07 -3.62 -10.95
CA PHE B 37 18.26 -3.41 -9.75
C PHE B 37 17.02 -2.57 -10.06
N LYS B 38 17.19 -1.44 -10.74
CA LYS B 38 16.08 -0.54 -10.98
C LYS B 38 15.08 -1.13 -11.96
N GLN B 39 15.54 -1.91 -12.93
CA GLN B 39 14.67 -2.53 -13.92
C GLN B 39 14.13 -3.87 -13.46
N GLN B 40 14.43 -4.28 -12.24
CA GLN B 40 13.85 -5.50 -11.65
C GLN B 40 14.23 -6.74 -12.45
N ARG B 41 15.48 -6.79 -12.89
CA ARG B 41 16.01 -7.94 -13.63
C ARG B 41 17.36 -8.35 -13.07
N LEU B 42 17.48 -8.33 -11.74
CA LEU B 42 18.70 -8.81 -11.10
C LEU B 42 18.84 -10.32 -11.32
N PRO B 43 20.06 -10.82 -11.55
CA PRO B 43 20.23 -12.28 -11.66
C PRO B 43 19.79 -12.96 -10.38
N ALA B 44 19.14 -14.12 -10.52
CA ALA B 44 18.59 -14.81 -9.37
C ALA B 44 18.41 -16.29 -9.71
N TRP B 45 18.18 -17.08 -8.67
CA TRP B 45 17.80 -18.47 -8.79
C TRP B 45 16.38 -18.63 -8.26
N GLN B 46 15.58 -19.45 -8.94
CA GLN B 46 14.22 -19.72 -8.51
C GLN B 46 14.15 -21.13 -7.93
N PRO B 47 14.54 -21.33 -6.67
CA PRO B 47 14.49 -22.67 -6.09
C PRO B 47 13.06 -23.15 -5.94
N ILE B 48 12.79 -24.34 -6.49
CA ILE B 48 11.48 -24.99 -6.39
C ILE B 48 11.64 -26.19 -5.48
N LEU B 49 10.72 -26.36 -4.54
CA LEU B 49 10.75 -27.48 -3.61
C LEU B 49 10.37 -28.73 -4.40
N THR B 50 11.34 -29.26 -5.13
CA THR B 50 11.15 -30.47 -5.93
C THR B 50 11.48 -31.70 -5.10
N ALA B 51 10.91 -32.83 -5.49
CA ALA B 51 11.12 -34.07 -4.77
C ALA B 51 12.55 -34.56 -4.83
N GLY B 52 13.38 -34.02 -5.73
CA GLY B 52 14.78 -34.35 -5.75
C GLY B 52 15.64 -33.58 -4.78
N THR B 53 15.04 -32.67 -4.01
CA THR B 53 15.76 -31.82 -3.07
C THR B 53 15.26 -31.94 -1.64
N VAL B 54 13.94 -32.03 -1.44
CA VAL B 54 13.39 -32.10 -0.09
C VAL B 54 13.39 -33.52 0.45
N LEU B 55 13.13 -34.51 -0.40
CA LEU B 55 13.18 -35.90 0.05
C LEU B 55 14.55 -36.29 0.60
N PRO B 56 15.67 -36.00 -0.08
CA PRO B 56 16.97 -36.32 0.51
C PRO B 56 17.17 -35.71 1.89
N ILE B 57 17.04 -34.38 2.00
CA ILE B 57 17.28 -33.72 3.27
C ILE B 57 16.37 -34.26 4.37
N PHE B 58 15.24 -34.85 4.00
CA PHE B 58 14.40 -35.53 4.98
C PHE B 58 14.90 -36.92 5.32
N PHE B 59 15.86 -37.45 4.57
CA PHE B 59 16.44 -38.76 4.83
C PHE B 59 17.86 -38.71 5.35
N ILE B 60 18.70 -37.80 4.85
CA ILE B 60 20.02 -37.62 5.43
C ILE B 60 19.90 -37.09 6.86
N ILE B 61 18.91 -36.24 7.11
CA ILE B 61 18.68 -35.77 8.48
C ILE B 61 18.32 -36.94 9.38
N GLY B 62 17.44 -37.83 8.92
CA GLY B 62 17.08 -38.99 9.70
C GLY B 62 18.22 -39.98 9.86
N LEU B 63 19.19 -39.94 8.95
CA LEU B 63 20.36 -40.80 9.03
C LEU B 63 21.49 -40.19 9.85
N ILE B 64 21.39 -38.91 10.21
CA ILE B 64 22.40 -38.25 11.02
C ILE B 64 21.87 -38.09 12.44
N PHE B 65 20.56 -37.88 12.56
CA PHE B 65 19.97 -37.64 13.88
C PHE B 65 19.85 -38.92 14.69
N ILE B 66 19.73 -40.07 14.05
CA ILE B 66 19.62 -41.35 14.76
C ILE B 66 20.97 -41.72 15.35
N PRO B 67 22.06 -41.78 14.56
CA PRO B 67 23.36 -42.08 15.17
C PRO B 67 23.75 -41.09 16.26
N ILE B 68 23.44 -39.81 16.07
CA ILE B 68 23.73 -38.83 17.12
C ILE B 68 22.83 -39.09 18.33
N GLY B 69 21.55 -39.39 18.09
CA GLY B 69 20.66 -39.70 19.19
C GLY B 69 21.11 -40.93 19.97
N ILE B 70 21.61 -41.94 19.27
CA ILE B 70 22.15 -43.11 19.94
C ILE B 70 23.45 -42.76 20.65
N GLY B 71 24.31 -41.97 20.00
CA GLY B 71 25.59 -41.64 20.61
C GLY B 71 25.44 -40.84 21.89
N ILE B 72 24.52 -39.89 21.90
CA ILE B 72 24.30 -39.11 23.13
C ILE B 72 23.62 -39.96 24.18
N PHE B 73 22.61 -40.75 23.79
CA PHE B 73 21.85 -41.53 24.76
C PHE B 73 22.72 -42.57 25.45
N VAL B 74 23.58 -43.25 24.68
CA VAL B 74 24.44 -44.26 25.29
C VAL B 74 25.48 -43.60 26.18
N THR B 75 26.04 -42.47 25.75
CA THR B 75 27.02 -41.76 26.57
C THR B 75 26.39 -41.22 27.85
N SER B 76 25.15 -40.72 27.75
CA SER B 76 24.48 -40.19 28.94
C SER B 76 24.23 -41.29 29.96
N ASN B 77 23.84 -42.49 29.50
CA ASN B 77 23.61 -43.60 30.40
C ASN B 77 24.89 -44.25 30.91
N ASN B 78 26.03 -43.89 30.33
CA ASN B 78 27.32 -44.36 30.82
C ASN B 78 27.90 -43.48 31.90
N ILE B 79 27.15 -42.46 32.34
CA ILE B 79 27.61 -41.53 33.36
C ILE B 79 27.10 -42.03 34.71
N ARG B 80 28.02 -42.24 35.64
CA ARG B 80 27.65 -42.59 37.00
C ARG B 80 27.32 -41.32 37.78
N GLU B 81 26.23 -41.37 38.53
CA GLU B 81 25.76 -40.19 39.25
C GLU B 81 24.85 -40.62 40.38
N ILE B 82 24.99 -39.95 41.53
CA ILE B 82 24.17 -40.21 42.71
C ILE B 82 23.63 -38.88 43.21
N GLU B 83 22.35 -38.86 43.57
CA GLU B 83 21.65 -37.66 44.00
C GLU B 83 20.97 -37.94 45.33
N ILE B 84 21.39 -37.23 46.37
CA ILE B 84 20.87 -37.40 47.73
C ILE B 84 20.06 -36.18 48.10
N ASP B 85 18.85 -36.40 48.60
CA ASP B 85 17.94 -35.34 49.03
C ASP B 85 17.99 -35.27 50.55
N TYR B 86 18.68 -34.25 51.07
CA TYR B 86 18.95 -34.15 52.50
C TYR B 86 18.17 -33.03 53.18
N THR B 87 17.10 -32.53 52.55
CA THR B 87 16.28 -31.53 53.22
C THR B 87 15.60 -32.10 54.46
N GLY B 88 15.15 -33.35 54.36
CA GLY B 88 14.55 -34.01 55.52
C GLY B 88 13.16 -33.55 55.87
N THR B 89 12.41 -33.00 54.92
CA THR B 89 11.06 -32.54 55.22
C THR B 89 10.17 -33.69 55.65
N GLU B 90 10.25 -34.83 54.95
CA GLU B 90 9.41 -35.96 55.28
C GLU B 90 9.95 -36.67 56.52
N PRO B 91 9.08 -37.05 57.49
CA PRO B 91 9.59 -37.69 58.70
C PRO B 91 10.24 -39.03 58.43
N SER B 92 10.74 -39.69 59.48
CA SER B 92 11.43 -40.97 59.36
C SER B 92 12.70 -40.84 58.53
N SER B 93 13.33 -39.68 58.58
CA SER B 93 14.60 -39.42 57.93
C SER B 93 15.58 -38.83 58.95
N PRO B 94 16.88 -39.12 58.82
CA PRO B 94 17.82 -38.61 59.83
C PRO B 94 18.28 -37.20 59.56
N CYS B 95 17.35 -36.33 59.16
CA CYS B 95 17.62 -34.90 59.09
C CYS B 95 16.41 -34.05 59.47
N ASN B 96 15.29 -34.65 59.88
CA ASN B 96 14.11 -33.87 60.25
C ASN B 96 14.37 -32.98 61.45
N LYS B 97 15.35 -33.31 62.28
CA LYS B 97 15.63 -32.51 63.46
C LYS B 97 16.05 -31.09 63.10
N CYS B 98 16.60 -30.89 61.90
CA CYS B 98 17.11 -29.59 61.50
C CYS B 98 16.07 -28.73 60.80
N LEU B 99 14.84 -29.23 60.61
CA LEU B 99 13.77 -28.37 60.10
C LEU B 99 13.48 -27.23 61.06
N SER B 100 13.56 -27.50 62.36
CA SER B 100 13.36 -26.50 63.41
C SER B 100 14.59 -26.52 64.30
N PRO B 101 15.69 -25.92 63.85
CA PRO B 101 16.94 -26.01 64.62
C PRO B 101 16.95 -25.10 65.84
N ASP B 102 16.45 -25.62 66.97
CA ASP B 102 16.48 -24.85 68.21
C ASP B 102 17.87 -24.30 68.49
N VAL B 103 18.90 -25.11 68.24
CA VAL B 103 20.29 -24.64 68.23
C VAL B 103 20.67 -24.33 66.79
N THR B 104 21.18 -23.12 66.56
CA THR B 104 21.45 -22.71 65.20
C THR B 104 22.42 -23.63 64.47
N PRO B 105 23.51 -24.11 65.07
CA PRO B 105 24.32 -25.12 64.39
C PRO B 105 23.66 -26.49 64.42
N CYS B 106 23.11 -26.92 63.29
CA CYS B 106 22.46 -28.21 63.17
C CYS B 106 23.18 -29.05 62.12
N PHE B 107 23.27 -30.35 62.37
CA PHE B 107 24.02 -31.26 61.52
C PHE B 107 23.19 -32.50 61.23
N CYS B 108 23.48 -33.13 60.09
CA CYS B 108 22.80 -34.35 59.67
C CYS B 108 23.82 -35.33 59.12
N THR B 109 23.42 -36.59 59.05
CA THR B 109 24.29 -37.66 58.52
C THR B 109 23.42 -38.59 57.69
N ILE B 110 23.64 -38.59 56.38
CA ILE B 110 22.94 -39.48 55.45
C ILE B 110 23.96 -40.47 54.91
N ASN B 111 23.68 -41.75 55.09
CA ASN B 111 24.55 -42.81 54.58
C ASN B 111 24.01 -43.34 53.27
N PHE B 112 24.87 -43.39 52.26
CA PHE B 112 24.53 -43.93 50.96
C PHE B 112 25.66 -44.81 50.46
N THR B 113 25.33 -45.74 49.57
CA THR B 113 26.27 -46.70 49.03
C THR B 113 26.42 -46.49 47.53
N LEU B 114 27.66 -46.44 47.06
CA LEU B 114 27.96 -46.34 45.63
C LEU B 114 28.24 -47.75 45.11
N GLU B 115 27.31 -48.29 44.32
CA GLU B 115 27.47 -49.64 43.79
C GLU B 115 28.65 -49.72 42.82
N LYS B 116 28.69 -48.81 41.86
CA LYS B 116 29.72 -48.78 40.83
C LYS B 116 30.71 -47.66 41.14
N SER B 117 32.00 -48.00 41.13
CA SER B 117 33.03 -47.01 41.44
C SER B 117 33.04 -45.91 40.40
N PHE B 118 33.13 -44.67 40.87
CA PHE B 118 33.26 -43.52 39.99
C PHE B 118 34.67 -43.43 39.46
N GLU B 119 34.81 -42.95 38.22
CA GLU B 119 36.10 -42.88 37.55
C GLU B 119 36.37 -41.45 37.07
N GLY B 120 37.65 -41.09 37.05
CA GLY B 120 38.06 -39.79 36.59
C GLY B 120 37.61 -38.69 37.53
N ASN B 121 37.50 -37.48 36.97
CA ASN B 121 37.04 -36.34 37.75
C ASN B 121 35.57 -36.54 38.14
N VAL B 122 35.25 -36.18 39.38
CA VAL B 122 33.89 -36.24 39.90
C VAL B 122 33.53 -34.86 40.43
N PHE B 123 32.34 -34.39 40.09
CA PHE B 123 31.89 -33.03 40.42
C PHE B 123 30.84 -33.09 41.50
N MET B 124 30.97 -32.21 42.50
CA MET B 124 30.03 -32.12 43.61
C MET B 124 29.11 -30.92 43.38
N TYR B 125 27.87 -31.19 43.01
CA TYR B 125 26.85 -30.16 42.86
C TYR B 125 25.88 -30.23 44.04
N TYR B 126 25.27 -29.11 44.36
CA TYR B 126 24.13 -29.08 45.27
C TYR B 126 22.90 -28.64 44.49
N GLY B 127 21.76 -29.25 44.80
CA GLY B 127 20.55 -29.00 44.05
C GLY B 127 19.45 -28.36 44.88
N LEU B 128 18.81 -27.34 44.33
CA LEU B 128 17.68 -26.67 44.96
C LEU B 128 16.47 -26.78 44.05
N SER B 129 15.34 -27.17 44.64
CA SER B 129 14.09 -27.34 43.91
C SER B 129 13.07 -26.31 44.41
N ASN B 130 12.24 -25.84 43.48
CA ASN B 130 11.23 -24.83 43.78
C ASN B 130 11.86 -23.58 44.37
N PHE B 131 13.06 -23.23 43.90
CA PHE B 131 13.77 -22.03 44.32
C PHE B 131 13.92 -21.15 43.08
N TYR B 132 12.97 -20.23 42.91
CA TYR B 132 12.89 -19.41 41.70
C TYR B 132 13.99 -18.36 41.75
N GLN B 133 15.18 -18.77 41.32
CA GLN B 133 16.29 -17.84 41.14
C GLN B 133 16.16 -17.04 39.84
N ASN B 134 15.13 -17.33 39.04
CA ASN B 134 14.85 -16.59 37.81
C ASN B 134 13.78 -15.53 37.99
N HIS B 135 13.27 -15.35 39.21
CA HIS B 135 12.21 -14.38 39.45
C HIS B 135 12.69 -12.98 39.06
N ARG B 136 11.77 -12.19 38.49
CA ARG B 136 12.13 -10.85 38.03
C ARG B 136 12.57 -9.98 39.19
N ARG B 137 11.87 -10.04 40.32
CA ARG B 137 12.28 -9.27 41.49
C ARG B 137 13.60 -9.75 42.08
N TYR B 138 14.04 -10.95 41.71
CA TYR B 138 15.26 -11.56 42.24
C TYR B 138 16.44 -11.45 41.29
N VAL B 139 16.20 -11.61 39.98
CA VAL B 139 17.31 -11.63 39.03
C VAL B 139 17.99 -10.27 38.98
N LYS B 140 17.22 -9.19 38.95
CA LYS B 140 17.78 -7.85 38.83
C LYS B 140 18.26 -7.28 40.17
N SER B 141 17.99 -7.97 41.28
CA SER B 141 18.36 -7.48 42.60
C SER B 141 19.86 -7.68 42.82
N ARG B 142 20.64 -6.92 42.06
CA ARG B 142 22.10 -6.96 42.19
C ARG B 142 22.66 -5.66 41.65
N ASP B 143 23.92 -5.39 42.01
CA ASP B 143 24.66 -4.23 41.54
C ASP B 143 25.93 -4.74 40.88
N ASP B 144 25.84 -5.03 39.58
CA ASP B 144 26.99 -5.58 38.87
C ASP B 144 28.18 -4.63 38.90
N SER B 145 27.94 -3.33 38.98
CA SER B 145 29.04 -2.38 39.07
C SER B 145 29.84 -2.60 40.36
N GLN B 146 29.15 -2.83 41.47
CA GLN B 146 29.84 -3.13 42.72
C GLN B 146 30.58 -4.46 42.63
N LEU B 147 29.93 -5.48 42.06
CA LEU B 147 30.60 -6.77 41.89
C LEU B 147 31.81 -6.65 40.97
N ASN B 148 31.77 -5.72 40.03
CA ASN B 148 32.92 -5.48 39.16
C ASN B 148 34.07 -4.78 39.89
N GLY B 149 33.84 -4.29 41.10
CA GLY B 149 34.89 -3.67 41.87
C GLY B 149 35.01 -2.17 41.61
N ASP B 150 33.90 -1.45 41.72
CA ASP B 150 33.86 -0.01 41.51
C ASP B 150 33.82 0.67 42.87
N SER B 151 34.78 1.58 43.10
CA SER B 151 34.84 2.28 44.37
C SER B 151 33.59 3.15 44.59
N SER B 152 33.13 3.81 43.54
CA SER B 152 31.95 4.67 43.67
C SER B 152 30.72 3.84 44.05
N ALA B 153 30.55 2.67 43.43
CA ALA B 153 29.42 1.81 43.73
C ALA B 153 29.66 0.93 44.94
N LEU B 154 30.88 0.86 45.45
CA LEU B 154 31.14 0.05 46.64
C LEU B 154 30.36 0.59 47.84
N LEU B 155 30.34 1.90 48.01
CA LEU B 155 29.63 2.54 49.12
C LEU B 155 28.32 3.16 48.70
N ASN B 156 27.90 2.98 47.45
CA ASN B 156 26.64 3.53 46.94
C ASN B 156 25.89 2.44 46.18
N PRO B 157 25.27 1.50 46.90
CA PRO B 157 24.47 0.47 46.22
C PRO B 157 23.35 1.09 45.41
N SER B 158 23.06 0.48 44.26
CA SER B 158 22.05 0.99 43.35
C SER B 158 20.64 0.63 43.84
N LYS B 159 19.65 1.31 43.26
CA LYS B 159 18.26 1.02 43.59
C LYS B 159 17.85 -0.40 43.20
N GLU B 160 18.61 -1.05 42.32
CA GLU B 160 18.30 -2.43 41.93
C GLU B 160 18.26 -3.32 43.15
N CYS B 161 19.27 -3.24 44.01
CA CYS B 161 19.28 -3.97 45.28
C CYS B 161 18.62 -3.14 46.38
N GLU B 162 17.40 -2.68 46.10
CA GLU B 162 16.73 -1.73 46.98
C GLU B 162 16.46 -2.28 48.38
N PRO B 163 15.88 -3.48 48.55
CA PRO B 163 15.54 -3.92 49.91
C PRO B 163 16.76 -4.24 50.76
N TYR B 164 17.93 -4.36 50.16
CA TYR B 164 19.15 -4.74 50.88
C TYR B 164 20.30 -3.80 50.54
N ARG B 165 20.00 -2.50 50.35
CA ARG B 165 21.07 -1.54 50.10
C ARG B 165 21.93 -1.35 51.33
N ARG B 166 21.30 -1.14 52.48
CA ARG B 166 22.00 -0.84 53.72
C ARG B 166 21.27 -1.51 54.87
N ASN B 167 22.03 -1.79 55.93
CA ASN B 167 21.48 -2.56 57.07
C ASN B 167 20.94 -1.60 58.13
N GLU B 168 21.79 -0.72 58.65
CA GLU B 168 21.35 0.29 59.61
C GLU B 168 21.78 1.71 59.23
N ASP B 169 23.05 1.94 58.95
CA ASP B 169 23.54 3.26 58.58
C ASP B 169 24.38 3.24 57.31
N LYS B 170 25.16 2.20 57.09
CA LYS B 170 26.09 2.09 55.99
C LYS B 170 25.67 0.96 55.06
N PRO B 171 26.12 0.99 53.80
CA PRO B 171 25.55 0.09 52.79
C PRO B 171 26.07 -1.34 52.92
N ILE B 172 25.26 -2.25 52.38
CA ILE B 172 25.62 -3.66 52.32
C ILE B 172 26.54 -3.88 51.14
N ALA B 173 27.67 -4.57 51.37
CA ALA B 173 28.65 -4.74 50.28
C ALA B 173 28.09 -5.64 49.18
N PRO B 174 27.80 -6.94 49.41
CA PRO B 174 26.98 -7.66 48.42
C PRO B 174 25.50 -7.33 48.56
N CYS B 175 25.06 -6.20 48.02
CA CYS B 175 23.65 -5.85 48.17
C CYS B 175 22.80 -6.70 47.22
N GLY B 176 21.55 -6.86 47.59
CA GLY B 176 20.57 -7.49 46.73
C GLY B 176 20.01 -8.75 47.34
N ALA B 177 18.82 -9.13 46.86
CA ALA B 177 18.23 -10.38 47.29
C ALA B 177 19.06 -11.58 46.87
N ILE B 178 19.89 -11.43 45.85
CA ILE B 178 20.71 -12.55 45.37
C ILE B 178 21.80 -12.87 46.38
N ALA B 179 22.69 -11.91 46.63
CA ALA B 179 23.80 -12.17 47.54
C ALA B 179 23.31 -12.49 48.94
N ASN B 180 22.23 -11.82 49.37
CA ASN B 180 21.69 -12.05 50.71
C ASN B 180 21.29 -13.50 50.91
N SER B 181 20.57 -14.07 49.94
CA SER B 181 20.06 -15.44 50.06
C SER B 181 21.04 -16.44 49.46
N MET B 182 22.30 -16.36 49.87
CA MET B 182 23.32 -17.27 49.37
C MET B 182 23.23 -18.61 50.08
N PHE B 183 23.53 -19.68 49.35
CA PHE B 183 23.52 -21.03 49.90
C PHE B 183 24.67 -21.16 50.88
N ASN B 184 24.36 -21.38 52.17
CA ASN B 184 25.36 -21.39 53.21
C ASN B 184 25.39 -22.72 53.98
N ASP B 185 24.95 -23.80 53.35
CA ASP B 185 25.18 -25.12 53.90
C ASP B 185 26.61 -25.56 53.63
N THR B 186 27.08 -26.51 54.45
CA THR B 186 28.40 -27.09 54.30
C THR B 186 28.24 -28.60 54.16
N LEU B 187 28.98 -29.18 53.22
CA LEU B 187 28.88 -30.60 52.90
C LEU B 187 30.26 -31.24 52.95
N GLU B 188 30.36 -32.36 53.67
CA GLU B 188 31.55 -33.19 53.66
C GLU B 188 31.16 -34.64 53.41
N LEU B 189 32.08 -35.38 52.78
CA LEU B 189 31.89 -36.79 52.47
C LEU B 189 33.02 -37.59 53.10
N PHE B 190 32.66 -38.75 53.67
CA PHE B 190 33.63 -39.68 54.24
C PHE B 190 33.40 -41.07 53.67
N LEU B 191 34.49 -41.79 53.47
CA LEU B 191 34.45 -43.18 53.03
C LEU B 191 34.38 -44.09 54.25
N ILE B 192 33.29 -44.84 54.38
CA ILE B 192 33.13 -45.81 55.46
C ILE B 192 33.78 -47.09 54.96
N GLY B 193 35.06 -47.26 55.29
CA GLY B 193 35.83 -48.39 54.82
C GLY B 193 35.53 -49.65 55.60
N ASN B 194 36.34 -50.68 55.33
CA ASN B 194 36.17 -51.97 55.99
C ASN B 194 36.32 -51.85 57.50
N ASP B 195 37.11 -50.89 57.97
CA ASP B 195 37.34 -50.70 59.40
C ASP B 195 36.23 -49.91 60.07
N SER B 196 35.27 -49.39 59.31
CA SER B 196 34.17 -48.55 59.80
C SER B 196 34.64 -47.19 60.27
N TYR B 197 35.92 -46.84 60.04
CA TYR B 197 36.44 -45.52 60.39
C TYR B 197 36.27 -44.57 59.21
N PRO B 198 35.64 -43.42 59.39
CA PRO B 198 35.35 -42.55 58.24
C PRO B 198 36.62 -41.87 57.73
N ILE B 199 37.01 -42.19 56.50
CA ILE B 199 38.15 -41.55 55.86
C ILE B 199 37.66 -40.24 55.24
N PRO B 200 38.29 -39.10 55.50
CA PRO B 200 37.86 -37.87 54.82
C PRO B 200 38.22 -37.89 53.35
N ILE B 201 37.40 -37.23 52.55
CA ILE B 201 37.53 -37.20 51.10
C ILE B 201 37.89 -35.77 50.68
N ALA B 202 38.98 -35.65 49.92
CA ALA B 202 39.41 -34.34 49.47
C ALA B 202 38.35 -33.68 48.59
N LEU B 203 38.18 -32.38 48.77
CA LEU B 203 37.20 -31.61 48.00
C LEU B 203 37.80 -30.25 47.70
N LYS B 204 38.05 -29.97 46.42
CA LYS B 204 38.60 -28.69 46.00
C LYS B 204 37.48 -27.69 45.76
N LYS B 205 37.69 -26.46 46.19
CA LYS B 205 36.73 -25.37 46.02
C LYS B 205 37.16 -24.36 44.98
N LYS B 206 38.29 -24.58 44.30
CA LYS B 206 38.78 -23.68 43.28
C LYS B 206 38.47 -24.23 41.89
N GLY B 207 38.29 -23.31 40.94
CA GLY B 207 38.00 -23.71 39.58
C GLY B 207 36.58 -24.19 39.36
N ILE B 208 35.66 -23.87 40.28
CA ILE B 208 34.28 -24.26 40.15
C ILE B 208 33.42 -23.18 39.51
N ALA B 209 34.03 -22.07 39.08
CA ALA B 209 33.32 -20.97 38.45
C ALA B 209 33.95 -20.66 37.10
N TRP B 210 33.18 -19.97 36.25
CA TRP B 210 33.67 -19.55 34.96
C TRP B 210 34.98 -18.79 35.11
N TRP B 211 35.87 -18.96 34.13
CA TRP B 211 37.10 -18.18 34.11
C TRP B 211 36.80 -16.69 34.02
N THR B 212 35.86 -16.31 33.17
CA THR B 212 35.51 -14.90 33.02
C THR B 212 34.93 -14.34 34.32
N ASP B 213 34.11 -15.13 35.01
CA ASP B 213 33.53 -14.66 36.26
C ASP B 213 34.61 -14.35 37.29
N LYS B 214 35.60 -15.24 37.42
CA LYS B 214 36.67 -15.02 38.37
C LYS B 214 37.50 -13.79 38.02
N ASN B 215 37.82 -13.61 36.73
CA ASN B 215 38.83 -12.65 36.31
C ASN B 215 38.27 -11.42 35.62
N VAL B 216 37.01 -11.44 35.18
CA VAL B 216 36.44 -10.31 34.44
C VAL B 216 35.20 -9.77 35.14
N LYS B 217 34.17 -10.60 35.24
CA LYS B 217 32.89 -10.11 35.75
C LYS B 217 32.98 -9.69 37.20
N PHE B 218 33.68 -10.45 38.03
CA PHE B 218 33.79 -10.20 39.46
C PHE B 218 35.21 -9.78 39.81
N ARG B 219 35.33 -8.75 40.64
CA ARG B 219 36.62 -8.27 41.10
C ARG B 219 36.46 -7.62 42.46
N ASN B 220 37.55 -7.56 43.20
CA ASN B 220 37.56 -6.87 44.48
C ASN B 220 37.79 -5.37 44.28
N PRO B 221 37.35 -4.54 45.22
CA PRO B 221 37.60 -3.11 45.10
C PRO B 221 39.09 -2.83 45.02
N PRO B 222 39.50 -1.83 44.25
CA PRO B 222 40.93 -1.57 44.06
C PRO B 222 41.55 -0.93 45.30
N GLY B 223 42.88 -1.03 45.35
CA GLY B 223 43.65 -0.42 46.42
C GLY B 223 43.81 -1.34 47.61
N GLY B 224 44.81 -1.02 48.44
CA GLY B 224 45.07 -1.77 49.64
C GLY B 224 45.78 -3.09 49.35
N ASP B 225 46.03 -3.83 50.44
CA ASP B 225 46.65 -5.15 50.35
C ASP B 225 45.82 -6.17 51.10
N ASN B 226 45.12 -5.74 52.14
CA ASN B 226 44.25 -6.60 52.94
C ASN B 226 42.80 -6.26 52.66
N LEU B 227 41.98 -7.30 52.51
CA LEU B 227 40.58 -7.11 52.17
C LEU B 227 39.81 -6.39 53.27
N GLU B 228 40.31 -6.39 54.50
CA GLU B 228 39.57 -5.78 55.61
C GLU B 228 39.36 -4.29 55.37
N GLU B 229 40.41 -3.58 54.97
CA GLU B 229 40.31 -2.14 54.76
C GLU B 229 39.58 -1.80 53.46
N ARG B 230 39.67 -2.66 52.45
CA ARG B 230 38.98 -2.38 51.19
C ARG B 230 37.47 -2.31 51.40
N PHE B 231 36.91 -3.24 52.18
CA PHE B 231 35.49 -3.22 52.50
C PHE B 231 35.23 -2.47 53.81
N LYS B 232 35.72 -1.25 53.90
CA LYS B 232 35.54 -0.43 55.09
C LYS B 232 34.25 0.36 54.98
N GLY B 233 33.51 0.41 56.08
CA GLY B 233 32.23 1.10 56.10
C GLY B 233 31.18 0.44 55.24
N THR B 234 31.15 -0.90 55.22
CA THR B 234 30.17 -1.65 54.45
C THR B 234 29.68 -2.81 55.28
N THR B 235 28.38 -2.85 55.53
CA THR B 235 27.79 -3.94 56.30
C THR B 235 27.76 -5.23 55.49
N LYS B 236 27.70 -6.34 56.20
CA LYS B 236 27.48 -7.63 55.57
C LYS B 236 26.00 -7.78 55.23
N PRO B 237 25.67 -8.69 54.32
CA PRO B 237 24.25 -8.99 54.09
C PRO B 237 23.61 -9.52 55.36
N VAL B 238 22.34 -9.17 55.54
CA VAL B 238 21.67 -9.47 56.81
C VAL B 238 21.61 -10.97 57.05
N ASN B 239 21.29 -11.75 56.01
CA ASN B 239 21.21 -13.20 56.18
C ASN B 239 22.58 -13.85 56.25
N TRP B 240 23.63 -13.19 55.78
CA TRP B 240 24.98 -13.75 55.89
C TRP B 240 25.41 -13.74 57.35
N LEU B 241 25.91 -14.87 57.83
CA LEU B 241 26.35 -14.96 59.21
C LEU B 241 27.61 -14.14 59.44
N LYS B 242 28.47 -14.02 58.44
CA LYS B 242 29.75 -13.35 58.55
C LYS B 242 29.98 -12.49 57.32
N PRO B 243 30.88 -11.49 57.41
CA PRO B 243 31.07 -10.56 56.29
C PRO B 243 31.76 -11.20 55.09
N VAL B 244 32.01 -10.38 54.07
CA VAL B 244 32.65 -10.86 52.84
C VAL B 244 34.17 -10.74 52.89
N TYR B 245 34.74 -10.28 54.00
CA TYR B 245 36.18 -10.04 54.05
C TYR B 245 36.96 -11.34 53.88
N MET B 246 36.53 -12.41 54.53
CA MET B 246 37.27 -13.66 54.60
C MET B 246 36.39 -14.87 54.29
N LEU B 247 35.62 -14.79 53.20
CA LEU B 247 34.79 -15.93 52.80
C LEU B 247 35.62 -17.20 52.67
N ASP B 248 36.87 -17.08 52.24
CA ASP B 248 37.79 -18.20 52.20
C ASP B 248 39.12 -17.77 52.80
N SER B 249 39.83 -18.74 53.38
CA SER B 249 41.13 -18.45 53.96
C SER B 249 42.11 -17.94 52.91
N ASP B 250 42.09 -18.54 51.73
CA ASP B 250 42.97 -18.11 50.66
C ASP B 250 42.52 -16.73 50.18
N PRO B 251 43.42 -15.73 50.13
CA PRO B 251 43.01 -14.41 49.64
C PRO B 251 42.54 -14.43 48.19
N ASP B 252 42.95 -15.42 47.40
CA ASP B 252 42.50 -15.51 46.01
C ASP B 252 41.08 -16.04 45.88
N ASN B 253 40.47 -16.49 46.97
CA ASN B 253 39.12 -17.04 46.94
C ASN B 253 38.20 -16.34 47.94
N ASN B 254 38.56 -15.14 48.40
CA ASN B 254 37.77 -14.36 49.33
C ASN B 254 37.45 -13.01 48.73
N GLY B 255 36.41 -12.37 49.27
CA GLY B 255 35.93 -11.13 48.72
C GLY B 255 34.89 -11.36 47.65
N PHE B 256 34.82 -10.47 46.67
CA PHE B 256 33.89 -10.66 45.56
C PHE B 256 34.30 -11.79 44.63
N ILE B 257 35.55 -12.25 44.70
CA ILE B 257 36.04 -13.27 43.78
C ILE B 257 35.92 -14.65 44.41
N ASN B 258 35.12 -14.78 45.46
CA ASN B 258 34.93 -16.07 46.09
C ASN B 258 34.20 -17.01 45.13
N GLU B 259 34.67 -18.26 45.06
CA GLU B 259 34.11 -19.21 44.10
C GLU B 259 32.67 -19.56 44.46
N ASP B 260 32.41 -19.84 45.74
CA ASP B 260 31.05 -20.20 46.14
C ASP B 260 30.08 -19.04 45.91
N PHE B 261 30.50 -17.83 46.27
CA PHE B 261 29.64 -16.66 46.04
C PHE B 261 29.43 -16.42 44.55
N ILE B 262 30.48 -16.55 43.74
CA ILE B 262 30.36 -16.32 42.31
C ILE B 262 29.39 -17.33 41.70
N VAL B 263 29.51 -18.60 42.08
CA VAL B 263 28.63 -19.63 41.53
C VAL B 263 27.18 -19.31 41.87
N TRP B 264 26.93 -18.79 43.07
CA TRP B 264 25.57 -18.48 43.47
C TRP B 264 25.00 -17.31 42.65
N MET B 265 25.78 -16.25 42.48
CA MET B 265 25.28 -15.08 41.79
C MET B 265 24.89 -15.39 40.35
N ARG B 266 25.49 -16.42 39.76
CA ARG B 266 25.12 -16.83 38.42
C ARG B 266 23.77 -17.53 38.47
N THR B 267 22.69 -16.74 38.41
CA THR B 267 21.37 -17.25 38.69
C THR B 267 20.99 -18.38 37.73
N ALA B 268 19.95 -19.10 38.08
CA ALA B 268 19.49 -20.27 37.35
C ALA B 268 18.35 -19.91 36.41
N ALA B 269 18.26 -20.63 35.30
CA ALA B 269 17.22 -20.38 34.31
C ALA B 269 15.87 -20.90 34.77
N LEU B 270 15.84 -21.93 35.60
CA LEU B 270 14.61 -22.62 35.97
C LEU B 270 14.62 -22.86 37.47
N PRO B 271 13.44 -23.07 38.06
CA PRO B 271 13.39 -23.24 39.53
C PRO B 271 14.21 -24.41 40.03
N THR B 272 14.20 -25.53 39.31
CA THR B 272 14.97 -26.70 39.69
C THR B 272 16.34 -26.61 39.03
N PHE B 273 17.38 -26.44 39.85
CA PHE B 273 18.73 -26.25 39.34
C PHE B 273 19.71 -26.88 40.31
N ARG B 274 20.94 -27.09 39.83
CA ARG B 274 22.05 -27.53 40.66
C ARG B 274 23.28 -26.70 40.34
N LYS B 275 24.05 -26.39 41.37
CA LYS B 275 25.22 -25.54 41.25
C LYS B 275 26.45 -26.28 41.75
N LEU B 276 27.59 -26.01 41.12
CA LEU B 276 28.82 -26.69 41.47
C LEU B 276 29.30 -26.26 42.85
N TYR B 277 29.67 -27.26 43.66
CA TYR B 277 30.12 -27.05 45.02
C TYR B 277 31.60 -27.36 45.21
N ARG B 278 32.04 -28.56 44.80
CA ARG B 278 33.41 -28.99 45.00
C ARG B 278 33.82 -29.90 43.86
N LEU B 279 35.13 -30.02 43.67
CA LEU B 279 35.72 -30.89 42.65
C LEU B 279 36.49 -32.02 43.32
N ILE B 280 36.31 -33.23 42.79
CA ILE B 280 37.08 -34.39 43.21
C ILE B 280 37.96 -34.77 42.03
N GLU B 281 39.23 -34.35 42.09
CA GLU B 281 40.14 -34.59 40.97
C GLU B 281 40.54 -36.06 40.92
N ARG B 282 41.21 -36.43 39.83
CA ARG B 282 41.67 -37.80 39.67
C ARG B 282 42.62 -38.18 40.80
N LYS B 283 42.38 -39.35 41.39
CA LYS B 283 43.28 -39.85 42.42
C LYS B 283 44.64 -40.18 41.81
N SER B 284 45.71 -39.90 42.57
CA SER B 284 47.05 -40.20 42.08
C SER B 284 47.21 -41.67 41.77
N ASP B 285 46.50 -42.54 42.50
CA ASP B 285 46.54 -43.97 42.23
C ASP B 285 45.61 -44.32 41.08
N LEU B 286 45.85 -45.50 40.50
CA LEU B 286 44.99 -46.02 39.44
C LEU B 286 43.59 -46.37 39.93
N HIS B 287 43.39 -46.49 41.24
CA HIS B 287 42.11 -46.91 41.78
C HIS B 287 41.05 -45.85 41.50
N PRO B 288 39.77 -46.22 41.57
CA PRO B 288 38.71 -45.26 41.27
C PRO B 288 38.75 -44.07 42.21
N THR B 289 38.32 -42.92 41.70
CA THR B 289 38.35 -41.69 42.49
C THR B 289 37.46 -41.83 43.73
N LEU B 290 36.30 -42.47 43.59
CA LEU B 290 35.39 -42.73 44.70
C LEU B 290 35.05 -44.21 44.67
N PRO B 291 35.90 -45.07 45.25
CA PRO B 291 35.68 -46.51 45.14
C PRO B 291 34.33 -46.92 45.72
N ALA B 292 33.71 -47.91 45.08
CA ALA B 292 32.41 -48.39 45.53
C ALA B 292 32.48 -48.84 46.98
N GLY B 293 31.44 -48.48 47.74
CA GLY B 293 31.40 -48.81 49.15
C GLY B 293 30.32 -48.02 49.86
N ARG B 294 30.49 -47.87 51.17
CA ARG B 294 29.54 -47.15 52.00
C ARG B 294 30.04 -45.73 52.21
N TYR B 295 29.15 -44.76 52.01
CA TYR B 295 29.49 -43.34 52.08
C TYR B 295 28.52 -42.65 53.03
N SER B 296 29.00 -41.60 53.69
CA SER B 296 28.19 -40.81 54.62
C SER B 296 28.24 -39.35 54.22
N LEU B 297 27.08 -38.71 54.17
CA LEU B 297 26.97 -37.29 53.86
C LEU B 297 26.79 -36.52 55.16
N ASN B 298 27.83 -35.80 55.57
CA ASN B 298 27.80 -34.97 56.76
C ASN B 298 27.57 -33.52 56.33
N VAL B 299 26.38 -33.01 56.61
CA VAL B 299 25.94 -31.71 56.12
C VAL B 299 25.61 -30.81 57.30
N THR B 300 26.09 -29.57 57.26
CA THR B 300 25.76 -28.56 58.25
C THR B 300 24.51 -27.84 57.78
N TYR B 301 23.36 -28.30 58.25
CA TYR B 301 22.07 -27.75 57.84
C TYR B 301 21.96 -26.29 58.25
N ASN B 302 21.99 -25.38 57.27
CA ASN B 302 21.94 -23.95 57.53
C ASN B 302 20.88 -23.24 56.70
N TYR B 303 20.62 -23.75 55.49
CA TYR B 303 19.73 -23.08 54.55
C TYR B 303 18.31 -23.58 54.74
N PRO B 304 17.35 -22.74 55.16
CA PRO B 304 15.97 -23.21 55.28
C PRO B 304 15.19 -23.09 53.98
N VAL B 305 14.62 -24.19 53.50
CA VAL B 305 13.91 -24.20 52.23
C VAL B 305 12.51 -24.77 52.40
N HIS B 306 12.24 -25.40 53.54
CA HIS B 306 10.96 -26.07 53.73
C HIS B 306 9.79 -25.09 53.86
N TYR B 307 10.05 -23.79 54.06
CA TYR B 307 8.95 -22.83 54.10
C TYR B 307 8.23 -22.78 52.76
N PHE B 308 8.98 -22.74 51.66
CA PHE B 308 8.40 -22.69 50.32
C PHE B 308 8.43 -24.04 49.63
N ASP B 309 8.48 -25.13 50.40
CA ASP B 309 8.46 -26.48 49.85
C ASP B 309 9.61 -26.71 48.86
N GLY B 310 10.77 -26.17 49.19
CA GLY B 310 11.96 -26.40 48.40
C GLY B 310 12.77 -27.57 48.93
N ARG B 311 13.47 -28.24 48.03
CA ARG B 311 14.24 -29.43 48.35
C ARG B 311 15.71 -29.18 48.08
N LYS B 312 16.55 -29.40 49.10
CA LYS B 312 17.99 -29.36 48.94
C LYS B 312 18.50 -30.73 48.54
N ARG B 313 19.58 -30.76 47.76
CA ARG B 313 20.16 -32.02 47.33
C ARG B 313 21.67 -31.85 47.18
N MET B 314 22.36 -32.98 47.19
CA MET B 314 23.78 -33.05 46.88
C MET B 314 23.95 -34.07 45.76
N ILE B 315 24.69 -33.69 44.71
CA ILE B 315 24.85 -34.51 43.52
C ILE B 315 26.33 -34.77 43.31
N LEU B 316 26.69 -36.04 43.15
CA LEU B 316 28.02 -36.45 42.72
C LEU B 316 27.91 -37.09 41.34
N SER B 317 28.68 -36.60 40.39
CA SER B 317 28.62 -37.08 39.02
C SER B 317 30.03 -37.13 38.44
N THR B 318 30.19 -37.96 37.41
CA THR B 318 31.47 -38.17 36.75
C THR B 318 31.47 -37.52 35.37
N ILE B 319 32.64 -37.06 34.96
CA ILE B 319 32.80 -36.35 33.70
C ILE B 319 32.69 -37.31 32.54
N SER B 320 32.30 -36.79 31.37
CA SER B 320 32.28 -37.54 30.13
C SER B 320 32.87 -36.70 29.00
N TRP B 321 33.48 -37.40 28.04
CA TRP B 321 34.11 -36.69 26.92
C TRP B 321 33.11 -35.91 26.10
N MET B 322 31.83 -36.32 26.10
CA MET B 322 30.73 -35.45 25.68
C MET B 322 30.00 -34.89 26.90
N GLY B 323 30.67 -33.95 27.56
CA GLY B 323 30.01 -33.14 28.58
C GLY B 323 29.37 -33.95 29.68
N GLY B 324 28.11 -33.63 29.98
CA GLY B 324 27.40 -34.24 31.08
C GLY B 324 26.36 -35.25 30.66
N LYS B 325 25.28 -35.36 31.43
CA LYS B 325 24.22 -36.34 31.21
C LYS B 325 22.94 -35.62 30.81
N ASN B 326 22.36 -36.05 29.69
CA ASN B 326 21.16 -35.42 29.16
C ASN B 326 20.36 -36.40 28.30
N PRO B 327 19.63 -37.32 28.91
CA PRO B 327 18.85 -38.27 28.09
C PRO B 327 17.74 -37.63 27.29
N PHE B 328 17.32 -36.41 27.62
CA PHE B 328 16.30 -35.74 26.81
C PHE B 328 16.77 -35.54 25.38
N LEU B 329 17.95 -34.94 25.22
CA LEU B 329 18.44 -34.66 23.87
C LEU B 329 18.62 -35.96 23.08
N GLY B 330 19.32 -36.94 23.67
CA GLY B 330 19.57 -38.17 22.96
C GLY B 330 18.30 -38.84 22.50
N ILE B 331 17.28 -38.87 23.35
CA ILE B 331 15.99 -39.40 22.94
C ILE B 331 15.35 -38.48 21.89
N ALA B 332 15.58 -37.17 22.01
CA ALA B 332 14.93 -36.23 21.10
C ALA B 332 15.38 -36.44 19.66
N TYR B 333 16.69 -36.61 19.44
CA TYR B 333 17.17 -36.87 18.09
C TYR B 333 16.63 -38.19 17.57
N ILE B 334 16.48 -39.19 18.44
CA ILE B 334 15.88 -40.45 18.02
C ILE B 334 14.47 -40.23 17.53
N ALA B 335 13.69 -39.42 18.25
CA ALA B 335 12.33 -39.11 17.82
C ALA B 335 12.33 -38.24 16.57
N VAL B 336 13.12 -37.16 16.57
CA VAL B 336 13.15 -36.25 15.43
C VAL B 336 13.81 -36.92 14.24
N GLY B 337 14.91 -37.63 14.47
CA GLY B 337 15.55 -38.35 13.38
C GLY B 337 14.66 -39.42 12.77
N SER B 338 13.97 -40.18 13.63
CA SER B 338 13.06 -41.20 13.13
C SER B 338 11.90 -40.58 12.36
N ILE B 339 11.31 -39.51 12.91
CA ILE B 339 10.20 -38.86 12.24
C ILE B 339 10.64 -38.27 10.90
N SER B 340 11.85 -37.72 10.84
CA SER B 340 12.37 -37.21 9.58
C SER B 340 12.46 -38.33 8.55
N PHE B 341 12.95 -39.49 8.96
CA PHE B 341 13.03 -40.63 8.05
C PHE B 341 11.63 -41.06 7.60
N LEU B 342 10.67 -41.09 8.53
CA LEU B 342 9.32 -41.51 8.17
C LEU B 342 8.62 -40.45 7.34
N LEU B 343 8.83 -39.17 7.65
CA LEU B 343 8.21 -38.11 6.85
C LEU B 343 8.69 -38.17 5.41
N GLY B 344 9.98 -38.44 5.21
CA GLY B 344 10.46 -38.61 3.85
C GLY B 344 9.74 -39.71 3.10
N VAL B 345 9.50 -40.84 3.77
CA VAL B 345 8.78 -41.94 3.14
C VAL B 345 7.36 -41.52 2.80
N VAL B 346 6.69 -40.84 3.73
CA VAL B 346 5.32 -40.38 3.48
C VAL B 346 5.32 -39.37 2.33
N LEU B 347 6.27 -38.44 2.34
CA LEU B 347 6.38 -37.49 1.24
C LEU B 347 6.70 -38.20 -0.07
N LEU B 348 7.52 -39.25 -0.01
CA LEU B 348 7.85 -40.01 -1.20
C LEU B 348 6.61 -40.67 -1.79
N VAL B 349 5.76 -41.25 -0.94
CA VAL B 349 4.55 -41.91 -1.43
C VAL B 349 3.57 -40.89 -1.97
N ILE B 350 3.43 -39.75 -1.28
CA ILE B 350 2.53 -38.70 -1.77
C ILE B 350 3.01 -38.18 -3.13
N ASN B 351 4.33 -37.97 -3.25
CA ASN B 351 4.87 -37.50 -4.52
C ASN B 351 4.58 -38.49 -5.65
N HIS B 352 4.89 -39.78 -5.42
CA HIS B 352 4.75 -40.77 -6.48
C HIS B 352 3.31 -40.87 -6.95
N LYS B 353 2.36 -40.85 -6.01
CA LYS B 353 0.95 -40.88 -6.39
C LYS B 353 0.57 -39.65 -7.20
N TYR B 354 1.16 -38.50 -6.89
CA TYR B 354 0.85 -37.24 -7.56
C TYR B 354 1.90 -36.87 -8.61
N ARG B 355 2.77 -37.80 -8.98
CA ARG B 355 3.80 -37.51 -9.98
C ARG B 355 3.18 -37.08 -11.30
#